data_5WK3
#
_entry.id   5WK3
#
_cell.length_a   51.510
_cell.length_b   81.930
_cell.length_c   130.500
_cell.angle_alpha   93.96
_cell.angle_beta   99.21
_cell.angle_gamma   104.19
#
_symmetry.space_group_name_H-M   'P 1'
#
loop_
_entity.id
_entity.type
_entity.pdbx_description
1 polymer 'M116 LIGHT CHAIN'
2 polymer 'M116 HEAVY CHAIN'
3 polymer 'C-C motif chemokine 17'
4 non-polymer GLYCEROL
5 water water
#
loop_
_entity_poly.entity_id
_entity_poly.type
_entity_poly.pdbx_seq_one_letter_code
_entity_poly.pdbx_strand_id
1 'polypeptide(L)'
;DIVMTQSPDSLAVSLGERATINCKSSQSVLLSPWNSNQLAWYQQKPGQPPKLLIYGASTRESGVPDRFSGSGSGTDFTLT
ISSLQAEDVAVYYCQQYYLIPSTFGQGTKVEIKRTVAAPSVFIFPPSDEQLKSGTASVVCLLNNFYPREAKVQWKVDNAL
QSGNSQESVTEQDSKDSTYSLSSTLTLSKADYEKHKVYACEVTHQGLSSPVTKSFNRGEC
;
P,R,T,V
2 'polypeptide(L)'
;EVQLVQSGAEVKKPGESLKISCKGSGYSFTSYWIGWVRQMPGKGLEWMGIIDPSDSDTRYSPSFQGQVTISADKSISTAY
LQWSSLKASDTAMYYCARVGPADVWDSFDYWGQGTLVTVSSASTKGPSVFPLAPSSKSTSGGTAALGCLVKDYFPEPVTV
SWNSGALTSGVHTFPAVLQSSGLYSLSSVVTVPSSSLGTQTYICNVNHKPSNTKVDKKVEPKSCHHHHHH
;
Q,S,U,W
3 'polypeptide(L)' ARGTNVTRECCLEYFKGAIPLRKLKTWYQTSEDCSRDAIVFVTVQGRAICSDPNNKRVKNAVKYLQSLERS A,B,C,D
#
# COMPACT_ATOMS: atom_id res chain seq x y z
N ASP A 1 -30.91 35.78 -14.47
CA ASP A 1 -29.43 35.73 -14.60
C ASP A 1 -29.01 35.76 -16.08
N ILE A 2 -27.79 36.20 -16.33
CA ILE A 2 -27.22 36.13 -17.67
C ILE A 2 -26.01 35.19 -17.61
N VAL A 3 -25.98 34.21 -18.51
CA VAL A 3 -24.90 33.22 -18.58
C VAL A 3 -23.90 33.65 -19.64
N MET A 4 -22.62 33.66 -19.28
CA MET A 4 -21.54 34.07 -20.19
C MET A 4 -20.75 32.85 -20.64
N THR A 5 -20.52 32.74 -21.95
CA THR A 5 -19.82 31.57 -22.50
C THR A 5 -18.73 32.02 -23.48
N GLN A 6 -17.54 31.44 -23.32
CA GLN A 6 -16.40 31.81 -24.15
C GLN A 6 -16.03 30.65 -25.07
N SER A 7 -15.46 30.99 -26.22
CA SER A 7 -14.97 30.02 -27.19
C SER A 7 -13.74 30.57 -27.91
N PRO A 8 -12.70 29.76 -28.12
CA PRO A 8 -12.50 28.38 -27.66
C PRO A 8 -12.14 28.34 -26.17
N ASP A 9 -12.05 27.15 -25.58
CA ASP A 9 -11.67 27.08 -24.17
C ASP A 9 -10.16 27.27 -24.04
N SER A 10 -9.45 26.93 -25.11
CA SER A 10 -8.00 27.05 -25.13
C SER A 10 -7.56 27.43 -26.54
N LEU A 11 -6.51 28.25 -26.61
CA LEU A 11 -6.06 28.78 -27.88
C LEU A 11 -4.55 28.86 -27.92
N ALA A 12 -3.96 28.27 -28.95
CA ALA A 12 -2.52 28.32 -29.13
C ALA A 12 -2.23 29.14 -30.39
N VAL A 13 -1.40 30.15 -30.23
CA VAL A 13 -1.09 31.10 -31.30
C VAL A 13 0.43 31.29 -31.36
N SER A 14 0.98 31.32 -32.57
CA SER A 14 2.40 31.63 -32.74
C SER A 14 2.72 33.03 -32.28
N LEU A 15 3.90 33.19 -31.68
CA LEU A 15 4.42 34.49 -31.35
C LEU A 15 4.25 35.37 -32.57
N GLY A 16 3.73 36.58 -32.36
CA GLY A 16 3.57 37.55 -33.43
C GLY A 16 2.28 37.45 -34.21
N GLU A 17 1.47 36.42 -33.96
CA GLU A 17 0.23 36.21 -34.73
C GLU A 17 -1.03 36.70 -33.99
N ARG A 18 -2.09 36.94 -34.75
CA ARG A 18 -3.39 37.40 -34.23
C ARG A 18 -4.06 36.34 -33.38
N ALA A 19 -4.55 36.73 -32.21
CA ALA A 19 -5.37 35.86 -31.37
C ALA A 19 -6.77 36.44 -31.25
N THR A 20 -7.79 35.59 -31.37
CA THR A 20 -9.19 36.02 -31.29
C THR A 20 -9.93 35.14 -30.29
N ILE A 21 -10.60 35.76 -29.33
CA ILE A 21 -11.42 35.03 -28.33
C ILE A 21 -12.86 35.55 -28.39
N ASN A 22 -13.84 34.63 -28.41
CA ASN A 22 -15.25 35.04 -28.49
C ASN A 22 -15.97 34.87 -27.15
N CYS A 23 -17.01 35.68 -26.95
CA CYS A 23 -17.80 35.66 -25.72
C CYS A 23 -19.25 35.90 -26.11
N LYS A 24 -20.14 35.06 -25.59
CA LYS A 24 -21.56 35.17 -25.84
C LYS A 24 -22.31 35.34 -24.53
N SER A 25 -23.28 36.25 -24.53
CA SER A 25 -24.17 36.37 -23.38
C SER A 25 -25.51 35.73 -23.74
N SER A 26 -26.16 35.09 -22.77
CA SER A 26 -27.46 34.44 -23.00
C SER A 26 -28.59 35.44 -23.24
N GLN A 27 -28.37 36.70 -22.87
CA GLN A 27 -29.31 37.79 -23.16
C GLN A 27 -28.47 39.00 -23.54
N SER A 28 -29.07 39.96 -24.24
CA SER A 28 -28.37 41.22 -24.57
C SER A 28 -27.82 41.92 -23.32
N VAL A 29 -26.60 42.47 -23.42
CA VAL A 29 -26.03 43.33 -22.36
C VAL A 29 -25.91 44.79 -22.80
N LEU A 30 -26.64 45.15 -23.86
CA LEU A 30 -26.67 46.52 -24.34
C LEU A 30 -27.60 47.35 -23.45
N LEU A 31 -27.01 48.32 -22.76
CA LEU A 31 -27.76 49.20 -21.91
C LEU A 31 -28.14 50.37 -22.80
N SER A 32 -29.33 50.29 -23.38
CA SER A 32 -29.73 51.12 -24.52
C SER A 32 -29.69 52.64 -24.26
N PRO A 33 -30.39 53.12 -23.21
CA PRO A 33 -30.39 54.57 -22.91
C PRO A 33 -29.00 55.16 -22.67
N TRP A 34 -28.01 54.30 -22.47
CA TRP A 34 -26.63 54.72 -22.21
C TRP A 34 -25.73 54.38 -23.35
N ASN A 35 -26.34 53.83 -24.42
CA ASN A 35 -25.64 53.19 -25.54
C ASN A 35 -24.25 52.61 -25.21
N SER A 36 -24.25 51.70 -24.25
CA SER A 36 -23.03 51.04 -23.82
C SER A 36 -23.34 49.56 -23.65
N ASN A 37 -22.49 48.70 -24.22
CA ASN A 37 -22.54 47.25 -23.92
C ASN A 37 -21.80 47.00 -22.61
N GLN A 38 -22.48 46.37 -21.66
CA GLN A 38 -21.96 46.26 -20.30
C GLN A 38 -21.12 45.00 -20.20
N LEU A 39 -19.92 45.06 -20.77
CA LEU A 39 -19.12 43.88 -21.02
C LEU A 39 -17.66 44.24 -20.74
N ALA A 40 -17.00 43.43 -19.92
CA ALA A 40 -15.57 43.64 -19.63
C ALA A 40 -14.74 42.43 -20.01
N TRP A 41 -13.45 42.67 -20.23
CA TRP A 41 -12.49 41.58 -20.43
C TRP A 41 -11.41 41.73 -19.42
N TYR A 42 -11.00 40.62 -18.82
CA TYR A 42 -9.93 40.62 -17.82
C TYR A 42 -8.84 39.66 -18.26
N GLN A 43 -7.61 39.95 -17.84
CA GLN A 43 -6.47 39.08 -18.09
C GLN A 43 -5.98 38.58 -16.74
N GLN A 44 -5.74 37.28 -16.62
CA GLN A 44 -5.15 36.78 -15.38
C GLN A 44 -3.92 35.92 -15.71
N LYS A 45 -2.76 36.38 -15.24
CA LYS A 45 -1.52 35.62 -15.37
C LYS A 45 -1.34 34.72 -14.16
N PRO A 46 -0.64 33.57 -14.33
CA PRO A 46 -0.47 32.60 -13.23
C PRO A 46 0.02 33.28 -11.95
N GLY A 47 -0.61 32.92 -10.84
CA GLY A 47 -0.26 33.46 -9.52
C GLY A 47 -0.56 34.94 -9.32
N GLN A 48 -1.35 35.55 -10.21
CA GLN A 48 -1.70 36.95 -10.08
C GLN A 48 -3.21 37.17 -10.03
N PRO A 49 -3.66 38.32 -9.48
CA PRO A 49 -5.08 38.67 -9.58
C PRO A 49 -5.44 38.98 -11.03
N PRO A 50 -6.73 38.88 -11.39
CA PRO A 50 -7.18 39.36 -12.70
C PRO A 50 -6.90 40.86 -12.82
N LYS A 51 -6.76 41.33 -14.05
CA LYS A 51 -6.55 42.75 -14.36
C LYS A 51 -7.58 43.17 -15.44
N LEU A 52 -8.28 44.28 -15.19
CA LEU A 52 -9.20 44.80 -16.20
C LEU A 52 -8.47 45.27 -17.46
N LEU A 53 -8.84 44.73 -18.62
CA LEU A 53 -8.25 45.15 -19.91
C LEU A 53 -9.15 46.09 -20.71
N ILE A 54 -10.43 45.71 -20.81
CA ILE A 54 -11.39 46.36 -21.69
C ILE A 54 -12.70 46.46 -20.92
N TYR A 55 -13.37 47.61 -20.99
CA TYR A 55 -14.73 47.75 -20.45
C TYR A 55 -15.63 48.43 -21.48
N GLY A 56 -16.94 48.40 -21.27
CA GLY A 56 -17.89 48.91 -22.25
C GLY A 56 -17.74 48.22 -23.60
N ALA A 57 -17.39 46.93 -23.56
CA ALA A 57 -17.10 46.11 -24.74
C ALA A 57 -15.83 46.48 -25.54
N SER A 58 -15.52 47.77 -25.65
CA SER A 58 -14.52 48.25 -26.61
C SER A 58 -13.55 49.31 -26.08
N THR A 59 -13.74 49.76 -24.85
CA THR A 59 -12.83 50.76 -24.29
C THR A 59 -11.68 50.11 -23.52
N ARG A 60 -10.47 50.41 -23.96
CA ARG A 60 -9.24 49.92 -23.35
C ARG A 60 -9.02 50.63 -22.02
N GLU A 61 -8.69 49.90 -20.96
CA GLU A 61 -8.37 50.54 -19.69
C GLU A 61 -7.04 51.29 -19.84
N SER A 62 -6.85 52.32 -19.03
CA SER A 62 -5.60 53.09 -19.03
C SER A 62 -4.38 52.16 -18.88
N GLY A 63 -3.37 52.36 -19.72
CA GLY A 63 -2.13 51.61 -19.58
C GLY A 63 -2.13 50.22 -20.21
N VAL A 64 -3.25 49.88 -20.88
CA VAL A 64 -3.36 48.63 -21.62
C VAL A 64 -2.84 48.83 -23.05
N PRO A 65 -1.90 47.97 -23.50
CA PRO A 65 -1.31 48.14 -24.84
C PRO A 65 -2.33 48.10 -25.97
N ASP A 66 -2.03 48.81 -27.06
CA ASP A 66 -2.88 48.94 -28.24
C ASP A 66 -3.24 47.67 -28.99
N ARG A 67 -2.41 46.63 -28.84
CA ARG A 67 -2.67 45.34 -29.49
C ARG A 67 -3.94 44.64 -28.98
N PHE A 68 -4.43 45.04 -27.81
CA PHE A 68 -5.69 44.51 -27.26
C PHE A 68 -6.85 45.37 -27.74
N SER A 69 -7.86 44.73 -28.34
CA SER A 69 -9.09 45.44 -28.68
C SER A 69 -10.31 44.56 -28.48
N GLY A 70 -11.43 45.20 -28.20
CA GLY A 70 -12.70 44.50 -27.98
C GLY A 70 -13.71 45.00 -28.99
N SER A 71 -14.55 44.11 -29.47
CA SER A 71 -15.61 44.50 -30.39
C SER A 71 -16.86 43.69 -30.13
N GLY A 72 -17.95 44.07 -30.78
CA GLY A 72 -19.20 43.30 -30.77
C GLY A 72 -20.28 44.08 -30.06
N SER A 73 -21.50 43.55 -30.10
CA SER A 73 -22.64 44.24 -29.49
C SER A 73 -23.75 43.26 -29.20
N GLY A 74 -24.57 43.59 -28.21
CA GLY A 74 -25.74 42.77 -27.89
C GLY A 74 -25.36 41.51 -27.14
N THR A 75 -25.19 40.41 -27.88
CA THR A 75 -24.89 39.11 -27.26
C THR A 75 -23.59 38.45 -27.72
N ASP A 76 -22.88 39.06 -28.66
CA ASP A 76 -21.69 38.43 -29.26
C ASP A 76 -20.53 39.41 -29.24
N PHE A 77 -19.43 39.00 -28.62
CA PHE A 77 -18.28 39.88 -28.35
C PHE A 77 -16.98 39.17 -28.67
N THR A 78 -15.96 39.95 -29.00
CA THR A 78 -14.68 39.36 -29.38
C THR A 78 -13.54 40.15 -28.75
N LEU A 79 -12.59 39.43 -28.20
CA LEU A 79 -11.32 40.02 -27.79
C LEU A 79 -10.26 39.63 -28.80
N THR A 80 -9.60 40.65 -29.36
CA THR A 80 -8.54 40.48 -30.35
C THR A 80 -7.23 40.99 -29.78
N ILE A 81 -6.18 40.17 -29.91
CA ILE A 81 -4.83 40.59 -29.68
C ILE A 81 -4.18 40.59 -31.06
N SER A 82 -3.82 41.77 -31.55
CA SER A 82 -3.45 41.92 -32.96
C SER A 82 -2.17 41.13 -33.29
N SER A 83 -1.23 41.11 -32.35
CA SER A 83 0.01 40.36 -32.51
C SER A 83 0.44 39.85 -31.14
N LEU A 84 0.37 38.54 -30.94
CA LEU A 84 0.67 37.96 -29.63
C LEU A 84 2.13 38.16 -29.22
N GLN A 85 2.31 38.79 -28.07
CA GLN A 85 3.64 38.90 -27.44
C GLN A 85 3.79 37.82 -26.37
N ALA A 86 5.03 37.58 -25.96
CA ALA A 86 5.31 36.49 -25.02
C ALA A 86 4.61 36.71 -23.68
N GLU A 87 4.57 37.97 -23.26
CA GLU A 87 3.94 38.37 -22.00
C GLU A 87 2.39 38.30 -22.01
N ASP A 88 1.81 38.00 -23.17
CA ASP A 88 0.35 37.88 -23.30
C ASP A 88 -0.21 36.50 -22.95
N VAL A 89 0.67 35.52 -22.69
CA VAL A 89 0.21 34.21 -22.25
C VAL A 89 -0.48 34.39 -20.89
N ALA A 90 -1.74 33.97 -20.84
CA ALA A 90 -2.64 34.23 -19.71
C ALA A 90 -3.98 33.56 -19.95
N VAL A 91 -4.86 33.64 -18.94
CA VAL A 91 -6.25 33.25 -19.10
C VAL A 91 -7.05 34.54 -19.22
N TYR A 92 -7.92 34.57 -20.22
CA TYR A 92 -8.77 35.74 -20.48
C TYR A 92 -10.22 35.43 -20.11
N TYR A 93 -10.83 36.33 -19.33
CA TYR A 93 -12.22 36.17 -18.90
C TYR A 93 -13.06 37.31 -19.41
N CYS A 94 -14.24 37.00 -19.94
CA CYS A 94 -15.25 38.04 -20.16
C CYS A 94 -16.18 38.10 -18.94
N GLN A 95 -16.91 39.20 -18.81
CA GLN A 95 -17.83 39.40 -17.69
C GLN A 95 -18.92 40.36 -18.13
N GLN A 96 -20.19 40.03 -17.85
CA GLN A 96 -21.28 40.98 -18.01
C GLN A 96 -21.52 41.72 -16.68
N TYR A 97 -21.76 43.03 -16.76
CA TYR A 97 -22.16 43.78 -15.59
C TYR A 97 -23.39 44.61 -15.95
N TYR A 98 -24.24 44.05 -16.81
CA TYR A 98 -25.52 44.65 -17.15
C TYR A 98 -26.41 44.61 -15.91
N LEU A 99 -26.36 43.48 -15.22
CA LEU A 99 -27.10 43.30 -13.98
C LEU A 99 -26.23 42.59 -12.96
N ILE A 100 -26.75 42.41 -11.75
CA ILE A 100 -26.06 41.64 -10.74
C ILE A 100 -26.89 40.38 -10.54
N PRO A 101 -26.26 39.22 -10.25
CA PRO A 101 -24.82 38.85 -10.31
C PRO A 101 -24.16 39.20 -11.64
N SER A 102 -22.99 39.85 -11.55
CA SER A 102 -22.25 40.24 -12.74
C SER A 102 -21.27 39.13 -13.11
N THR A 103 -21.80 38.13 -13.81
CA THR A 103 -21.17 36.83 -13.96
C THR A 103 -20.07 36.83 -15.01
N PHE A 104 -19.09 35.95 -14.82
CA PHE A 104 -17.92 35.79 -15.68
C PHE A 104 -18.12 34.64 -16.68
N GLY A 105 -17.49 34.74 -17.86
CA GLY A 105 -17.32 33.56 -18.73
C GLY A 105 -16.40 32.57 -18.04
N GLN A 106 -16.24 31.38 -18.63
CA GLN A 106 -15.46 30.33 -17.98
C GLN A 106 -13.94 30.51 -18.12
N GLY A 107 -13.54 31.45 -18.99
CA GLY A 107 -12.11 31.72 -19.23
C GLY A 107 -11.54 30.98 -20.44
N THR A 108 -10.58 31.62 -21.10
CA THR A 108 -9.91 31.06 -22.27
C THR A 108 -8.42 31.18 -22.04
N LYS A 109 -7.75 30.03 -22.06
CA LYS A 109 -6.31 29.99 -21.85
C LYS A 109 -5.60 30.24 -23.18
N VAL A 110 -4.69 31.20 -23.17
CA VAL A 110 -3.92 31.55 -24.36
C VAL A 110 -2.46 31.15 -24.15
N GLU A 111 -1.95 30.32 -25.06
CA GLU A 111 -0.57 29.82 -24.96
C GLU A 111 0.12 29.94 -26.33
N ILE A 112 1.41 29.66 -26.37
CA ILE A 112 2.22 29.83 -27.59
C ILE A 112 2.18 28.54 -28.40
N LYS A 113 1.82 28.66 -29.68
CA LYS A 113 1.86 27.54 -30.61
C LYS A 113 3.32 27.33 -31.07
N ARG A 114 3.72 26.06 -31.18
CA ARG A 114 5.04 25.71 -31.71
C ARG A 114 4.99 24.33 -32.38
N THR A 115 6.09 23.90 -33.00
CA THR A 115 6.13 22.61 -33.69
C THR A 115 6.06 21.44 -32.71
N VAL A 116 5.42 20.36 -33.16
CA VAL A 116 5.32 19.12 -32.39
C VAL A 116 6.71 18.68 -31.93
N ALA A 117 6.83 18.43 -30.62
CA ALA A 117 8.04 17.86 -30.04
C ALA A 117 7.63 16.69 -29.17
N ALA A 118 8.27 15.54 -29.38
CA ALA A 118 7.92 14.33 -28.65
C ALA A 118 8.55 14.39 -27.25
N PRO A 119 7.87 13.80 -26.25
CA PRO A 119 8.46 13.72 -24.91
C PRO A 119 9.68 12.81 -24.85
N SER A 120 10.68 13.21 -24.06
CA SER A 120 11.74 12.33 -23.62
C SER A 120 11.27 11.62 -22.35
N VAL A 121 11.03 10.31 -22.48
CA VAL A 121 10.41 9.52 -21.40
C VAL A 121 11.46 8.83 -20.53
N PHE A 122 11.35 9.02 -19.22
CA PHE A 122 12.22 8.37 -18.24
C PHE A 122 11.39 7.68 -17.18
N ILE A 123 11.90 6.59 -16.64
CA ILE A 123 11.24 5.90 -15.52
C ILE A 123 12.21 5.75 -14.35
N PHE A 124 11.68 5.93 -13.14
CA PHE A 124 12.46 5.90 -11.92
C PHE A 124 11.80 4.91 -10.95
N PRO A 125 12.48 3.78 -10.66
CA PRO A 125 12.01 2.88 -9.61
C PRO A 125 12.05 3.58 -8.26
N PRO A 126 11.23 3.12 -7.30
CA PRO A 126 11.32 3.61 -5.92
C PRO A 126 12.71 3.42 -5.32
N SER A 127 13.09 4.31 -4.42
CA SER A 127 14.39 4.19 -3.76
C SER A 127 14.31 3.16 -2.62
N ASP A 128 15.45 2.57 -2.28
CA ASP A 128 15.53 1.63 -1.18
C ASP A 128 15.15 2.30 0.14
N GLU A 129 15.43 3.59 0.22
CA GLU A 129 15.05 4.42 1.37
C GLU A 129 13.53 4.44 1.57
N GLN A 130 12.79 4.62 0.49
CA GLN A 130 11.32 4.67 0.57
C GLN A 130 10.72 3.30 0.89
N LEU A 131 11.18 2.28 0.19
CA LEU A 131 10.71 0.90 0.40
C LEU A 131 10.82 0.48 1.88
N LYS A 132 11.91 0.92 2.53
CA LYS A 132 12.15 0.71 3.96
C LYS A 132 11.04 1.27 4.86
N SER A 133 10.38 2.33 4.40
CA SER A 133 9.28 2.94 5.12
C SER A 133 7.92 2.34 4.75
N GLY A 134 7.92 1.37 3.85
CA GLY A 134 6.71 0.61 3.52
C GLY A 134 5.91 1.05 2.31
N THR A 135 6.39 2.07 1.60
CA THR A 135 5.70 2.56 0.40
C THR A 135 6.60 2.49 -0.83
N ALA A 136 5.98 2.40 -2.00
CA ALA A 136 6.70 2.39 -3.26
C ALA A 136 6.03 3.36 -4.21
N SER A 137 6.78 4.39 -4.58
CA SER A 137 6.33 5.34 -5.61
C SER A 137 7.20 5.13 -6.83
N VAL A 138 6.57 4.85 -7.96
CA VAL A 138 7.28 4.80 -9.24
C VAL A 138 6.97 6.06 -10.06
N VAL A 139 8.01 6.73 -10.53
CA VAL A 139 7.86 7.98 -11.25
C VAL A 139 8.21 7.84 -12.72
N CYS A 140 7.26 8.24 -13.57
CA CYS A 140 7.47 8.34 -14.99
C CYS A 140 7.50 9.81 -15.40
N LEU A 141 8.56 10.22 -16.09
CA LEU A 141 8.77 11.62 -16.48
C LEU A 141 8.75 11.78 -18.00
N LEU A 142 7.90 12.70 -18.47
CA LEU A 142 7.82 13.07 -19.89
C LEU A 142 8.34 14.48 -20.00
N ASN A 143 9.50 14.64 -20.62
CA ASN A 143 10.21 15.89 -20.61
C ASN A 143 10.10 16.66 -21.93
N ASN A 144 9.77 17.94 -21.83
CA ASN A 144 9.84 18.89 -22.96
C ASN A 144 9.11 18.47 -24.22
N PHE A 145 7.77 18.44 -24.14
CA PHE A 145 6.94 18.05 -25.28
C PHE A 145 5.95 19.15 -25.70
N TYR A 146 5.47 19.04 -26.93
CA TYR A 146 4.39 19.87 -27.45
C TYR A 146 3.60 19.09 -28.50
N PRO A 147 2.26 19.18 -28.48
CA PRO A 147 1.40 19.92 -27.55
C PRO A 147 1.27 19.29 -26.16
N ARG A 148 0.46 19.91 -25.30
CA ARG A 148 0.27 19.51 -23.91
C ARG A 148 -0.34 18.10 -23.77
N GLU A 149 -1.18 17.73 -24.72
CA GLU A 149 -1.95 16.50 -24.68
C GLU A 149 -1.04 15.27 -24.74
N ALA A 150 -1.03 14.50 -23.66
CA ALA A 150 -0.29 13.24 -23.60
C ALA A 150 -0.99 12.25 -22.68
N LYS A 151 -1.02 10.99 -23.10
CA LYS A 151 -1.60 9.93 -22.28
C LYS A 151 -0.47 9.12 -21.65
N VAL A 152 -0.56 8.93 -20.33
CA VAL A 152 0.37 8.07 -19.61
C VAL A 152 -0.39 6.85 -19.11
N GLN A 153 0.14 5.66 -19.41
CA GLN A 153 -0.49 4.40 -19.06
C GLN A 153 0.47 3.59 -18.20
N TRP A 154 0.02 3.20 -17.01
CA TRP A 154 0.84 2.34 -16.15
C TRP A 154 0.49 0.89 -16.32
N LYS A 155 1.53 0.07 -16.50
CA LYS A 155 1.38 -1.38 -16.61
C LYS A 155 2.29 -2.12 -15.63
N VAL A 156 1.69 -2.99 -14.83
CA VAL A 156 2.43 -3.85 -13.90
C VAL A 156 2.15 -5.30 -14.28
N ASP A 157 3.18 -6.01 -14.75
CA ASP A 157 3.01 -7.33 -15.34
C ASP A 157 1.89 -7.32 -16.39
N ASN A 158 1.94 -6.32 -17.27
CA ASN A 158 0.99 -6.14 -18.38
C ASN A 158 -0.47 -5.88 -17.98
N ALA A 159 -0.71 -5.60 -16.71
CA ALA A 159 -2.05 -5.22 -16.25
C ALA A 159 -2.17 -3.69 -16.21
N LEU A 160 -3.17 -3.17 -16.90
CA LEU A 160 -3.41 -1.72 -16.96
C LEU A 160 -3.86 -1.19 -15.60
N GLN A 161 -3.02 -0.35 -14.99
CA GLN A 161 -3.32 0.22 -13.67
C GLN A 161 -4.43 1.25 -13.75
N SER A 162 -5.16 1.39 -12.66
CA SER A 162 -6.30 2.31 -12.61
C SER A 162 -6.43 2.90 -11.20
N GLY A 163 -6.54 4.22 -11.13
CA GLY A 163 -6.83 4.91 -9.86
C GLY A 163 -5.78 4.80 -8.78
N ASN A 164 -4.55 4.48 -9.17
CA ASN A 164 -3.42 4.41 -8.23
C ASN A 164 -2.21 5.25 -8.68
N SER A 165 -2.49 6.18 -9.59
CA SER A 165 -1.49 7.11 -10.10
C SER A 165 -2.05 8.52 -10.10
N GLN A 166 -1.15 9.50 -10.07
CA GLN A 166 -1.49 10.92 -10.19
C GLN A 166 -0.44 11.63 -11.04
N GLU A 167 -0.88 12.60 -11.83
CA GLU A 167 0.06 13.34 -12.66
C GLU A 167 0.02 14.85 -12.43
N SER A 168 1.11 15.51 -12.81
CA SER A 168 1.27 16.96 -12.66
C SER A 168 1.98 17.46 -13.91
N VAL A 169 1.58 18.63 -14.40
CA VAL A 169 2.14 19.16 -15.65
C VAL A 169 2.66 20.57 -15.35
N THR A 170 3.80 20.93 -15.93
CA THR A 170 4.36 22.27 -15.74
C THR A 170 3.59 23.30 -16.59
N GLU A 171 3.77 24.58 -16.26
CA GLU A 171 3.36 25.67 -17.13
C GLU A 171 4.26 25.67 -18.35
N GLN A 172 3.74 26.16 -19.48
CA GLN A 172 4.53 26.26 -20.71
C GLN A 172 5.89 26.90 -20.43
N ASP A 173 6.97 26.30 -20.94
CA ASP A 173 8.30 26.87 -20.69
C ASP A 173 8.43 28.21 -21.39
N SER A 174 9.07 29.17 -20.72
CA SER A 174 9.20 30.52 -21.25
C SER A 174 10.16 30.64 -22.44
N LYS A 175 11.07 29.68 -22.59
CA LYS A 175 12.10 29.73 -23.64
C LYS A 175 11.84 28.81 -24.84
N ASP A 176 11.40 27.57 -24.57
CA ASP A 176 11.19 26.62 -25.65
C ASP A 176 9.72 26.27 -25.89
N SER A 177 8.84 26.81 -25.05
CA SER A 177 7.37 26.65 -25.17
C SER A 177 6.87 25.20 -25.06
N THR A 178 7.61 24.36 -24.36
CA THR A 178 7.18 22.98 -24.16
C THR A 178 6.56 22.78 -22.78
N TYR A 179 6.00 21.58 -22.56
CA TYR A 179 5.50 21.14 -21.27
C TYR A 179 6.29 19.93 -20.81
N SER A 180 6.37 19.74 -19.49
CA SER A 180 6.84 18.47 -18.93
C SER A 180 5.76 17.92 -18.01
N LEU A 181 5.68 16.61 -17.90
CA LEU A 181 4.65 15.96 -17.10
C LEU A 181 5.27 14.85 -16.25
N SER A 182 4.89 14.77 -15.00
CA SER A 182 5.33 13.64 -14.17
C SER A 182 4.13 12.85 -13.67
N SER A 183 4.24 11.53 -13.75
CA SER A 183 3.23 10.61 -13.23
C SER A 183 3.85 9.77 -12.11
N THR A 184 3.10 9.58 -11.03
CA THR A 184 3.57 8.77 -9.93
C THR A 184 2.60 7.61 -9.71
N LEU A 185 3.13 6.39 -9.82
CA LEU A 185 2.39 5.20 -9.44
C LEU A 185 2.77 4.89 -8.00
N THR A 186 1.78 4.81 -7.13
CA THR A 186 2.01 4.53 -5.72
C THR A 186 1.32 3.24 -5.29
N LEU A 187 2.10 2.35 -4.70
CA LEU A 187 1.59 1.09 -4.17
C LEU A 187 2.36 0.74 -2.90
N SER A 188 1.78 -0.13 -2.09
CA SER A 188 2.45 -0.59 -0.86
C SER A 188 3.67 -1.42 -1.23
N LYS A 189 4.62 -1.53 -0.31
CA LYS A 189 5.81 -2.36 -0.46
C LYS A 189 5.43 -3.81 -0.78
N ALA A 190 4.36 -4.29 -0.14
CA ALA A 190 3.82 -5.64 -0.33
C ALA A 190 3.38 -5.89 -1.77
N ASP A 191 2.45 -5.07 -2.25
CA ASP A 191 1.95 -5.18 -3.61
C ASP A 191 3.07 -5.00 -4.63
N TYR A 192 4.04 -4.16 -4.29
CA TYR A 192 5.18 -3.90 -5.16
C TYR A 192 6.01 -5.15 -5.39
N GLU A 193 6.22 -5.92 -4.31
CA GLU A 193 7.04 -7.12 -4.37
C GLU A 193 6.29 -8.36 -4.88
N LYS A 194 4.98 -8.23 -5.04
CA LYS A 194 4.16 -9.25 -5.70
C LYS A 194 4.39 -9.28 -7.22
N HIS A 195 5.03 -8.24 -7.75
CA HIS A 195 5.12 -8.07 -9.20
C HIS A 195 6.53 -7.84 -9.69
N LYS A 196 6.70 -7.95 -11.01
CA LYS A 196 8.04 -7.96 -11.61
C LYS A 196 8.28 -6.81 -12.61
N VAL A 197 7.40 -6.68 -13.60
CA VAL A 197 7.61 -5.68 -14.66
C VAL A 197 6.82 -4.39 -14.39
N TYR A 198 7.54 -3.28 -14.36
CA TYR A 198 6.92 -1.97 -14.16
C TYR A 198 7.12 -1.08 -15.37
N ALA A 199 6.02 -0.79 -16.06
CA ALA A 199 6.04 -0.14 -17.35
C ALA A 199 5.21 1.15 -17.39
N CYS A 200 5.81 2.19 -17.94
CA CYS A 200 5.12 3.43 -18.26
C CYS A 200 4.90 3.50 -19.78
N GLU A 201 3.63 3.57 -20.21
CA GLU A 201 3.33 3.69 -21.65
C GLU A 201 2.81 5.08 -22.04
N VAL A 202 3.51 5.70 -22.98
CA VAL A 202 3.27 7.10 -23.35
C VAL A 202 2.76 7.24 -24.78
N THR A 203 1.60 7.85 -24.91
CA THR A 203 1.03 8.23 -26.22
C THR A 203 1.08 9.75 -26.37
N HIS A 204 1.52 10.20 -27.54
CA HIS A 204 1.65 11.62 -27.87
C HIS A 204 1.71 11.71 -29.37
N GLN A 205 1.19 12.80 -29.93
CA GLN A 205 1.17 12.95 -31.40
C GLN A 205 2.59 13.04 -31.99
N GLY A 206 3.57 13.34 -31.15
CA GLY A 206 4.97 13.38 -31.57
C GLY A 206 5.59 12.01 -31.78
N LEU A 207 4.90 10.96 -31.31
CA LEU A 207 5.41 9.58 -31.35
C LEU A 207 4.69 8.70 -32.37
N SER A 208 5.48 8.05 -33.24
CA SER A 208 4.97 7.14 -34.28
C SER A 208 4.08 6.04 -33.68
N SER A 209 4.54 5.46 -32.58
CA SER A 209 3.74 4.52 -31.80
C SER A 209 4.09 4.70 -30.31
N PRO A 210 3.12 4.39 -29.41
CA PRO A 210 3.32 4.53 -27.97
C PRO A 210 4.69 4.04 -27.49
N VAL A 211 5.40 4.91 -26.78
CA VAL A 211 6.69 4.56 -26.17
C VAL A 211 6.44 3.90 -24.81
N THR A 212 7.05 2.74 -24.61
CA THR A 212 7.03 2.06 -23.31
C THR A 212 8.42 2.13 -22.67
N LYS A 213 8.45 2.57 -21.41
CA LYS A 213 9.68 2.58 -20.61
C LYS A 213 9.46 1.72 -19.36
N SER A 214 10.37 0.79 -19.12
CA SER A 214 10.18 -0.18 -18.05
C SER A 214 11.45 -0.63 -17.37
N PHE A 215 11.28 -1.27 -16.21
CA PHE A 215 12.38 -1.92 -15.50
C PHE A 215 11.86 -3.21 -14.88
N ASN A 216 12.79 -4.09 -14.49
CA ASN A 216 12.46 -5.30 -13.73
C ASN A 216 12.83 -5.09 -12.26
N ARG A 217 11.87 -5.35 -11.36
CA ARG A 217 12.01 -4.95 -9.95
C ARG A 217 13.39 -5.28 -9.33
N GLU B 1 -2.31 56.17 -4.68
CA GLU B 1 -3.12 55.33 -5.62
C GLU B 1 -4.05 54.38 -4.87
N VAL B 2 -5.04 53.85 -5.60
CA VAL B 2 -5.99 52.88 -5.07
C VAL B 2 -5.25 51.59 -4.69
N GLN B 3 -5.42 51.16 -3.45
CA GLN B 3 -4.98 49.83 -3.01
C GLN B 3 -6.11 49.10 -2.31
N LEU B 4 -6.17 47.78 -2.54
CA LEU B 4 -6.99 46.88 -1.76
C LEU B 4 -6.05 45.82 -1.20
N VAL B 5 -5.97 45.77 0.13
CA VAL B 5 -5.04 44.87 0.81
C VAL B 5 -5.77 43.75 1.55
N GLN B 6 -5.54 42.52 1.11
CA GLN B 6 -6.26 41.40 1.69
C GLN B 6 -5.37 40.72 2.72
N SER B 7 -6.01 40.09 3.70
CA SER B 7 -5.30 39.38 4.74
C SER B 7 -4.58 38.12 4.20
N GLY B 8 -3.66 37.59 5.01
CA GLY B 8 -2.78 36.51 4.58
C GLY B 8 -3.43 35.16 4.38
N ALA B 9 -2.72 34.27 3.69
CA ALA B 9 -3.13 32.90 3.48
C ALA B 9 -3.60 32.24 4.79
N GLU B 10 -4.63 31.42 4.68
CA GLU B 10 -5.24 30.77 5.84
C GLU B 10 -5.26 29.28 5.63
N VAL B 11 -4.83 28.53 6.64
CA VAL B 11 -4.94 27.07 6.61
C VAL B 11 -5.81 26.66 7.78
N LYS B 12 -6.96 26.07 7.46
CA LYS B 12 -8.01 25.81 8.44
C LYS B 12 -8.50 24.36 8.38
N LYS B 13 -9.15 23.93 9.46
CA LYS B 13 -9.76 22.60 9.53
C LYS B 13 -11.26 22.72 9.24
N PRO B 14 -11.87 21.67 8.66
CA PRO B 14 -13.33 21.67 8.48
C PRO B 14 -14.06 21.97 9.78
N GLY B 15 -15.12 22.78 9.71
CA GLY B 15 -15.91 23.16 10.88
C GLY B 15 -15.44 24.40 11.62
N GLU B 16 -14.25 24.90 11.28
CA GLU B 16 -13.73 26.11 11.92
C GLU B 16 -14.38 27.34 11.27
N SER B 17 -14.44 28.44 12.01
CA SER B 17 -14.96 29.67 11.42
C SER B 17 -13.80 30.49 10.87
N LEU B 18 -14.11 31.45 10.00
CA LEU B 18 -13.06 32.27 9.40
C LEU B 18 -13.61 33.59 8.91
N LYS B 19 -12.91 34.67 9.20
CA LYS B 19 -13.25 35.96 8.64
C LYS B 19 -12.01 36.49 7.97
N ILE B 20 -12.11 36.81 6.70
CA ILE B 20 -10.99 37.40 5.98
C ILE B 20 -11.35 38.83 5.67
N SER B 21 -10.34 39.64 5.43
CA SER B 21 -10.54 41.09 5.32
C SER B 21 -9.93 41.69 4.05
N CYS B 22 -10.48 42.84 3.64
CA CYS B 22 -10.06 43.55 2.45
C CYS B 22 -10.04 45.02 2.86
N LYS B 23 -8.84 45.59 2.95
CA LYS B 23 -8.68 46.97 3.40
C LYS B 23 -8.38 47.91 2.24
N GLY B 24 -9.18 48.97 2.15
CA GLY B 24 -9.00 49.95 1.10
C GLY B 24 -8.09 51.07 1.55
N SER B 25 -7.38 51.68 0.60
CA SER B 25 -6.68 52.93 0.83
C SER B 25 -6.46 53.66 -0.48
N GLY B 26 -6.24 54.96 -0.37
CA GLY B 26 -5.94 55.81 -1.51
C GLY B 26 -7.15 56.25 -2.31
N TYR B 27 -8.35 56.13 -1.71
CA TYR B 27 -9.61 56.55 -2.33
C TYR B 27 -10.73 56.61 -1.29
N SER B 28 -11.87 57.22 -1.65
CA SER B 28 -13.03 57.27 -0.75
C SER B 28 -13.72 55.90 -0.64
N PHE B 29 -13.46 55.19 0.45
CA PHE B 29 -13.94 53.81 0.59
C PHE B 29 -15.47 53.64 0.50
N THR B 30 -16.20 54.61 1.06
CA THR B 30 -17.65 54.55 1.06
C THR B 30 -18.26 54.92 -0.29
N SER B 31 -17.44 55.50 -1.19
CA SER B 31 -17.90 55.88 -2.53
C SER B 31 -18.03 54.74 -3.55
N TYR B 32 -17.51 53.56 -3.23
CA TYR B 32 -17.55 52.44 -4.18
C TYR B 32 -17.94 51.16 -3.50
N TRP B 33 -18.68 50.34 -4.24
CA TRP B 33 -19.00 49.01 -3.81
C TRP B 33 -17.79 48.09 -3.90
N ILE B 34 -17.77 47.09 -3.01
CA ILE B 34 -16.71 46.05 -3.01
C ILE B 34 -17.34 44.69 -3.32
N GLY B 35 -16.67 43.90 -4.17
CA GLY B 35 -17.15 42.56 -4.47
C GLY B 35 -16.19 41.50 -3.97
N TRP B 36 -16.72 40.28 -3.81
CA TRP B 36 -15.92 39.11 -3.53
C TRP B 36 -16.07 38.13 -4.64
N VAL B 37 -14.96 37.53 -5.04
CA VAL B 37 -14.90 36.62 -6.20
C VAL B 37 -14.15 35.37 -5.72
N ARG B 38 -14.75 34.19 -5.94
CA ARG B 38 -14.09 32.91 -5.64
C ARG B 38 -13.38 32.32 -6.87
N GLN B 39 -12.20 31.76 -6.67
CA GLN B 39 -11.52 30.98 -7.70
C GLN B 39 -11.03 29.68 -7.08
N MET B 40 -11.75 28.61 -7.34
CA MET B 40 -11.33 27.31 -6.86
C MET B 40 -10.12 26.85 -7.68
N PRO B 41 -9.27 25.96 -7.11
CA PRO B 41 -7.99 25.61 -7.76
C PRO B 41 -8.21 25.14 -9.19
N GLY B 42 -7.46 25.73 -10.11
CA GLY B 42 -7.55 25.43 -11.54
C GLY B 42 -8.86 25.78 -12.23
N LYS B 43 -9.72 26.55 -11.57
CA LYS B 43 -11.05 26.87 -12.12
C LYS B 43 -11.19 28.37 -12.45
N GLY B 44 -12.39 28.79 -12.83
CA GLY B 44 -12.64 30.18 -13.22
C GLY B 44 -13.10 31.08 -12.09
N LEU B 45 -13.44 32.30 -12.45
CA LEU B 45 -13.88 33.30 -11.49
C LEU B 45 -15.37 33.19 -11.24
N GLU B 46 -15.77 33.21 -9.97
CA GLU B 46 -17.19 33.19 -9.57
C GLU B 46 -17.55 34.43 -8.75
N TRP B 47 -18.47 35.23 -9.27
CA TRP B 47 -18.99 36.37 -8.54
C TRP B 47 -19.79 35.88 -7.36
N MET B 48 -19.39 36.25 -6.15
CA MET B 48 -20.06 35.82 -4.91
C MET B 48 -21.12 36.80 -4.39
N GLY B 49 -20.76 38.09 -4.37
CA GLY B 49 -21.62 39.10 -3.76
C GLY B 49 -20.91 40.44 -3.73
N ILE B 50 -21.68 41.49 -3.48
CA ILE B 50 -21.11 42.85 -3.40
C ILE B 50 -21.72 43.57 -2.20
N ILE B 51 -21.03 44.60 -1.72
CA ILE B 51 -21.56 45.38 -0.60
C ILE B 51 -21.26 46.84 -0.85
N ASP B 52 -22.21 47.71 -0.48
CA ASP B 52 -22.05 49.14 -0.51
C ASP B 52 -21.63 49.52 0.93
N PRO B 53 -20.37 49.92 1.12
CA PRO B 53 -19.86 50.22 2.47
C PRO B 53 -20.52 51.47 3.10
N SER B 54 -21.11 52.32 2.27
CA SER B 54 -21.83 53.50 2.79
C SER B 54 -23.01 53.13 3.71
N ASP B 55 -23.73 52.05 3.35
CA ASP B 55 -24.93 51.66 4.10
C ASP B 55 -25.06 50.16 4.39
N SER B 56 -24.02 49.38 4.07
CA SER B 56 -24.01 47.91 4.20
C SER B 56 -25.11 47.15 3.44
N ASP B 57 -25.65 47.79 2.41
CA ASP B 57 -26.52 47.16 1.40
C ASP B 57 -25.70 46.01 0.79
N THR B 58 -26.16 44.78 0.99
CA THR B 58 -25.37 43.61 0.54
C THR B 58 -26.18 42.76 -0.45
N ARG B 59 -25.56 42.41 -1.58
CA ARG B 59 -26.21 41.52 -2.57
C ARG B 59 -25.40 40.24 -2.79
N TYR B 60 -26.06 39.09 -2.69
CA TYR B 60 -25.40 37.79 -2.90
C TYR B 60 -25.85 37.12 -4.17
N SER B 61 -24.96 36.35 -4.78
CA SER B 61 -25.34 35.39 -5.78
C SER B 61 -26.26 34.35 -5.11
N PRO B 62 -27.29 33.86 -5.83
CA PRO B 62 -28.12 32.82 -5.23
C PRO B 62 -27.30 31.62 -4.78
N SER B 63 -26.20 31.30 -5.48
CA SER B 63 -25.32 30.18 -5.10
C SER B 63 -24.58 30.35 -3.76
N PHE B 64 -24.46 31.58 -3.28
CA PHE B 64 -23.69 31.84 -2.07
C PHE B 64 -24.50 32.43 -0.93
N GLN B 65 -25.72 32.89 -1.23
CA GLN B 65 -26.61 33.48 -0.22
C GLN B 65 -26.87 32.47 0.89
N GLY B 66 -26.70 32.89 2.14
CA GLY B 66 -26.87 32.02 3.29
C GLY B 66 -25.70 31.08 3.54
N GLN B 67 -24.69 31.12 2.67
CA GLN B 67 -23.52 30.24 2.76
C GLN B 67 -22.27 30.97 3.27
N VAL B 68 -22.23 32.30 3.10
CA VAL B 68 -21.15 33.15 3.57
C VAL B 68 -21.81 34.46 3.95
N THR B 69 -21.13 35.25 4.76
CA THR B 69 -21.62 36.59 5.08
C THR B 69 -20.59 37.59 4.62
N ILE B 70 -21.05 38.58 3.87
CA ILE B 70 -20.20 39.69 3.45
C ILE B 70 -20.61 40.87 4.33
N SER B 71 -19.63 41.63 4.81
CA SER B 71 -19.90 42.80 5.65
C SER B 71 -18.83 43.85 5.40
N ALA B 72 -18.99 45.02 6.00
CA ALA B 72 -18.02 46.09 5.88
C ALA B 72 -18.06 46.94 7.13
N ASP B 73 -16.93 47.57 7.46
CA ASP B 73 -16.87 48.48 8.59
C ASP B 73 -16.28 49.76 8.06
N LYS B 74 -17.13 50.75 7.80
CA LYS B 74 -16.66 51.94 7.11
C LYS B 74 -15.72 52.81 7.97
N SER B 75 -15.81 52.67 9.28
CA SER B 75 -14.94 53.44 10.19
C SER B 75 -13.46 53.07 10.06
N ILE B 76 -13.19 51.88 9.52
CA ILE B 76 -11.81 51.44 9.28
C ILE B 76 -11.57 51.03 7.82
N SER B 77 -12.45 51.48 6.92
CA SER B 77 -12.30 51.22 5.48
C SER B 77 -11.94 49.75 5.15
N THR B 78 -12.72 48.83 5.74
CA THR B 78 -12.51 47.39 5.59
C THR B 78 -13.80 46.65 5.19
N ALA B 79 -13.68 45.74 4.23
CA ALA B 79 -14.76 44.82 3.87
C ALA B 79 -14.34 43.42 4.33
N TYR B 80 -15.33 42.58 4.63
CA TYR B 80 -15.06 41.24 5.12
C TYR B 80 -15.85 40.17 4.39
N LEU B 81 -15.33 38.95 4.46
CA LEU B 81 -16.00 37.76 3.97
C LEU B 81 -15.82 36.73 5.07
N GLN B 82 -16.92 36.08 5.47
CA GLN B 82 -16.84 35.19 6.62
C GLN B 82 -17.71 33.95 6.49
N TRP B 83 -17.20 32.87 7.09
CA TRP B 83 -17.90 31.60 7.19
C TRP B 83 -17.99 31.23 8.65
N SER B 84 -19.13 30.68 9.05
CA SER B 84 -19.24 30.18 10.43
C SER B 84 -18.64 28.76 10.58
N SER B 85 -18.65 27.98 9.51
CA SER B 85 -18.21 26.59 9.53
C SER B 85 -17.66 26.13 8.18
N LEU B 86 -16.33 26.10 8.07
CA LEU B 86 -15.69 25.84 6.77
C LEU B 86 -15.82 24.38 6.34
N LYS B 87 -15.88 24.17 5.04
CA LYS B 87 -15.86 22.85 4.43
C LYS B 87 -14.62 22.74 3.57
N ALA B 88 -14.08 21.53 3.44
CA ALA B 88 -12.95 21.30 2.52
C ALA B 88 -13.20 21.87 1.12
N SER B 89 -14.46 21.85 0.68
CA SER B 89 -14.82 22.39 -0.63
C SER B 89 -14.73 23.93 -0.72
N ASP B 90 -14.52 24.61 0.40
CA ASP B 90 -14.28 26.07 0.44
C ASP B 90 -12.84 26.44 0.08
N THR B 91 -11.98 25.44 -0.12
CA THR B 91 -10.60 25.66 -0.53
C THR B 91 -10.56 26.40 -1.86
N ALA B 92 -10.00 27.59 -1.86
CA ALA B 92 -10.05 28.47 -3.02
C ALA B 92 -9.25 29.73 -2.77
N MET B 93 -9.00 30.47 -3.84
CA MET B 93 -8.48 31.82 -3.72
C MET B 93 -9.70 32.73 -3.64
N TYR B 94 -9.66 33.72 -2.75
CA TYR B 94 -10.77 34.69 -2.64
C TYR B 94 -10.23 36.06 -2.90
N TYR B 95 -10.79 36.72 -3.91
CA TYR B 95 -10.40 38.06 -4.27
C TYR B 95 -11.49 39.01 -3.81
N CYS B 96 -11.07 40.15 -3.27
CA CYS B 96 -11.97 41.31 -3.22
C CYS B 96 -11.60 42.22 -4.38
N ALA B 97 -12.56 43.03 -4.79
CA ALA B 97 -12.36 43.91 -5.92
C ALA B 97 -13.33 45.06 -5.79
N ARG B 98 -12.90 46.21 -6.29
CA ARG B 98 -13.73 47.42 -6.31
C ARG B 98 -14.59 47.47 -7.58
N VAL B 99 -15.88 47.69 -7.40
CA VAL B 99 -16.80 47.96 -8.52
C VAL B 99 -16.60 49.42 -8.95
N GLY B 100 -16.40 49.63 -10.24
CA GLY B 100 -16.29 50.97 -10.82
C GLY B 100 -17.54 51.82 -10.65
N PRO B 101 -17.42 53.13 -10.91
CA PRO B 101 -18.52 54.03 -10.58
C PRO B 101 -19.59 54.20 -11.68
N ALA B 102 -19.47 53.53 -12.82
CA ALA B 102 -20.42 53.78 -13.93
C ALA B 102 -21.83 53.25 -13.68
N ASP B 103 -22.81 53.76 -14.44
CA ASP B 103 -24.21 53.30 -14.39
C ASP B 103 -24.46 52.16 -15.40
N VAL B 104 -25.40 51.26 -15.14
CA VAL B 104 -26.07 51.10 -13.84
C VAL B 104 -25.06 50.43 -12.90
N TRP B 105 -24.52 49.31 -13.34
CA TRP B 105 -23.38 48.64 -12.68
C TRP B 105 -22.13 48.78 -13.50
N ASP B 106 -21.01 48.27 -13.00
CA ASP B 106 -19.72 48.47 -13.65
C ASP B 106 -18.78 47.26 -13.49
N SER B 107 -17.68 47.28 -14.22
CA SER B 107 -16.65 46.24 -14.10
C SER B 107 -15.92 46.38 -12.76
N PHE B 108 -15.07 45.42 -12.45
CA PHE B 108 -14.19 45.50 -11.30
C PHE B 108 -12.92 46.20 -11.72
N ASP B 109 -12.71 47.42 -11.23
CA ASP B 109 -11.61 48.25 -11.76
C ASP B 109 -10.29 48.10 -10.99
N TYR B 110 -10.34 47.62 -9.74
CA TYR B 110 -9.15 47.34 -8.95
C TYR B 110 -9.39 46.06 -8.16
N TRP B 111 -8.35 45.26 -7.98
CA TRP B 111 -8.45 43.94 -7.34
C TRP B 111 -7.46 43.83 -6.22
N GLY B 112 -7.87 43.20 -5.12
CA GLY B 112 -6.92 42.82 -4.06
C GLY B 112 -5.99 41.72 -4.56
N GLN B 113 -4.95 41.41 -3.78
CA GLN B 113 -3.99 40.39 -4.23
C GLN B 113 -4.51 38.96 -4.05
N GLY B 114 -5.65 38.84 -3.37
CA GLY B 114 -6.25 37.54 -3.06
C GLY B 114 -5.80 36.93 -1.74
N THR B 115 -6.70 36.18 -1.12
CA THR B 115 -6.42 35.42 0.08
C THR B 115 -6.63 33.95 -0.24
N LEU B 116 -5.57 33.16 -0.10
CA LEU B 116 -5.69 31.73 -0.32
C LEU B 116 -6.22 31.05 0.94
N VAL B 117 -7.33 30.32 0.79
CA VAL B 117 -7.90 29.58 1.92
C VAL B 117 -7.80 28.10 1.65
N THR B 118 -7.15 27.37 2.56
CA THR B 118 -7.01 25.91 2.42
C THR B 118 -7.72 25.28 3.61
N VAL B 119 -8.70 24.43 3.32
CA VAL B 119 -9.45 23.76 4.35
C VAL B 119 -9.17 22.27 4.25
N SER B 120 -8.61 21.73 5.32
CA SER B 120 -8.26 20.29 5.37
C SER B 120 -8.17 19.79 6.82
N SER B 121 -8.57 18.55 7.05
CA SER B 121 -8.43 17.94 8.37
C SER B 121 -6.95 17.60 8.69
N ALA B 122 -6.09 17.65 7.67
CA ALA B 122 -4.68 17.33 7.79
C ALA B 122 -3.91 18.27 8.71
N SER B 123 -2.82 17.78 9.29
CA SER B 123 -2.00 18.61 10.15
C SER B 123 -0.62 18.83 9.55
N THR B 124 0.09 19.83 10.08
CA THR B 124 1.41 20.21 9.61
C THR B 124 2.37 19.02 9.69
N LYS B 125 3.14 18.81 8.62
CA LYS B 125 4.03 17.67 8.49
C LYS B 125 5.11 17.99 7.45
N GLY B 126 6.37 17.86 7.85
CA GLY B 126 7.50 18.01 6.94
C GLY B 126 7.60 16.82 6.00
N PRO B 127 8.19 17.02 4.81
CA PRO B 127 8.22 15.94 3.82
C PRO B 127 9.34 14.94 4.06
N SER B 128 9.24 13.78 3.44
CA SER B 128 10.36 12.88 3.27
C SER B 128 10.91 13.15 1.87
N VAL B 129 12.22 13.14 1.72
CA VAL B 129 12.85 13.41 0.43
C VAL B 129 13.58 12.16 -0.06
N PHE B 130 13.13 11.63 -1.19
CA PHE B 130 13.72 10.43 -1.77
C PHE B 130 14.41 10.73 -3.10
N PRO B 131 15.55 10.08 -3.37
CA PRO B 131 16.19 10.37 -4.65
C PRO B 131 15.45 9.75 -5.83
N LEU B 132 15.56 10.40 -6.97
CA LEU B 132 15.17 9.82 -8.25
C LEU B 132 16.50 9.67 -8.98
N ALA B 133 17.12 8.51 -8.79
CA ALA B 133 18.48 8.26 -9.27
C ALA B 133 18.54 8.21 -10.80
N PRO B 134 19.62 8.75 -11.38
CA PRO B 134 19.80 8.72 -12.83
C PRO B 134 20.04 7.30 -13.32
N SER B 135 19.31 6.90 -14.37
CA SER B 135 19.32 5.54 -14.95
C SER B 135 20.74 5.06 -15.26
N SER B 136 20.96 3.74 -15.14
CA SER B 136 22.27 3.14 -15.44
C SER B 136 22.41 2.76 -16.91
N LYS B 137 21.29 2.72 -17.63
CA LYS B 137 21.29 2.54 -19.08
C LYS B 137 21.55 3.88 -19.76
N SER B 138 22.43 3.88 -20.76
CA SER B 138 22.80 5.11 -21.49
C SER B 138 21.66 5.66 -22.35
N THR B 139 21.52 6.98 -22.38
CA THR B 139 20.45 7.65 -23.15
C THR B 139 20.93 8.09 -24.54
N SER B 140 19.98 8.48 -25.39
CA SER B 140 20.24 8.75 -26.81
C SER B 140 20.94 10.08 -27.09
N GLY B 141 20.85 11.03 -26.15
CA GLY B 141 21.38 12.37 -26.36
C GLY B 141 22.62 12.75 -25.56
N GLY B 142 23.16 11.81 -24.77
CA GLY B 142 24.27 12.11 -23.87
C GLY B 142 23.85 12.94 -22.66
N THR B 143 22.55 12.89 -22.36
CA THR B 143 21.94 13.56 -21.20
C THR B 143 21.26 12.55 -20.26
N ALA B 144 21.29 12.82 -18.97
CA ALA B 144 20.55 12.02 -17.99
C ALA B 144 19.63 12.89 -17.14
N ALA B 145 18.45 12.35 -16.81
CA ALA B 145 17.56 13.00 -15.84
C ALA B 145 17.77 12.41 -14.44
N LEU B 146 17.88 13.30 -13.45
CA LEU B 146 17.88 12.89 -12.05
C LEU B 146 16.91 13.79 -11.30
N GLY B 147 16.61 13.48 -10.04
CA GLY B 147 15.66 14.29 -9.30
C GLY B 147 15.45 13.89 -7.85
N CYS B 148 14.53 14.58 -7.21
CA CYS B 148 14.11 14.28 -5.85
C CYS B 148 12.58 14.18 -5.80
N LEU B 149 12.08 13.20 -5.07
CA LEU B 149 10.65 13.11 -4.79
C LEU B 149 10.46 13.60 -3.36
N VAL B 150 9.61 14.60 -3.22
CA VAL B 150 9.34 15.29 -1.97
C VAL B 150 7.92 14.92 -1.57
N LYS B 151 7.80 13.95 -0.66
CA LYS B 151 6.52 13.26 -0.44
C LYS B 151 5.96 13.46 0.96
N ASP B 152 4.62 13.46 1.05
CA ASP B 152 3.87 13.42 2.31
C ASP B 152 4.09 14.64 3.22
N TYR B 153 3.83 15.83 2.67
CA TYR B 153 3.90 17.04 3.47
C TYR B 153 2.58 17.80 3.51
N PHE B 154 2.49 18.73 4.46
CA PHE B 154 1.34 19.60 4.61
C PHE B 154 1.71 20.80 5.51
N PRO B 155 1.24 22.01 5.13
CA PRO B 155 0.56 22.28 3.88
C PRO B 155 1.57 22.77 2.84
N GLU B 156 1.09 23.19 1.67
CA GLU B 156 1.96 23.86 0.70
C GLU B 156 2.46 25.19 1.25
N PRO B 157 3.58 25.71 0.71
CA PRO B 157 4.43 25.13 -0.33
C PRO B 157 5.71 24.51 0.21
N VAL B 158 6.44 23.81 -0.67
CA VAL B 158 7.86 23.55 -0.46
C VAL B 158 8.63 24.24 -1.56
N THR B 159 9.90 24.50 -1.31
CA THR B 159 10.78 25.02 -2.34
C THR B 159 11.87 23.99 -2.58
N VAL B 160 12.32 23.88 -3.83
CA VAL B 160 13.46 23.04 -4.16
C VAL B 160 14.49 23.85 -4.94
N SER B 161 15.74 23.79 -4.51
CA SER B 161 16.85 24.29 -5.30
C SER B 161 17.84 23.16 -5.54
N TRP B 162 18.80 23.39 -6.42
CA TRP B 162 19.83 22.42 -6.73
C TRP B 162 21.21 22.97 -6.55
N ASN B 163 22.06 22.18 -5.92
CA ASN B 163 23.44 22.57 -5.61
C ASN B 163 23.53 23.96 -5.00
N SER B 164 22.67 24.21 -4.02
CA SER B 164 22.58 25.49 -3.29
C SER B 164 22.32 26.68 -4.22
N GLY B 165 21.60 26.43 -5.31
CA GLY B 165 21.23 27.47 -6.27
C GLY B 165 22.16 27.60 -7.46
N ALA B 166 23.26 26.84 -7.46
CA ALA B 166 24.26 26.94 -8.54
C ALA B 166 23.80 26.27 -9.83
N LEU B 167 22.86 25.33 -9.72
CA LEU B 167 22.29 24.64 -10.88
C LEU B 167 20.83 25.05 -11.07
N THR B 168 20.54 25.76 -12.17
CA THR B 168 19.19 26.28 -12.41
C THR B 168 18.67 25.90 -13.80
N SER B 169 19.58 25.76 -14.76
CA SER B 169 19.26 25.35 -16.13
C SER B 169 18.80 23.90 -16.18
N GLY B 170 17.69 23.64 -16.86
CA GLY B 170 17.18 22.28 -17.05
C GLY B 170 16.42 21.69 -15.87
N VAL B 171 16.13 22.52 -14.87
CA VAL B 171 15.33 22.11 -13.70
C VAL B 171 13.84 22.20 -14.01
N HIS B 172 13.08 21.16 -13.67
CA HIS B 172 11.61 21.24 -13.64
C HIS B 172 11.13 20.85 -12.27
N THR B 173 10.56 21.81 -11.55
CA THR B 173 9.94 21.51 -10.28
C THR B 173 8.44 21.50 -10.48
N PHE B 174 7.83 20.34 -10.35
CA PHE B 174 6.43 20.14 -10.73
C PHE B 174 5.45 20.63 -9.68
N PRO B 175 4.22 21.00 -10.12
CA PRO B 175 3.13 21.28 -9.20
C PRO B 175 2.83 20.09 -8.30
N ALA B 176 2.64 20.35 -7.01
CA ALA B 176 2.24 19.31 -6.06
C ALA B 176 0.93 18.67 -6.46
N VAL B 177 0.76 17.40 -6.10
CA VAL B 177 -0.52 16.74 -6.22
C VAL B 177 -0.99 16.48 -4.81
N LEU B 178 -2.31 16.49 -4.61
CA LEU B 178 -2.91 16.19 -3.32
C LEU B 178 -3.35 14.72 -3.31
N GLN B 179 -2.69 13.92 -2.49
CA GLN B 179 -2.97 12.49 -2.39
C GLN B 179 -4.23 12.26 -1.59
N SER B 180 -4.82 11.07 -1.72
CA SER B 180 -6.04 10.72 -0.99
C SER B 180 -5.85 10.72 0.53
N SER B 181 -4.60 10.69 0.97
CA SER B 181 -4.24 10.80 2.39
C SER B 181 -4.44 12.21 2.94
N GLY B 182 -4.52 13.20 2.06
CA GLY B 182 -4.63 14.61 2.46
C GLY B 182 -3.26 15.26 2.59
N LEU B 183 -2.24 14.55 2.14
CA LEU B 183 -0.87 15.05 2.15
C LEU B 183 -0.44 15.31 0.72
N TYR B 184 0.45 16.27 0.52
CA TYR B 184 0.94 16.61 -0.81
C TYR B 184 2.20 15.82 -1.19
N SER B 185 2.44 15.71 -2.48
CA SER B 185 3.64 15.08 -3.01
C SER B 185 4.08 15.85 -4.25
N LEU B 186 5.38 15.99 -4.43
CA LEU B 186 5.95 16.76 -5.55
C LEU B 186 7.28 16.19 -6.02
N SER B 187 7.58 16.31 -7.31
CA SER B 187 8.89 15.91 -7.82
C SER B 187 9.62 17.09 -8.44
N SER B 188 10.93 17.15 -8.24
CA SER B 188 11.79 18.10 -8.95
C SER B 188 12.89 17.35 -9.70
N VAL B 189 13.01 17.62 -10.98
CA VAL B 189 13.96 16.93 -11.84
C VAL B 189 14.91 17.91 -12.51
N VAL B 190 16.10 17.43 -12.87
CA VAL B 190 17.04 18.21 -13.64
C VAL B 190 17.69 17.33 -14.69
N THR B 191 17.91 17.89 -15.88
CA THR B 191 18.59 17.14 -16.92
C THR B 191 20.02 17.63 -16.98
N VAL B 192 20.95 16.69 -16.96
CA VAL B 192 22.37 17.00 -16.82
C VAL B 192 23.18 16.19 -17.82
N PRO B 193 24.43 16.61 -18.09
CA PRO B 193 25.37 15.80 -18.89
C PRO B 193 25.61 14.41 -18.31
N SER B 194 25.35 13.37 -19.11
CA SER B 194 25.71 12.00 -18.74
C SER B 194 27.13 11.90 -18.20
N SER B 195 28.07 12.50 -18.92
CA SER B 195 29.50 12.46 -18.57
C SER B 195 29.86 13.16 -17.24
N SER B 196 28.96 13.99 -16.73
CA SER B 196 29.16 14.64 -15.43
C SER B 196 28.91 13.70 -14.24
N LEU B 197 28.03 12.72 -14.43
CA LEU B 197 27.56 11.85 -13.34
C LEU B 197 28.67 11.19 -12.51
N GLY B 198 29.79 10.85 -13.15
CA GLY B 198 30.94 10.30 -12.45
C GLY B 198 31.60 11.24 -11.44
N THR B 199 31.55 12.54 -11.70
CA THR B 199 32.35 13.51 -10.95
C THR B 199 31.59 14.70 -10.37
N GLN B 200 30.53 15.15 -11.04
CA GLN B 200 29.74 16.26 -10.52
C GLN B 200 28.74 15.83 -9.45
N THR B 201 28.74 16.55 -8.33
CA THR B 201 27.80 16.29 -7.22
C THR B 201 26.47 16.96 -7.52
N TYR B 202 25.38 16.25 -7.21
CA TYR B 202 24.01 16.79 -7.35
C TYR B 202 23.22 16.63 -6.06
N ILE B 203 22.95 17.76 -5.42
CA ILE B 203 22.18 17.75 -4.17
C ILE B 203 20.93 18.59 -4.37
N CYS B 204 19.77 18.05 -4.01
CA CYS B 204 18.56 18.87 -3.98
C CYS B 204 18.38 19.43 -2.58
N ASN B 205 18.13 20.73 -2.52
CA ASN B 205 17.90 21.42 -1.26
C ASN B 205 16.41 21.67 -1.13
N VAL B 206 15.80 21.03 -0.15
CA VAL B 206 14.35 21.11 0.03
C VAL B 206 14.07 21.92 1.29
N ASN B 207 13.09 22.82 1.19
CA ASN B 207 12.67 23.60 2.33
C ASN B 207 11.15 23.63 2.45
N HIS B 208 10.66 23.35 3.66
CA HIS B 208 9.25 23.42 4.02
C HIS B 208 9.18 24.28 5.25
N LYS B 209 8.85 25.55 5.07
CA LYS B 209 8.83 26.51 6.20
C LYS B 209 7.77 26.21 7.27
N PRO B 210 6.53 25.85 6.85
CA PRO B 210 5.51 25.53 7.86
C PRO B 210 5.92 24.51 8.93
N SER B 211 6.81 23.58 8.60
CA SER B 211 7.27 22.58 9.56
C SER B 211 8.71 22.86 10.00
N ASN B 212 9.24 24.00 9.56
CA ASN B 212 10.63 24.38 9.77
C ASN B 212 11.59 23.24 9.38
N THR B 213 11.39 22.70 8.18
CA THR B 213 12.13 21.53 7.71
C THR B 213 13.04 21.86 6.55
N LYS B 214 14.31 21.57 6.71
CA LYS B 214 15.31 21.75 5.67
C LYS B 214 16.05 20.45 5.43
N VAL B 215 16.01 19.94 4.20
CA VAL B 215 16.61 18.66 3.85
C VAL B 215 17.53 18.81 2.65
N ASP B 216 18.77 18.33 2.77
CA ASP B 216 19.65 18.24 1.62
C ASP B 216 19.90 16.78 1.26
N LYS B 217 19.61 16.44 0.01
CA LYS B 217 19.68 15.06 -0.46
C LYS B 217 20.63 14.96 -1.67
N LYS B 218 21.69 14.17 -1.50
CA LYS B 218 22.60 13.86 -2.60
C LYS B 218 21.97 12.80 -3.48
N VAL B 219 22.01 13.01 -4.79
CA VAL B 219 21.40 12.07 -5.73
C VAL B 219 22.51 11.45 -6.59
N GLU B 220 22.75 10.15 -6.42
CA GLU B 220 23.79 9.45 -7.18
C GLU B 220 23.23 8.30 -8.01
N PRO B 221 23.97 7.87 -9.05
CA PRO B 221 23.49 6.80 -9.95
C PRO B 221 23.15 5.50 -9.24
N ASP C 1 -7.97 -39.36 -6.32
CA ASP C 1 -7.07 -39.35 -5.14
C ASP C 1 -7.88 -39.46 -3.86
N ILE C 2 -7.21 -39.64 -2.71
CA ILE C 2 -7.90 -39.65 -1.43
C ILE C 2 -7.29 -38.58 -0.53
N VAL C 3 -8.14 -37.73 0.05
CA VAL C 3 -7.71 -36.60 0.89
C VAL C 3 -7.86 -36.97 2.34
N MET C 4 -6.79 -36.78 3.11
CA MET C 4 -6.78 -37.10 4.55
C MET C 4 -6.76 -35.81 5.35
N THR C 5 -7.67 -35.69 6.32
CA THR C 5 -7.75 -34.49 7.13
C THR C 5 -7.81 -34.86 8.60
N GLN C 6 -7.05 -34.13 9.40
CA GLN C 6 -6.93 -34.43 10.82
C GLN C 6 -7.55 -33.31 11.65
N SER C 7 -8.00 -33.68 12.86
CA SER C 7 -8.58 -32.75 13.81
C SER C 7 -8.20 -33.23 15.22
N PRO C 8 -7.82 -32.28 16.10
CA PRO C 8 -7.67 -30.85 15.88
C PRO C 8 -6.29 -30.56 15.29
N ASP C 9 -5.99 -29.31 14.98
CA ASP C 9 -4.66 -28.92 14.48
C ASP C 9 -3.61 -29.14 15.58
N SER C 10 -3.99 -28.79 16.81
CA SER C 10 -3.10 -28.75 17.95
C SER C 10 -3.88 -29.21 19.17
N LEU C 11 -3.22 -29.96 20.05
CA LEU C 11 -3.89 -30.50 21.24
C LEU C 11 -2.96 -30.43 22.44
N ALA C 12 -3.46 -29.85 23.54
CA ALA C 12 -2.68 -29.80 24.78
C ALA C 12 -3.38 -30.58 25.88
N VAL C 13 -2.74 -31.62 26.41
CA VAL C 13 -3.30 -32.32 27.57
C VAL C 13 -2.27 -32.42 28.68
N SER C 14 -2.74 -32.46 29.92
CA SER C 14 -1.86 -32.53 31.07
C SER C 14 -1.23 -33.91 31.15
N LEU C 15 -0.02 -34.00 31.70
CA LEU C 15 0.65 -35.30 31.90
C LEU C 15 -0.27 -36.30 32.55
N GLY C 16 -0.29 -37.53 32.03
CA GLY C 16 -1.11 -38.58 32.63
C GLY C 16 -2.54 -38.65 32.11
N GLU C 17 -3.00 -37.62 31.40
CA GLU C 17 -4.38 -37.53 30.89
C GLU C 17 -4.55 -38.13 29.49
N ARG C 18 -5.80 -38.40 29.13
CA ARG C 18 -6.13 -39.06 27.85
C ARG C 18 -6.07 -38.06 26.70
N ALA C 19 -5.50 -38.51 25.58
CA ALA C 19 -5.40 -37.68 24.37
C ALA C 19 -6.05 -38.45 23.23
N THR C 20 -6.88 -37.77 22.47
CA THR C 20 -7.57 -38.39 21.33
C THR C 20 -7.38 -37.51 20.12
N ILE C 21 -6.98 -38.09 18.99
CA ILE C 21 -6.94 -37.30 17.76
C ILE C 21 -7.68 -38.00 16.62
N ASN C 22 -8.25 -37.20 15.72
CA ASN C 22 -9.14 -37.70 14.66
C ASN C 22 -8.48 -37.65 13.29
N CYS C 23 -8.87 -38.57 12.44
CA CYS C 23 -8.42 -38.58 11.06
C CYS C 23 -9.61 -39.00 10.21
N LYS C 24 -9.88 -38.25 9.15
CA LYS C 24 -10.99 -38.58 8.24
C LYS C 24 -10.47 -38.71 6.81
N SER C 25 -10.94 -39.71 6.08
CA SER C 25 -10.57 -39.86 4.66
C SER C 25 -11.75 -39.44 3.81
N SER C 26 -11.45 -38.94 2.61
CA SER C 26 -12.49 -38.44 1.70
C SER C 26 -13.30 -39.57 1.04
N GLN C 27 -12.77 -40.78 1.12
CA GLN C 27 -13.42 -41.99 0.61
C GLN C 27 -12.96 -43.09 1.54
N SER C 28 -13.71 -44.19 1.56
CA SER C 28 -13.35 -45.38 2.35
C SER C 28 -11.96 -45.96 2.04
N VAL C 29 -11.25 -46.39 3.08
CA VAL C 29 -9.92 -47.01 2.89
C VAL C 29 -10.00 -48.47 3.30
N LEU C 30 -11.24 -48.97 3.41
CA LEU C 30 -11.43 -50.37 3.75
C LEU C 30 -11.17 -51.23 2.51
N LEU C 31 -10.24 -52.17 2.66
CA LEU C 31 -9.92 -53.11 1.62
C LEU C 31 -10.60 -54.42 2.00
N SER C 32 -11.88 -54.56 1.62
CA SER C 32 -12.73 -55.64 2.15
C SER C 32 -12.24 -57.05 1.85
N PRO C 33 -11.89 -57.33 0.58
CA PRO C 33 -11.37 -58.65 0.25
C PRO C 33 -10.09 -59.03 1.02
N TRP C 34 -9.57 -58.09 1.81
CA TRP C 34 -8.39 -58.32 2.64
C TRP C 34 -8.70 -58.01 4.10
N ASN C 35 -10.00 -57.96 4.43
CA ASN C 35 -10.56 -57.15 5.55
C ASN C 35 -9.60 -56.32 6.42
N SER C 36 -9.21 -55.17 5.88
CA SER C 36 -8.21 -54.34 6.51
C SER C 36 -8.48 -52.92 6.08
N ASN C 37 -8.56 -52.00 7.06
CA ASN C 37 -8.59 -50.57 6.73
C ASN C 37 -7.15 -50.14 6.52
N GLN C 38 -6.87 -49.58 5.35
CA GLN C 38 -5.48 -49.30 4.93
C GLN C 38 -5.05 -47.92 5.45
N LEU C 39 -4.81 -47.87 6.76
CA LEU C 39 -4.64 -46.59 7.47
C LEU C 39 -3.52 -46.73 8.49
N ALA C 40 -2.54 -45.83 8.40
CA ALA C 40 -1.38 -45.82 9.31
C ALA C 40 -1.35 -44.55 10.14
N TRP C 41 -0.73 -44.66 11.32
CA TRP C 41 -0.41 -43.50 12.14
C TRP C 41 1.08 -43.43 12.34
N TYR C 42 1.63 -42.22 12.23
CA TYR C 42 3.08 -42.00 12.45
C TYR C 42 3.31 -40.96 13.52
N GLN C 43 4.38 -41.13 14.29
CA GLN C 43 4.74 -40.12 15.27
C GLN C 43 6.02 -39.45 14.81
N GLN C 44 6.04 -38.12 14.81
CA GLN C 44 7.27 -37.41 14.52
C GLN C 44 7.66 -36.51 15.71
N LYS C 45 8.62 -37.00 16.48
CA LYS C 45 9.11 -36.26 17.64
C LYS C 45 9.96 -35.10 17.14
N PRO C 46 10.09 -34.02 17.94
CA PRO C 46 10.82 -32.85 17.46
C PRO C 46 12.26 -33.19 17.11
N GLY C 47 12.74 -32.67 15.97
CA GLY C 47 14.06 -32.99 15.46
C GLY C 47 14.29 -34.35 14.79
N GLN C 48 13.26 -35.21 14.73
CA GLN C 48 13.42 -36.61 14.31
C GLN C 48 12.62 -37.00 13.06
N PRO C 49 13.01 -38.11 12.39
CA PRO C 49 12.12 -38.60 11.33
C PRO C 49 10.82 -39.17 11.88
N PRO C 50 9.78 -39.26 11.04
CA PRO C 50 8.58 -39.99 11.43
C PRO C 50 8.92 -41.43 11.74
N LYS C 51 8.08 -42.03 12.57
CA LYS C 51 8.19 -43.43 12.91
C LYS C 51 6.79 -44.06 12.87
N LEU C 52 6.66 -45.24 12.26
CA LEU C 52 5.38 -45.93 12.23
C LEU C 52 4.90 -46.39 13.62
N LEU C 53 3.69 -46.00 14.01
CA LEU C 53 3.10 -46.41 15.30
C LEU C 53 2.05 -47.50 15.18
N ILE C 54 1.14 -47.30 14.22
CA ILE C 54 -0.08 -48.11 14.05
C ILE C 54 -0.28 -48.33 12.56
N TYR C 55 -0.59 -49.56 12.16
CA TYR C 55 -1.00 -49.83 10.78
C TYR C 55 -2.30 -50.64 10.74
N GLY C 56 -2.93 -50.72 9.57
CA GLY C 56 -4.22 -51.41 9.46
C GLY C 56 -5.24 -50.83 10.44
N ALA C 57 -5.17 -49.52 10.63
CA ALA C 57 -6.02 -48.75 11.54
C ALA C 57 -5.83 -48.99 13.04
N SER C 58 -5.58 -50.23 13.45
CA SER C 58 -5.59 -50.57 14.87
C SER C 58 -4.51 -51.53 15.34
N THR C 59 -3.56 -51.88 14.48
CA THR C 59 -2.46 -52.77 14.89
C THR C 59 -1.20 -51.98 15.27
N ARG C 60 -0.76 -52.10 16.53
CA ARG C 60 0.47 -51.42 16.96
C ARG C 60 1.69 -52.08 16.34
N GLU C 61 2.61 -51.28 15.83
CA GLU C 61 3.90 -51.80 15.38
C GLU C 61 4.65 -52.38 16.58
N SER C 62 5.57 -53.31 16.32
CA SER C 62 6.37 -53.95 17.34
C SER C 62 7.10 -52.89 18.18
N GLY C 63 7.05 -53.03 19.50
CA GLY C 63 7.76 -52.10 20.38
C GLY C 63 6.98 -50.84 20.77
N VAL C 64 5.82 -50.62 20.16
CA VAL C 64 5.00 -49.44 20.50
C VAL C 64 4.25 -49.70 21.81
N PRO C 65 4.36 -48.78 22.80
CA PRO C 65 3.75 -49.06 24.11
C PRO C 65 2.22 -49.20 24.06
N ASP C 66 1.67 -49.93 25.04
CA ASP C 66 0.24 -50.24 25.14
C ASP C 66 -0.70 -49.05 25.16
N ARG C 67 -0.22 -47.92 25.68
CA ARG C 67 -1.05 -46.72 25.78
C ARG C 67 -1.54 -46.14 24.45
N PHE C 68 -0.89 -46.52 23.35
CA PHE C 68 -1.30 -46.07 22.01
C PHE C 68 -2.28 -47.07 21.41
N SER C 69 -3.42 -46.58 20.95
CA SER C 69 -4.36 -47.48 20.25
C SER C 69 -5.05 -46.73 19.14
N GLY C 70 -5.31 -47.44 18.05
CA GLY C 70 -6.01 -46.83 16.93
C GLY C 70 -7.35 -47.51 16.77
N SER C 71 -8.35 -46.77 16.32
CA SER C 71 -9.66 -47.38 16.07
C SER C 71 -10.35 -46.68 14.94
N GLY C 72 -11.52 -47.19 14.55
CA GLY C 72 -12.22 -46.61 13.44
C GLY C 72 -12.31 -47.55 12.27
N SER C 73 -13.12 -47.17 11.29
CA SER C 73 -13.29 -47.96 10.09
C SER C 73 -13.85 -47.10 8.98
N GLY C 74 -13.45 -47.41 7.75
CA GLY C 74 -14.05 -46.75 6.60
C GLY C 74 -13.43 -45.41 6.32
N THR C 75 -14.05 -44.34 6.84
CA THR C 75 -13.57 -42.97 6.64
C THR C 75 -13.25 -42.20 7.94
N ASP C 76 -13.50 -42.79 9.11
CA ASP C 76 -13.35 -42.06 10.39
C ASP C 76 -12.49 -42.85 11.35
N PHE C 77 -11.35 -42.27 11.74
CA PHE C 77 -10.34 -42.97 12.53
C PHE C 77 -9.86 -42.12 13.68
N THR C 78 -9.40 -42.79 14.73
CA THR C 78 -8.96 -42.11 15.94
C THR C 78 -7.69 -42.74 16.46
N LEU C 79 -6.75 -41.90 16.88
CA LEU C 79 -5.60 -42.35 17.66
C LEU C 79 -5.82 -41.89 19.10
N THR C 80 -5.70 -42.80 20.05
CA THR C 80 -5.86 -42.48 21.46
C THR C 80 -4.57 -42.78 22.21
N ILE C 81 -4.18 -41.89 23.11
CA ILE C 81 -3.12 -42.18 24.08
C ILE C 81 -3.83 -42.23 25.43
N SER C 82 -3.77 -43.39 26.08
CA SER C 82 -4.56 -43.58 27.30
C SER C 82 -4.12 -42.66 28.44
N SER C 83 -2.82 -42.38 28.48
CA SER C 83 -2.24 -41.59 29.57
C SER C 83 -0.98 -40.95 29.00
N LEU C 84 -1.03 -39.64 28.76
CA LEU C 84 0.04 -39.00 28.02
C LEU C 84 1.34 -38.89 28.81
N GLN C 85 2.43 -39.38 28.22
CA GLN C 85 3.75 -39.29 28.85
C GLN C 85 4.54 -38.16 28.22
N ALA C 86 5.50 -37.62 28.96
CA ALA C 86 6.35 -36.54 28.45
C ALA C 86 6.97 -36.89 27.10
N GLU C 87 7.40 -38.14 26.94
CA GLU C 87 8.04 -38.57 25.68
C GLU C 87 7.07 -38.71 24.49
N ASP C 88 5.77 -38.51 24.73
CA ASP C 88 4.75 -38.59 23.68
C ASP C 88 4.49 -37.26 22.95
N VAL C 89 5.11 -36.17 23.39
CA VAL C 89 4.92 -34.88 22.71
C VAL C 89 5.58 -34.97 21.32
N ALA C 90 4.82 -34.63 20.27
CA ALA C 90 5.20 -34.98 18.91
C ALA C 90 4.11 -34.49 17.99
N VAL C 91 4.40 -34.53 16.69
CA VAL C 91 3.33 -34.34 15.70
C VAL C 91 2.97 -35.73 15.25
N TYR C 92 1.66 -36.00 15.15
CA TYR C 92 1.16 -37.30 14.73
C TYR C 92 0.49 -37.10 13.37
N TYR C 93 0.78 -38.02 12.44
CA TYR C 93 0.25 -38.01 11.07
C TYR C 93 -0.54 -39.27 10.79
N CYS C 94 -1.71 -39.12 10.19
CA CYS C 94 -2.33 -40.32 9.63
C CYS C 94 -1.96 -40.40 8.17
N GLN C 95 -2.22 -41.57 7.57
CA GLN C 95 -1.90 -41.85 6.16
C GLN C 95 -2.79 -42.97 5.66
N GLN C 96 -3.39 -42.80 4.48
CA GLN C 96 -4.03 -43.92 3.78
C GLN C 96 -3.05 -44.54 2.81
N TYR C 97 -3.02 -45.87 2.77
CA TYR C 97 -2.25 -46.55 1.75
C TYR C 97 -3.18 -47.55 1.05
N TYR C 98 -4.44 -47.16 0.89
CA TYR C 98 -5.39 -47.95 0.08
C TYR C 98 -4.94 -47.99 -1.38
N LEU C 99 -4.48 -46.83 -1.85
CA LEU C 99 -4.00 -46.65 -3.21
C LEU C 99 -2.79 -45.72 -3.19
N ILE C 100 -2.12 -45.58 -4.33
CA ILE C 100 -1.05 -44.61 -4.47
C ILE C 100 -1.59 -43.47 -5.33
N PRO C 101 -1.17 -42.22 -5.08
CA PRO C 101 -0.39 -41.68 -3.93
C PRO C 101 -0.99 -42.03 -2.57
N SER C 102 -0.13 -42.52 -1.66
CA SER C 102 -0.55 -42.87 -0.32
C SER C 102 -0.39 -41.65 0.59
N THR C 103 -1.44 -40.81 0.54
CA THR C 103 -1.43 -39.46 1.08
C THR C 103 -1.52 -39.36 2.60
N PHE C 104 -0.88 -38.33 3.15
CA PHE C 104 -0.87 -38.10 4.58
C PHE C 104 -1.92 -37.05 4.99
N GLY C 105 -2.40 -37.13 6.23
CA GLY C 105 -3.11 -36.00 6.85
C GLY C 105 -2.12 -34.88 7.12
N GLN C 106 -2.62 -33.69 7.51
CA GLN C 106 -1.75 -32.52 7.69
C GLN C 106 -0.96 -32.52 8.99
N GLY C 107 -1.26 -33.44 9.89
CA GLY C 107 -0.55 -33.52 11.18
C GLY C 107 -1.33 -32.91 12.32
N THR C 108 -1.24 -33.52 13.51
CA THR C 108 -1.75 -32.92 14.75
C THR C 108 -0.62 -32.83 15.77
N LYS C 109 -0.31 -31.62 16.21
CA LYS C 109 0.74 -31.39 17.20
C LYS C 109 0.19 -31.63 18.60
N VAL C 110 0.84 -32.52 19.34
CA VAL C 110 0.42 -32.83 20.70
C VAL C 110 1.45 -32.27 21.67
N GLU C 111 0.97 -31.44 22.60
CA GLU C 111 1.83 -30.82 23.60
C GLU C 111 1.26 -30.97 25.01
N ILE C 112 2.06 -30.60 26.00
CA ILE C 112 1.69 -30.72 27.40
C ILE C 112 0.91 -29.48 27.83
N LYS C 113 -0.27 -29.70 28.43
CA LYS C 113 -1.04 -28.62 29.05
C LYS C 113 -0.51 -28.34 30.44
N ARG C 114 -0.22 -27.08 30.72
CA ARG C 114 0.13 -26.65 32.07
C ARG C 114 -0.71 -25.42 32.46
N THR C 115 -0.53 -24.93 33.68
CA THR C 115 -1.22 -23.72 34.15
C THR C 115 -0.73 -22.49 33.40
N VAL C 116 -1.58 -21.47 33.34
CA VAL C 116 -1.21 -20.20 32.72
C VAL C 116 0.04 -19.62 33.43
N ALA C 117 0.95 -19.06 32.65
CA ALA C 117 2.15 -18.45 33.22
C ALA C 117 2.44 -17.23 32.38
N ALA C 118 2.53 -16.08 33.04
CA ALA C 118 2.79 -14.81 32.36
C ALA C 118 4.23 -14.74 31.86
N PRO C 119 4.47 -14.06 30.74
CA PRO C 119 5.87 -13.91 30.37
C PRO C 119 6.61 -12.96 31.30
N SER C 120 7.91 -13.16 31.44
CA SER C 120 8.79 -12.15 31.97
C SER C 120 9.35 -11.42 30.76
N VAL C 121 9.22 -10.09 30.75
CA VAL C 121 9.57 -9.30 29.56
C VAL C 121 10.86 -8.49 29.77
N PHE C 122 11.73 -8.52 28.76
CA PHE C 122 13.02 -7.79 28.76
C PHE C 122 13.20 -7.12 27.41
N ILE C 123 13.74 -5.89 27.42
CA ILE C 123 14.01 -5.15 26.19
C ILE C 123 15.51 -4.81 26.08
N PHE C 124 16.08 -5.01 24.90
CA PHE C 124 17.50 -4.77 24.66
C PHE C 124 17.71 -3.72 23.59
N PRO C 125 18.48 -2.66 23.91
CA PRO C 125 18.86 -1.66 22.92
C PRO C 125 19.90 -2.23 21.95
N PRO C 126 20.07 -1.60 20.77
CA PRO C 126 21.15 -2.06 19.89
C PRO C 126 22.50 -1.84 20.58
N SER C 127 23.48 -2.68 20.29
CA SER C 127 24.79 -2.52 20.88
C SER C 127 25.52 -1.42 20.14
N ASP C 128 26.40 -0.71 20.85
CA ASP C 128 27.28 0.26 20.20
C ASP C 128 28.05 -0.41 19.05
N GLU C 129 28.46 -1.67 19.24
CA GLU C 129 29.18 -2.42 18.21
C GLU C 129 28.39 -2.53 16.91
N GLN C 130 27.07 -2.77 17.02
CA GLN C 130 26.19 -2.88 15.86
C GLN C 130 25.93 -1.54 15.19
N LEU C 131 25.76 -0.50 16.00
CA LEU C 131 25.46 0.82 15.47
C LEU C 131 26.57 1.30 14.52
N LYS C 132 27.81 0.92 14.82
CA LYS C 132 28.98 1.20 13.97
C LYS C 132 28.82 0.73 12.52
N SER C 133 27.98 -0.29 12.32
CA SER C 133 27.71 -0.85 10.99
C SER C 133 26.50 -0.19 10.32
N GLY C 134 25.85 0.73 11.04
CA GLY C 134 24.78 1.54 10.48
C GLY C 134 23.37 0.96 10.54
N THR C 135 23.23 -0.15 11.26
CA THR C 135 21.93 -0.78 11.47
C THR C 135 21.68 -0.89 12.98
N ALA C 136 20.41 -0.78 13.37
CA ALA C 136 20.02 -0.93 14.76
C ALA C 136 18.99 -2.05 14.93
N SER C 137 19.36 -3.07 15.71
CA SER C 137 18.41 -4.12 16.09
C SER C 137 18.02 -3.95 17.55
N VAL C 138 16.72 -3.76 17.78
CA VAL C 138 16.14 -3.69 19.11
C VAL C 138 15.45 -5.02 19.38
N VAL C 139 15.75 -5.63 20.52
CA VAL C 139 15.24 -6.98 20.82
C VAL C 139 14.35 -6.98 22.06
N CYS C 140 13.19 -7.63 21.93
CA CYS C 140 12.30 -7.85 23.06
C CYS C 140 12.16 -9.35 23.34
N LEU C 141 12.34 -9.72 24.60
CA LEU C 141 12.29 -11.12 25.03
C LEU C 141 11.09 -11.34 25.94
N LEU C 142 10.28 -12.35 25.61
CA LEU C 142 9.20 -12.82 26.46
C LEU C 142 9.58 -14.22 26.96
N ASN C 143 9.88 -14.30 28.25
CA ASN C 143 10.45 -15.50 28.82
C ASN C 143 9.45 -16.37 29.60
N ASN C 144 9.47 -17.67 29.29
CA ASN C 144 8.81 -18.71 30.08
C ASN C 144 7.33 -18.47 30.36
N PHE C 145 6.54 -18.50 29.29
CA PHE C 145 5.10 -18.26 29.40
C PHE C 145 4.27 -19.43 28.89
N TYR C 146 3.00 -19.42 29.24
CA TYR C 146 2.05 -20.41 28.76
C TYR C 146 0.62 -19.87 28.88
N PRO C 147 -0.23 -20.10 27.86
CA PRO C 147 0.01 -20.81 26.60
C PRO C 147 0.83 -20.03 25.58
N ARG C 148 1.00 -20.64 24.41
CA ARG C 148 1.92 -20.17 23.37
C ARG C 148 1.54 -18.82 22.75
N GLU C 149 0.23 -18.54 22.66
CA GLU C 149 -0.28 -17.32 22.05
C GLU C 149 0.04 -16.07 22.85
N ALA C 150 0.80 -15.16 22.24
CA ALA C 150 1.19 -13.91 22.87
C ALA C 150 1.27 -12.85 21.79
N LYS C 151 0.92 -11.62 22.14
CA LYS C 151 1.01 -10.50 21.20
C LYS C 151 2.11 -9.52 21.62
N VAL C 152 3.02 -9.25 20.69
CA VAL C 152 4.08 -8.23 20.88
C VAL C 152 3.84 -7.05 19.95
N GLN C 153 3.73 -5.86 20.54
CA GLN C 153 3.53 -4.64 19.79
C GLN C 153 4.72 -3.68 19.99
N TRP C 154 5.36 -3.30 18.89
CA TRP C 154 6.47 -2.36 18.95
C TRP C 154 5.95 -0.96 18.80
N LYS C 155 6.41 -0.07 19.67
CA LYS C 155 6.03 1.34 19.63
C LYS C 155 7.26 2.22 19.69
N VAL C 156 7.40 3.09 18.68
CA VAL C 156 8.49 4.06 18.65
C VAL C 156 7.87 5.45 18.71
N ASP C 157 8.16 6.19 19.79
CA ASP C 157 7.51 7.48 20.08
C ASP C 157 5.98 7.36 19.98
N ASN C 158 5.45 6.26 20.53
CA ASN C 158 4.00 5.95 20.52
C ASN C 158 3.39 5.56 19.19
N ALA C 159 4.21 5.52 18.13
CA ALA C 159 3.75 5.03 16.84
C ALA C 159 3.84 3.51 16.77
N LEU C 160 2.70 2.87 16.51
CA LEU C 160 2.67 1.42 16.27
C LEU C 160 3.47 1.06 15.02
N GLN C 161 4.41 0.13 15.19
CA GLN C 161 5.28 -0.31 14.09
C GLN C 161 4.62 -1.43 13.30
N SER C 162 4.90 -1.45 12.01
CA SER C 162 4.37 -2.47 11.12
C SER C 162 5.44 -2.87 10.12
N GLY C 163 5.56 -4.16 9.86
CA GLY C 163 6.42 -4.68 8.79
C GLY C 163 7.92 -4.53 8.98
N ASN C 164 8.35 -4.06 10.15
CA ASN C 164 9.77 -3.92 10.46
C ASN C 164 10.25 -4.78 11.65
N SER C 165 9.45 -5.76 12.04
CA SER C 165 9.82 -6.72 13.08
C SER C 165 9.70 -8.16 12.62
N GLN C 166 10.50 -9.05 13.20
CA GLN C 166 10.36 -10.48 13.00
C GLN C 166 10.47 -11.16 14.36
N GLU C 167 9.73 -12.26 14.53
CA GLU C 167 9.74 -12.96 15.81
C GLU C 167 9.94 -14.46 15.65
N SER C 168 10.36 -15.10 16.75
CA SER C 168 10.67 -16.52 16.78
C SER C 168 10.23 -17.07 18.13
N VAL C 169 9.72 -18.30 18.18
CA VAL C 169 9.26 -18.89 19.46
C VAL C 169 9.95 -20.24 19.64
N THR C 170 10.37 -20.55 20.87
CA THR C 170 11.00 -21.84 21.18
C THR C 170 9.95 -22.97 21.18
N GLU C 171 10.43 -24.21 21.11
CA GLU C 171 9.56 -25.37 21.34
C GLU C 171 9.28 -25.44 22.83
N GLN C 172 8.21 -26.14 23.21
CA GLN C 172 7.87 -26.27 24.63
C GLN C 172 9.06 -26.79 25.44
N ASP C 173 9.35 -26.12 26.55
CA ASP C 173 10.49 -26.45 27.40
C ASP C 173 10.25 -27.81 28.06
N SER C 174 11.27 -28.66 28.06
CA SER C 174 11.12 -30.02 28.55
C SER C 174 10.96 -30.08 30.07
N LYS C 175 11.32 -29.00 30.77
CA LYS C 175 11.27 -28.98 32.25
C LYS C 175 10.03 -28.29 32.81
N ASP C 176 9.70 -27.10 32.31
CA ASP C 176 8.56 -26.36 32.88
C ASP C 176 7.40 -26.19 31.91
N SER C 177 7.51 -26.78 30.72
CA SER C 177 6.43 -26.79 29.72
C SER C 177 6.02 -25.40 29.22
N THR C 178 6.95 -24.45 29.34
CA THR C 178 6.71 -23.09 28.88
C THR C 178 7.29 -22.84 27.48
N TYR C 179 6.93 -21.68 26.94
CA TYR C 179 7.47 -21.19 25.69
C TYR C 179 8.19 -19.89 25.95
N SER C 180 9.10 -19.55 25.05
CA SER C 180 9.73 -18.24 25.07
C SER C 180 9.69 -17.64 23.68
N LEU C 181 9.74 -16.32 23.61
CA LEU C 181 9.59 -15.60 22.35
C LEU C 181 10.61 -14.46 22.27
N SER C 182 11.16 -14.28 21.07
CA SER C 182 12.07 -13.19 20.76
C SER C 182 11.48 -12.44 19.58
N SER C 183 11.42 -11.12 19.71
CA SER C 183 11.03 -10.22 18.61
C SER C 183 12.18 -9.24 18.36
N THR C 184 12.52 -9.04 17.10
CA THR C 184 13.55 -8.08 16.74
C THR C 184 12.94 -7.01 15.86
N LEU C 185 13.11 -5.77 16.28
CA LEU C 185 12.77 -4.60 15.50
C LEU C 185 14.07 -4.11 14.89
N THR C 186 14.07 -3.94 13.56
CA THR C 186 15.26 -3.54 12.85
C THR C 186 14.97 -2.26 12.08
N LEU C 187 15.86 -1.29 12.22
CA LEU C 187 15.84 -0.06 11.40
C LEU C 187 17.27 0.40 11.16
N SER C 188 17.45 1.30 10.19
CA SER C 188 18.77 1.87 9.92
C SER C 188 19.17 2.74 11.10
N LYS C 189 20.47 2.97 11.25
CA LYS C 189 21.01 3.85 12.30
C LYS C 189 20.41 5.25 12.24
N ALA C 190 20.22 5.76 11.03
CA ALA C 190 19.65 7.09 10.83
C ALA C 190 18.20 7.13 11.31
N ASP C 191 17.42 6.11 10.94
CA ASP C 191 16.02 5.98 11.36
C ASP C 191 15.92 5.83 12.87
N TYR C 192 16.91 5.17 13.46
CA TYR C 192 16.96 4.92 14.90
C TYR C 192 17.15 6.22 15.68
N GLU C 193 17.97 7.11 15.12
CA GLU C 193 18.31 8.34 15.83
C GLU C 193 17.32 9.48 15.64
N LYS C 194 16.37 9.29 14.73
CA LYS C 194 15.26 10.24 14.53
C LYS C 194 14.14 10.06 15.57
N HIS C 195 14.35 9.15 16.52
CA HIS C 195 13.35 8.83 17.53
C HIS C 195 13.95 8.63 18.90
N LYS C 196 13.12 8.77 19.94
CA LYS C 196 13.61 8.70 21.31
C LYS C 196 13.20 7.43 22.08
N VAL C 197 11.89 7.21 22.23
CA VAL C 197 11.37 6.15 23.09
C VAL C 197 11.11 4.85 22.33
N TYR C 198 11.79 3.78 22.74
CA TYR C 198 11.57 2.46 22.15
C TYR C 198 10.88 1.56 23.15
N ALA C 199 9.69 1.10 22.80
CA ALA C 199 8.81 0.36 23.71
C ALA C 199 8.35 -1.00 23.14
N CYS C 200 8.33 -2.01 24.00
CA CYS C 200 7.79 -3.32 23.67
C CYS C 200 6.58 -3.60 24.56
N GLU C 201 5.41 -3.72 23.93
CA GLU C 201 4.15 -3.94 24.64
C GLU C 201 3.62 -5.36 24.40
N VAL C 202 3.39 -6.06 25.50
CA VAL C 202 3.10 -7.48 25.45
C VAL C 202 1.69 -7.76 25.96
N THR C 203 0.90 -8.44 25.14
CA THR C 203 -0.40 -8.96 25.56
C THR C 203 -0.36 -10.47 25.70
N HIS C 204 -0.81 -10.96 26.85
CA HIS C 204 -0.87 -12.39 27.13
C HIS C 204 -1.96 -12.67 28.13
N GLN C 205 -2.57 -13.85 28.03
CA GLN C 205 -3.68 -14.20 28.92
C GLN C 205 -3.28 -14.30 30.39
N GLY C 206 -1.98 -14.48 30.65
CA GLY C 206 -1.44 -14.45 32.01
C GLY C 206 -1.27 -13.04 32.57
N LEU C 207 -1.55 -12.03 31.75
CA LEU C 207 -1.42 -10.64 32.18
C LEU C 207 -2.79 -9.96 32.20
N SER C 208 -3.05 -9.20 33.27
CA SER C 208 -4.29 -8.46 33.45
C SER C 208 -4.47 -7.42 32.35
N SER C 209 -3.46 -6.57 32.18
CA SER C 209 -3.39 -5.60 31.10
C SER C 209 -1.99 -5.67 30.47
N PRO C 210 -1.85 -5.23 29.19
CA PRO C 210 -0.56 -5.33 28.50
C PRO C 210 0.61 -4.73 29.30
N VAL C 211 1.73 -5.45 29.32
CA VAL C 211 2.96 -5.00 29.97
C VAL C 211 3.88 -4.33 28.96
N THR C 212 4.38 -3.13 29.29
CA THR C 212 5.28 -2.41 28.39
C THR C 212 6.68 -2.26 28.98
N LYS C 213 7.69 -2.65 28.21
CA LYS C 213 9.09 -2.41 28.57
C LYS C 213 9.67 -1.44 27.55
N SER C 214 10.42 -0.44 28.03
CA SER C 214 10.94 0.61 27.15
C SER C 214 12.29 1.19 27.61
N PHE C 215 12.92 1.94 26.71
CA PHE C 215 14.12 2.69 27.02
C PHE C 215 14.17 3.94 26.16
N ASN C 216 14.95 4.93 26.59
CA ASN C 216 15.22 6.13 25.81
C ASN C 216 16.61 6.06 25.20
N ARG C 217 16.68 6.23 23.88
CA ARG C 217 17.94 6.19 23.14
C ARG C 217 18.98 7.12 23.77
N GLU D 1 18.75 -56.01 11.49
CA GLU D 1 17.81 -54.85 11.55
C GLU D 1 17.86 -54.03 10.26
N VAL D 2 16.70 -53.49 9.90
CA VAL D 2 16.55 -52.69 8.70
C VAL D 2 17.00 -51.27 9.01
N GLN D 3 17.83 -50.71 8.13
CA GLN D 3 18.27 -49.32 8.28
C GLN D 3 18.31 -48.65 6.92
N LEU D 4 17.72 -47.46 6.83
CA LEU D 4 17.85 -46.59 5.66
C LEU D 4 18.66 -45.38 6.07
N VAL D 5 19.69 -45.08 5.31
CA VAL D 5 20.60 -43.98 5.64
C VAL D 5 20.72 -43.03 4.46
N GLN D 6 20.50 -41.75 4.72
CA GLN D 6 20.46 -40.77 3.64
C GLN D 6 21.74 -39.94 3.58
N SER D 7 22.02 -39.38 2.40
CA SER D 7 23.17 -38.48 2.21
C SER D 7 23.02 -37.17 3.02
N GLY D 8 24.12 -36.43 3.15
CA GLY D 8 24.19 -35.28 4.04
C GLY D 8 23.46 -34.05 3.56
N ALA D 9 23.36 -33.07 4.44
CA ALA D 9 22.64 -31.82 4.15
C ALA D 9 23.21 -31.11 2.93
N GLU D 10 22.35 -30.42 2.20
CA GLU D 10 22.70 -29.74 0.95
C GLU D 10 22.31 -28.27 0.98
N VAL D 11 23.21 -27.42 0.52
CA VAL D 11 22.90 -25.99 0.32
C VAL D 11 23.23 -25.69 -1.14
N LYS D 12 22.23 -25.25 -1.88
CA LYS D 12 22.40 -25.05 -3.30
C LYS D 12 21.79 -23.72 -3.69
N LYS D 13 22.02 -23.32 -4.94
CA LYS D 13 21.47 -22.09 -5.49
C LYS D 13 20.40 -22.46 -6.51
N PRO D 14 19.37 -21.60 -6.69
CA PRO D 14 18.36 -21.85 -7.71
C PRO D 14 19.00 -22.05 -9.07
N GLY D 15 18.51 -23.05 -9.82
CA GLY D 15 19.04 -23.35 -11.14
C GLY D 15 20.05 -24.47 -11.18
N GLU D 16 20.64 -24.78 -10.03
CA GLU D 16 21.56 -25.93 -9.92
C GLU D 16 20.81 -27.25 -9.83
N SER D 17 21.47 -28.31 -10.25
CA SER D 17 20.95 -29.66 -10.13
C SER D 17 21.37 -30.28 -8.79
N LEU D 18 20.67 -31.33 -8.39
CA LEU D 18 20.96 -32.03 -7.13
C LEU D 18 20.46 -33.47 -7.17
N LYS D 19 21.28 -34.39 -6.69
CA LYS D 19 20.89 -35.79 -6.54
C LYS D 19 21.20 -36.22 -5.11
N ILE D 20 20.18 -36.62 -4.37
CA ILE D 20 20.38 -37.10 -2.99
C ILE D 20 20.14 -38.62 -2.95
N SER D 21 20.68 -39.29 -1.94
CA SER D 21 20.68 -40.75 -1.94
C SER D 21 20.18 -41.36 -0.63
N CYS D 22 19.81 -42.64 -0.69
CA CYS D 22 19.22 -43.38 0.42
C CYS D 22 19.67 -44.83 0.27
N LYS D 23 20.40 -45.32 1.26
CA LYS D 23 20.99 -46.64 1.15
C LYS D 23 20.38 -47.53 2.22
N GLY D 24 19.84 -48.67 1.78
CA GLY D 24 19.17 -49.60 2.68
C GLY D 24 19.97 -50.83 3.02
N SER D 25 19.94 -51.22 4.29
CA SER D 25 20.59 -52.46 4.74
C SER D 25 19.69 -53.29 5.62
N GLY D 26 20.04 -54.57 5.78
CA GLY D 26 19.33 -55.42 6.72
C GLY D 26 18.15 -56.16 6.10
N TYR D 27 18.03 -56.07 4.79
CA TYR D 27 16.96 -56.75 4.04
C TYR D 27 17.34 -56.82 2.57
N SER D 28 16.64 -57.67 1.83
CA SER D 28 16.80 -57.74 0.38
C SER D 28 16.26 -56.48 -0.31
N PHE D 29 17.19 -55.65 -0.78
CA PHE D 29 16.85 -54.34 -1.34
C PHE D 29 15.87 -54.35 -2.52
N THR D 30 16.01 -55.31 -3.41
CA THR D 30 15.14 -55.37 -4.59
C THR D 30 13.76 -55.90 -4.23
N SER D 31 13.59 -56.35 -2.99
CA SER D 31 12.33 -56.98 -2.57
C SER D 31 11.30 -56.02 -1.98
N TYR D 32 11.67 -54.75 -1.78
CA TYR D 32 10.73 -53.74 -1.26
C TYR D 32 10.83 -52.43 -2.00
N TRP D 33 9.69 -51.76 -2.17
CA TRP D 33 9.67 -50.43 -2.79
C TRP D 33 10.19 -49.39 -1.81
N ILE D 34 10.74 -48.32 -2.36
CA ILE D 34 11.27 -47.17 -1.61
C ILE D 34 10.50 -45.94 -2.06
N GLY D 35 10.10 -45.13 -1.09
CA GLY D 35 9.39 -43.88 -1.38
C GLY D 35 10.15 -42.66 -0.92
N TRP D 36 9.77 -41.51 -1.48
CA TRP D 36 10.32 -40.23 -1.05
C TRP D 36 9.19 -39.36 -0.59
N VAL D 37 9.48 -38.59 0.44
CA VAL D 37 8.49 -37.80 1.16
C VAL D 37 9.09 -36.43 1.44
N ARG D 38 8.34 -35.39 1.09
CA ARG D 38 8.80 -34.02 1.33
C ARG D 38 8.14 -33.43 2.57
N GLN D 39 8.92 -32.65 3.32
CA GLN D 39 8.43 -31.92 4.47
C GLN D 39 8.97 -30.50 4.42
N MET D 40 8.16 -29.58 3.93
CA MET D 40 8.58 -28.18 3.85
C MET D 40 8.67 -27.60 5.27
N PRO D 41 9.47 -26.51 5.45
CA PRO D 41 9.68 -26.02 6.83
C PRO D 41 8.37 -25.71 7.56
N GLY D 42 8.19 -26.36 8.71
CA GLY D 42 6.99 -26.20 9.51
C GLY D 42 5.71 -26.80 8.93
N LYS D 43 5.83 -27.58 7.86
CA LYS D 43 4.65 -28.17 7.20
C LYS D 43 4.58 -29.70 7.40
N GLY D 44 3.58 -30.34 6.81
CA GLY D 44 3.40 -31.79 6.97
C GLY D 44 4.15 -32.61 5.94
N LEU D 45 3.94 -33.93 5.98
CA LEU D 45 4.58 -34.86 5.06
C LEU D 45 3.80 -34.95 3.75
N GLU D 46 4.53 -35.00 2.64
CA GLU D 46 3.90 -35.11 1.32
C GLU D 46 4.56 -36.26 0.59
N TRP D 47 3.74 -37.21 0.14
CA TRP D 47 4.18 -38.39 -0.62
C TRP D 47 4.54 -37.88 -2.00
N MET D 48 5.79 -38.10 -2.40
CA MET D 48 6.30 -37.62 -3.69
C MET D 48 6.21 -38.69 -4.78
N GLY D 49 6.65 -39.91 -4.44
CA GLY D 49 6.69 -40.99 -5.41
C GLY D 49 7.41 -42.19 -4.82
N ILE D 50 7.36 -43.30 -5.55
CA ILE D 50 7.97 -44.55 -5.09
C ILE D 50 8.61 -45.26 -6.25
N ILE D 51 9.54 -46.14 -5.96
CA ILE D 51 10.23 -46.90 -6.97
C ILE D 51 10.37 -48.34 -6.53
N ASP D 52 10.21 -49.25 -7.49
CA ASP D 52 10.48 -50.67 -7.30
C ASP D 52 11.92 -50.89 -7.78
N PRO D 53 12.87 -51.12 -6.85
CA PRO D 53 14.28 -51.30 -7.23
C PRO D 53 14.57 -52.54 -8.08
N SER D 54 13.68 -53.53 -8.06
CA SER D 54 13.88 -54.74 -8.86
C SER D 54 13.85 -54.46 -10.37
N ASP D 55 13.01 -53.51 -10.79
CA ASP D 55 12.85 -53.24 -12.23
C ASP D 55 12.82 -51.73 -12.58
N SER D 56 12.98 -50.89 -11.55
CA SER D 56 12.97 -49.41 -11.72
C SER D 56 11.63 -48.79 -12.15
N ASP D 57 10.55 -49.54 -11.93
CA ASP D 57 9.17 -49.07 -12.07
C ASP D 57 8.97 -47.92 -11.09
N THR D 58 8.72 -46.73 -11.61
CA THR D 58 8.59 -45.53 -10.78
C THR D 58 7.18 -44.94 -10.89
N ARG D 59 6.59 -44.56 -9.76
CA ARG D 59 5.27 -43.92 -9.74
C ARG D 59 5.37 -42.57 -9.04
N TYR D 60 4.81 -41.53 -9.66
CA TYR D 60 4.90 -40.17 -9.10
C TYR D 60 3.55 -39.59 -8.78
N SER D 61 3.48 -38.82 -7.69
CA SER D 61 2.33 -37.97 -7.45
C SER D 61 2.23 -36.96 -8.60
N PRO D 62 1.00 -36.64 -9.04
CA PRO D 62 0.82 -35.59 -10.05
C PRO D 62 1.45 -34.25 -9.63
N SER D 63 1.56 -34.00 -8.32
CA SER D 63 2.18 -32.75 -7.86
C SER D 63 3.67 -32.72 -8.08
N PHE D 64 4.29 -33.90 -8.16
CA PHE D 64 5.75 -33.98 -8.29
C PHE D 64 6.23 -34.53 -9.65
N GLN D 65 5.30 -35.13 -10.38
CA GLN D 65 5.50 -35.59 -11.76
C GLN D 65 6.16 -34.50 -12.62
N GLY D 66 7.29 -34.82 -13.24
CA GLY D 66 8.01 -33.88 -14.08
C GLY D 66 8.83 -32.81 -13.34
N GLN D 67 8.75 -32.81 -12.00
CA GLN D 67 9.55 -31.92 -11.15
C GLN D 67 10.82 -32.60 -10.62
N VAL D 68 10.72 -33.91 -10.34
CA VAL D 68 11.86 -34.70 -9.85
C VAL D 68 11.95 -36.03 -10.59
N THR D 69 13.11 -36.67 -10.49
CA THR D 69 13.28 -38.03 -10.98
C THR D 69 13.73 -38.93 -9.83
N ILE D 70 13.03 -40.03 -9.66
CA ILE D 70 13.42 -41.05 -8.66
C ILE D 70 14.10 -42.19 -9.42
N SER D 71 15.21 -42.69 -8.90
CA SER D 71 15.93 -43.78 -9.54
C SER D 71 16.48 -44.71 -8.47
N ALA D 72 17.09 -45.81 -8.89
CA ALA D 72 17.73 -46.74 -7.96
C ALA D 72 18.96 -47.38 -8.60
N ASP D 73 19.97 -47.67 -7.80
CA ASP D 73 21.07 -48.52 -8.23
C ASP D 73 21.12 -49.72 -7.31
N LYS D 74 20.49 -50.82 -7.73
CA LYS D 74 20.41 -52.00 -6.86
C LYS D 74 21.79 -52.61 -6.56
N SER D 75 22.76 -52.41 -7.46
CA SER D 75 24.13 -52.92 -7.27
C SER D 75 24.80 -52.37 -6.01
N ILE D 76 24.35 -51.20 -5.54
CA ILE D 76 24.81 -50.67 -4.24
C ILE D 76 23.67 -50.37 -3.25
N SER D 77 22.54 -51.05 -3.44
CA SER D 77 21.36 -50.94 -2.54
C SER D 77 20.97 -49.49 -2.27
N THR D 78 20.97 -48.67 -3.32
CA THR D 78 20.76 -47.25 -3.16
C THR D 78 19.62 -46.72 -4.03
N ALA D 79 18.78 -45.87 -3.44
CA ALA D 79 17.73 -45.16 -4.20
C ALA D 79 18.04 -43.69 -4.19
N TYR D 80 17.57 -42.99 -5.22
CA TYR D 80 17.92 -41.57 -5.43
C TYR D 80 16.72 -40.69 -5.71
N LEU D 81 16.86 -39.40 -5.38
CA LEU D 81 15.91 -38.38 -5.75
C LEU D 81 16.70 -37.24 -6.36
N GLN D 82 16.29 -36.77 -7.54
CA GLN D 82 17.06 -35.74 -8.24
C GLN D 82 16.22 -34.64 -8.88
N TRP D 83 16.82 -33.45 -8.96
CA TRP D 83 16.20 -32.31 -9.63
C TRP D 83 17.19 -31.88 -10.68
N SER D 84 16.70 -31.53 -11.87
CA SER D 84 17.58 -30.96 -12.91
C SER D 84 17.80 -29.47 -12.65
N SER D 85 16.80 -28.81 -12.05
CA SER D 85 16.86 -27.37 -11.81
C SER D 85 16.12 -26.96 -10.55
N LEU D 86 16.87 -26.76 -9.46
CA LEU D 86 16.28 -26.41 -8.17
C LEU D 86 15.66 -25.02 -8.18
N LYS D 87 14.68 -24.82 -7.31
CA LYS D 87 14.07 -23.51 -7.06
C LYS D 87 14.07 -23.28 -5.56
N ALA D 88 14.01 -22.02 -5.14
CA ALA D 88 13.99 -21.69 -3.71
C ALA D 88 12.87 -22.46 -2.99
N SER D 89 11.74 -22.63 -3.67
CA SER D 89 10.59 -23.33 -3.13
C SER D 89 10.83 -24.83 -2.87
N ASP D 90 11.97 -25.37 -3.33
CA ASP D 90 12.34 -26.76 -3.01
C ASP D 90 13.01 -26.94 -1.65
N THR D 91 13.19 -25.83 -0.92
CA THR D 91 13.80 -25.85 0.41
C THR D 91 12.88 -26.66 1.33
N ALA D 92 13.41 -27.77 1.85
CA ALA D 92 12.61 -28.72 2.60
C ALA D 92 13.50 -29.81 3.15
N MET D 93 12.95 -30.57 4.10
CA MET D 93 13.53 -31.85 4.51
C MET D 93 12.97 -32.89 3.54
N TYR D 94 13.82 -33.83 3.12
CA TYR D 94 13.40 -34.95 2.27
C TYR D 94 13.71 -36.26 2.92
N TYR D 95 12.68 -37.08 3.07
CA TYR D 95 12.83 -38.40 3.67
C TYR D 95 12.69 -39.49 2.63
N CYS D 96 13.51 -40.53 2.72
CA CYS D 96 13.22 -41.79 2.04
C CYS D 96 12.63 -42.74 3.06
N ALA D 97 11.83 -43.69 2.58
CA ALA D 97 11.21 -44.67 3.45
C ALA D 97 10.87 -45.92 2.68
N ARG D 98 10.94 -47.06 3.36
CA ARG D 98 10.61 -48.34 2.74
C ARG D 98 9.11 -48.60 2.82
N VAL D 99 8.50 -48.98 1.69
CA VAL D 99 7.09 -49.46 1.69
C VAL D 99 7.08 -50.88 2.24
N GLY D 100 6.19 -51.16 3.18
CA GLY D 100 5.99 -52.50 3.69
C GLY D 100 5.52 -53.48 2.61
N PRO D 101 5.54 -54.78 2.94
CA PRO D 101 5.29 -55.82 1.95
C PRO D 101 3.81 -56.21 1.76
N ALA D 102 2.89 -55.56 2.49
CA ALA D 102 1.48 -55.98 2.48
C ALA D 102 0.73 -55.65 1.17
N ASP D 103 -0.35 -56.40 0.91
CA ASP D 103 -1.25 -56.14 -0.24
C ASP D 103 -2.34 -55.15 0.14
N VAL D 104 -2.82 -54.31 -0.81
CA VAL D 104 -2.21 -54.11 -2.13
C VAL D 104 -0.94 -53.26 -1.93
N TRP D 105 -1.12 -52.14 -1.24
CA TRP D 105 -0.02 -51.24 -0.87
C TRP D 105 0.12 -51.28 0.64
N ASP D 106 1.10 -50.58 1.18
CA ASP D 106 1.39 -50.70 2.60
C ASP D 106 1.88 -49.38 3.16
N SER D 107 1.98 -49.29 4.49
CA SER D 107 2.53 -48.11 5.15
C SER D 107 4.04 -47.99 4.86
N PHE D 108 4.66 -46.91 5.30
CA PHE D 108 6.13 -46.78 5.30
C PHE D 108 6.65 -47.36 6.61
N ASP D 109 7.27 -48.52 6.57
CA ASP D 109 7.62 -49.23 7.81
C ASP D 109 8.96 -48.82 8.43
N TYR D 110 9.89 -48.35 7.58
CA TYR D 110 11.20 -47.86 8.05
C TYR D 110 11.55 -46.58 7.34
N TRP D 111 12.16 -45.64 8.06
CA TRP D 111 12.42 -44.32 7.47
C TRP D 111 13.89 -43.99 7.53
N GLY D 112 14.40 -43.31 6.51
CA GLY D 112 15.70 -42.64 6.60
C GLY D 112 15.68 -41.47 7.60
N GLN D 113 16.88 -40.99 7.97
CA GLN D 113 17.01 -39.90 8.96
C GLN D 113 16.64 -38.53 8.40
N GLY D 114 16.41 -38.46 7.09
CA GLY D 114 16.15 -37.18 6.43
C GLY D 114 17.38 -36.46 5.86
N THR D 115 17.22 -35.84 4.70
CA THR D 115 18.25 -34.96 4.11
C THR D 115 17.67 -33.56 4.03
N LEU D 116 18.34 -32.60 4.67
CA LEU D 116 17.88 -31.22 4.60
C LEU D 116 18.44 -30.57 3.34
N VAL D 117 17.56 -29.95 2.56
CA VAL D 117 17.99 -29.25 1.34
C VAL D 117 17.60 -27.79 1.48
N THR D 118 18.57 -26.88 1.36
CA THR D 118 18.31 -25.44 1.35
C THR D 118 18.67 -24.90 -0.03
N VAL D 119 17.74 -24.15 -0.64
CA VAL D 119 17.97 -23.57 -1.96
C VAL D 119 17.76 -22.06 -1.86
N SER D 120 18.80 -21.30 -2.19
CA SER D 120 18.77 -19.85 -2.04
C SER D 120 19.84 -19.23 -2.91
N SER D 121 19.59 -18.01 -3.37
CA SER D 121 20.57 -17.27 -4.16
C SER D 121 21.67 -16.69 -3.26
N ALA D 122 21.42 -16.65 -1.95
CA ALA D 122 22.38 -16.15 -0.98
C ALA D 122 23.71 -16.90 -1.03
N SER D 123 24.78 -16.24 -0.62
CA SER D 123 26.10 -16.87 -0.56
C SER D 123 26.59 -17.02 0.88
N THR D 124 27.51 -17.97 1.09
CA THR D 124 28.04 -18.27 2.42
C THR D 124 28.54 -17.00 3.07
N LYS D 125 28.11 -16.77 4.30
CA LYS D 125 28.50 -15.56 5.03
C LYS D 125 28.47 -15.86 6.51
N GLY D 126 29.56 -15.52 7.21
CA GLY D 126 29.64 -15.73 8.66
C GLY D 126 28.87 -14.66 9.37
N PRO D 127 28.38 -14.97 10.60
CA PRO D 127 27.57 -13.99 11.33
C PRO D 127 28.41 -12.90 12.00
N SER D 128 27.77 -11.76 12.23
CA SER D 128 28.27 -10.81 13.21
C SER D 128 27.59 -11.21 14.53
N VAL D 129 28.31 -11.08 15.65
CA VAL D 129 27.75 -11.43 16.96
C VAL D 129 27.75 -10.19 17.84
N PHE D 130 26.56 -9.78 18.29
CA PHE D 130 26.40 -8.59 19.10
C PHE D 130 25.82 -8.93 20.48
N PRO D 131 26.34 -8.28 21.55
CA PRO D 131 25.80 -8.49 22.91
C PRO D 131 24.39 -7.99 23.12
N LEU D 132 23.61 -8.78 23.86
CA LEU D 132 22.34 -8.30 24.40
C LEU D 132 22.59 -8.05 25.88
N ALA D 133 22.93 -6.80 26.20
CA ALA D 133 23.40 -6.44 27.54
C ALA D 133 22.25 -6.29 28.53
N PRO D 134 22.40 -6.85 29.75
CA PRO D 134 21.34 -6.83 30.76
C PRO D 134 20.98 -5.41 31.20
N SER D 135 19.68 -5.13 31.30
CA SER D 135 19.17 -3.83 31.74
C SER D 135 19.69 -3.45 33.13
N SER D 136 19.88 -2.16 33.34
CA SER D 136 20.35 -1.65 34.64
C SER D 136 19.19 -1.24 35.56
N LYS D 137 17.98 -1.23 35.02
CA LYS D 137 16.77 -1.01 35.83
C LYS D 137 16.53 -2.20 36.75
N SER D 138 15.99 -1.94 37.93
CA SER D 138 15.83 -2.95 38.99
C SER D 138 14.87 -4.08 38.61
N THR D 139 15.33 -5.31 38.80
CA THR D 139 14.58 -6.51 38.44
C THR D 139 13.41 -6.76 39.39
N SER D 140 12.39 -7.47 38.89
CA SER D 140 11.21 -7.82 39.68
C SER D 140 11.52 -8.81 40.81
N GLY D 141 12.46 -9.72 40.56
CA GLY D 141 12.88 -10.69 41.55
C GLY D 141 14.36 -11.06 41.52
N GLY D 142 15.20 -10.10 41.16
CA GLY D 142 16.65 -10.30 41.14
C GLY D 142 17.13 -11.23 40.03
N THR D 143 16.42 -11.17 38.89
CA THR D 143 16.80 -11.93 37.71
C THR D 143 17.17 -10.96 36.60
N ALA D 144 18.28 -11.25 35.93
CA ALA D 144 18.72 -10.45 34.80
C ALA D 144 18.76 -11.30 33.53
N ALA D 145 18.37 -10.72 32.41
CA ALA D 145 18.44 -11.42 31.15
C ALA D 145 19.57 -10.85 30.29
N LEU D 146 20.39 -11.73 29.75
CA LEU D 146 21.42 -11.33 28.80
C LEU D 146 21.46 -12.28 27.61
N GLY D 147 22.12 -11.86 26.54
CA GLY D 147 22.16 -12.70 25.35
C GLY D 147 23.15 -12.27 24.31
N CYS D 148 23.07 -12.94 23.16
CA CYS D 148 23.87 -12.63 21.99
C CYS D 148 22.95 -12.66 20.79
N LEU D 149 23.10 -11.68 19.91
CA LEU D 149 22.39 -11.61 18.64
C LEU D 149 23.35 -12.08 17.55
N VAL D 150 22.94 -13.12 16.84
CA VAL D 150 23.79 -13.74 15.82
C VAL D 150 23.14 -13.35 14.49
N LYS D 151 23.68 -12.30 13.88
CA LYS D 151 23.01 -11.63 12.77
C LYS D 151 23.68 -11.82 11.41
N ASP D 152 22.86 -11.95 10.37
CA ASP D 152 23.31 -11.93 8.97
C ASP D 152 24.29 -13.02 8.60
N TYR D 153 23.83 -14.27 8.69
CA TYR D 153 24.64 -15.39 8.28
C TYR D 153 23.89 -16.25 7.28
N PHE D 154 24.65 -17.07 6.56
CA PHE D 154 24.10 -18.06 5.63
C PHE D 154 25.18 -19.09 5.36
N PRO D 155 24.81 -20.39 5.26
CA PRO D 155 23.48 -20.92 5.52
C PRO D 155 23.29 -21.27 6.99
N GLU D 156 22.14 -21.84 7.32
CA GLU D 156 21.95 -22.51 8.60
C GLU D 156 22.82 -23.77 8.62
N PRO D 157 23.12 -24.30 9.82
CA PRO D 157 22.82 -23.74 11.12
C PRO D 157 24.02 -23.05 11.74
N VAL D 158 23.79 -22.30 12.82
CA VAL D 158 24.85 -21.96 13.75
C VAL D 158 24.65 -22.74 15.03
N THR D 159 25.74 -23.06 15.73
CA THR D 159 25.65 -23.59 17.08
C THR D 159 26.01 -22.48 18.05
N VAL D 160 25.17 -22.30 19.06
CA VAL D 160 25.48 -21.39 20.15
C VAL D 160 25.53 -22.22 21.45
N SER D 161 26.58 -22.02 22.24
CA SER D 161 26.60 -22.54 23.60
C SER D 161 26.99 -21.39 24.50
N TRP D 162 26.83 -21.58 25.81
CA TRP D 162 27.24 -20.59 26.80
C TRP D 162 28.27 -21.19 27.69
N ASN D 163 29.37 -20.46 27.93
CA ASN D 163 30.48 -20.94 28.76
C ASN D 163 30.96 -22.33 28.36
N SER D 164 31.26 -22.48 27.06
CA SER D 164 31.78 -23.71 26.45
C SER D 164 30.86 -24.93 26.65
N GLY D 165 29.59 -24.67 26.90
CA GLY D 165 28.60 -25.73 27.05
C GLY D 165 28.25 -26.07 28.49
N ALA D 166 28.97 -25.49 29.45
CA ALA D 166 28.73 -25.70 30.88
C ALA D 166 27.44 -25.03 31.38
N LEU D 167 27.02 -23.95 30.71
CA LEU D 167 25.80 -23.24 31.10
C LEU D 167 24.64 -23.62 30.18
N THR D 168 23.67 -24.31 30.75
CA THR D 168 22.50 -24.75 30.00
C THR D 168 21.20 -24.28 30.65
N SER D 169 21.22 -24.13 31.98
CA SER D 169 19.99 -23.77 32.68
C SER D 169 19.65 -22.30 32.39
N GLY D 170 18.39 -22.07 32.05
CA GLY D 170 17.91 -20.73 31.71
C GLY D 170 18.29 -20.26 30.31
N VAL D 171 18.98 -21.09 29.53
CA VAL D 171 19.35 -20.70 28.16
C VAL D 171 18.20 -20.92 27.17
N HIS D 172 17.89 -19.92 26.34
CA HIS D 172 17.01 -20.13 25.18
C HIS D 172 17.68 -19.69 23.91
N THR D 173 17.96 -20.63 23.02
CA THR D 173 18.48 -20.30 21.71
C THR D 173 17.32 -20.42 20.75
N PHE D 174 16.94 -19.29 20.17
CA PHE D 174 15.71 -19.21 19.36
C PHE D 174 15.94 -19.71 17.94
N PRO D 175 14.89 -20.25 17.30
CA PRO D 175 14.99 -20.52 15.87
C PRO D 175 15.37 -19.26 15.08
N ALA D 176 16.23 -19.42 14.08
CA ALA D 176 16.65 -18.33 13.22
C ALA D 176 15.43 -17.79 12.45
N VAL D 177 15.46 -16.51 12.12
CA VAL D 177 14.47 -15.94 11.18
C VAL D 177 15.19 -15.63 9.87
N LEU D 178 14.53 -15.91 8.75
CA LEU D 178 15.11 -15.58 7.47
C LEU D 178 14.68 -14.15 7.14
N GLN D 179 15.67 -13.28 6.99
CA GLN D 179 15.44 -11.86 6.73
C GLN D 179 15.23 -11.66 5.24
N SER D 180 14.57 -10.57 4.88
CA SER D 180 14.23 -10.32 3.47
C SER D 180 15.50 -10.15 2.62
N SER D 181 16.62 -9.90 3.31
CA SER D 181 17.95 -9.87 2.70
C SER D 181 18.40 -11.26 2.24
N GLY D 182 17.73 -12.32 2.70
CA GLY D 182 18.17 -13.69 2.42
C GLY D 182 19.14 -14.28 3.44
N LEU D 183 19.51 -13.47 4.44
CA LEU D 183 20.40 -13.92 5.51
C LEU D 183 19.61 -14.22 6.80
N TYR D 184 20.11 -15.17 7.59
CA TYR D 184 19.44 -15.56 8.83
C TYR D 184 19.92 -14.73 9.99
N SER D 185 19.06 -14.63 11.00
CA SER D 185 19.37 -13.93 12.24
C SER D 185 18.74 -14.74 13.37
N LEU D 186 19.49 -14.88 14.47
CA LEU D 186 19.06 -15.66 15.62
C LEU D 186 19.49 -14.94 16.89
N SER D 187 18.68 -15.04 17.94
CA SER D 187 19.09 -14.59 19.27
C SER D 187 19.27 -15.80 20.19
N SER D 188 20.19 -15.67 21.15
CA SER D 188 20.33 -16.67 22.21
C SER D 188 20.36 -15.87 23.49
N VAL D 189 19.54 -16.27 24.46
CA VAL D 189 19.46 -15.56 25.75
C VAL D 189 19.66 -16.52 26.92
N VAL D 190 19.98 -15.97 28.07
CA VAL D 190 20.03 -16.74 29.29
C VAL D 190 19.60 -15.79 30.41
N THR D 191 18.78 -16.28 31.33
CA THR D 191 18.49 -15.53 32.55
C THR D 191 19.37 -16.06 33.68
N VAL D 192 19.88 -15.13 34.49
CA VAL D 192 20.88 -15.44 35.51
C VAL D 192 20.60 -14.62 36.77
N PRO D 193 21.16 -15.03 37.95
CA PRO D 193 20.99 -14.19 39.13
C PRO D 193 21.59 -12.79 38.94
N SER D 194 20.79 -11.76 39.19
CA SER D 194 21.25 -10.37 39.12
C SER D 194 22.49 -10.14 39.96
N SER D 195 22.58 -10.89 41.06
CA SER D 195 23.68 -10.72 42.01
C SER D 195 24.98 -11.38 41.54
N SER D 196 24.90 -12.16 40.46
CA SER D 196 26.09 -12.77 39.89
C SER D 196 26.67 -11.96 38.71
N LEU D 197 26.02 -10.84 38.37
CA LEU D 197 26.42 -10.02 37.22
C LEU D 197 27.77 -9.34 37.38
N GLY D 198 28.00 -8.72 38.53
CA GLY D 198 29.25 -8.03 38.80
C GLY D 198 30.46 -8.94 38.97
N THR D 199 30.21 -10.24 39.16
CA THR D 199 31.27 -11.15 39.58
C THR D 199 31.47 -12.39 38.70
N GLN D 200 30.51 -12.69 37.84
CA GLN D 200 30.56 -13.90 37.01
C GLN D 200 30.60 -13.61 35.51
N THR D 201 31.46 -14.34 34.80
CA THR D 201 31.67 -14.14 33.36
C THR D 201 30.71 -14.97 32.51
N TYR D 202 30.06 -14.30 31.56
CA TYR D 202 29.19 -14.97 30.60
C TYR D 202 29.69 -14.80 29.16
N ILE D 203 29.92 -15.93 28.50
CA ILE D 203 30.45 -15.94 27.13
C ILE D 203 29.57 -16.80 26.24
N CYS D 204 29.06 -16.22 25.16
CA CYS D 204 28.39 -17.05 24.16
C CYS D 204 29.37 -17.49 23.07
N ASN D 205 29.33 -18.79 22.76
CA ASN D 205 30.23 -19.38 21.79
C ASN D 205 29.47 -19.69 20.50
N VAL D 206 29.80 -18.94 19.46
CA VAL D 206 29.10 -19.06 18.20
C VAL D 206 29.99 -19.79 17.21
N ASN D 207 29.47 -20.85 16.63
CA ASN D 207 30.19 -21.56 15.58
C ASN D 207 29.34 -21.67 14.32
N HIS D 208 29.89 -21.18 13.22
CA HIS D 208 29.27 -21.27 11.91
C HIS D 208 30.23 -21.98 11.00
N LYS D 209 30.07 -23.30 10.90
CA LYS D 209 30.98 -24.16 10.15
C LYS D 209 31.19 -23.80 8.66
N PRO D 210 30.09 -23.54 7.90
CA PRO D 210 30.26 -23.20 6.47
C PRO D 210 31.21 -22.05 6.16
N SER D 211 31.29 -21.07 7.06
CA SER D 211 32.15 -19.91 6.83
C SER D 211 33.41 -19.95 7.69
N ASN D 212 33.63 -21.09 8.34
CA ASN D 212 34.73 -21.27 9.30
C ASN D 212 34.82 -20.12 10.33
N THR D 213 33.67 -19.70 10.84
CA THR D 213 33.59 -18.62 11.84
C THR D 213 33.35 -19.20 13.22
N LYS D 214 34.21 -18.82 14.17
CA LYS D 214 34.02 -19.15 15.57
C LYS D 214 34.27 -17.88 16.37
N VAL D 215 33.25 -17.44 17.12
CA VAL D 215 33.32 -16.19 17.90
C VAL D 215 32.99 -16.52 19.35
N ASP D 216 33.73 -15.93 20.29
CA ASP D 216 33.39 -15.97 21.70
C ASP D 216 33.19 -14.54 22.16
N LYS D 217 31.99 -14.23 22.62
CA LYS D 217 31.65 -12.87 23.02
C LYS D 217 31.27 -12.86 24.50
N LYS D 218 32.10 -12.20 25.31
CA LYS D 218 31.75 -11.94 26.69
C LYS D 218 30.67 -10.84 26.69
N VAL D 219 29.57 -11.09 27.40
CA VAL D 219 28.46 -10.16 27.46
C VAL D 219 28.44 -9.52 28.85
N GLU D 220 28.44 -8.19 28.91
CA GLU D 220 28.52 -7.46 30.17
C GLU D 220 27.52 -6.28 30.25
N PRO D 221 27.14 -5.86 31.47
CA PRO D 221 26.10 -4.83 31.74
C PRO D 221 26.20 -3.56 30.89
N ASP E 1 4.22 37.96 9.09
CA ASP E 1 5.67 37.88 8.75
C ASP E 1 5.90 38.13 7.25
N ILE E 2 7.06 38.69 6.92
CA ILE E 2 7.50 38.77 5.54
C ILE E 2 8.73 37.87 5.45
N VAL E 3 8.65 36.89 4.55
CA VAL E 3 9.71 35.92 4.35
C VAL E 3 10.65 36.41 3.24
N MET E 4 11.94 36.37 3.52
CA MET E 4 12.96 36.84 2.57
C MET E 4 13.78 35.64 2.10
N THR E 5 13.84 35.44 0.79
CA THR E 5 14.50 34.29 0.22
C THR E 5 15.59 34.72 -0.74
N GLN E 6 16.82 34.39 -0.40
CA GLN E 6 18.00 34.76 -1.20
C GLN E 6 18.28 33.64 -2.19
N SER E 7 18.84 34.01 -3.33
CA SER E 7 19.25 33.06 -4.36
C SER E 7 20.52 33.59 -5.04
N PRO E 8 21.57 32.76 -5.16
CA PRO E 8 21.70 31.38 -4.66
C PRO E 8 21.99 31.37 -3.16
N ASP E 9 22.11 30.18 -2.57
CA ASP E 9 22.59 30.05 -1.19
C ASP E 9 24.11 30.16 -1.12
N SER E 10 24.77 29.63 -2.14
CA SER E 10 26.22 29.64 -2.24
C SER E 10 26.63 30.14 -3.62
N LEU E 11 27.65 30.98 -3.67
CA LEU E 11 28.05 31.62 -4.91
C LEU E 11 29.57 31.62 -5.04
N ALA E 12 30.06 31.04 -6.13
CA ALA E 12 31.48 31.03 -6.39
C ALA E 12 31.78 31.83 -7.65
N VAL E 13 32.72 32.76 -7.52
CA VAL E 13 33.00 33.77 -8.54
C VAL E 13 34.52 33.97 -8.61
N SER E 14 35.07 34.00 -9.84
CA SER E 14 36.51 34.20 -10.04
C SER E 14 36.90 35.61 -9.63
N LEU E 15 38.12 35.77 -9.11
CA LEU E 15 38.64 37.07 -8.72
C LEU E 15 38.49 38.09 -9.87
N GLY E 16 38.05 39.30 -9.54
CA GLY E 16 37.85 40.35 -10.55
C GLY E 16 36.53 40.27 -11.32
N GLU E 17 35.83 39.14 -11.25
CA GLU E 17 34.58 38.99 -11.99
C GLU E 17 33.31 39.47 -11.24
N ARG E 18 32.21 39.56 -11.97
CA ARG E 18 30.95 40.11 -11.46
C ARG E 18 30.21 39.10 -10.59
N ALA E 19 29.67 39.55 -9.46
CA ALA E 19 28.90 38.69 -8.56
C ALA E 19 27.46 39.22 -8.43
N THR E 20 26.46 38.34 -8.54
CA THR E 20 25.05 38.74 -8.45
C THR E 20 24.32 37.88 -7.40
N ILE E 21 23.62 38.54 -6.48
CA ILE E 21 22.81 37.85 -5.44
C ILE E 21 21.41 38.45 -5.52
N ASN E 22 20.40 37.58 -5.59
CA ASN E 22 19.00 38.00 -5.65
C ASN E 22 18.31 37.83 -4.29
N CYS E 23 17.29 38.65 -4.07
CA CYS E 23 16.50 38.59 -2.87
C CYS E 23 15.03 38.82 -3.25
N LYS E 24 14.17 37.90 -2.86
CA LYS E 24 12.72 38.04 -3.09
C LYS E 24 11.98 38.12 -1.76
N SER E 25 11.12 39.13 -1.62
CA SER E 25 10.25 39.21 -0.42
C SER E 25 8.89 38.59 -0.74
N SER E 26 8.21 38.04 0.27
CA SER E 26 6.93 37.35 0.06
C SER E 26 5.79 38.34 -0.19
N GLN E 27 6.00 39.59 0.19
CA GLN E 27 5.07 40.69 -0.06
C GLN E 27 5.94 41.87 -0.49
N SER E 28 5.34 42.88 -1.11
CA SER E 28 6.10 44.05 -1.55
C SER E 28 6.62 44.82 -0.34
N VAL E 29 7.84 45.37 -0.46
CA VAL E 29 8.40 46.22 0.58
C VAL E 29 8.52 47.67 0.10
N LEU E 30 7.79 48.00 -0.97
CA LEU E 30 7.74 49.37 -1.44
C LEU E 30 6.81 50.16 -0.55
N LEU E 31 7.38 51.15 0.13
CA LEU E 31 6.61 52.06 0.96
C LEU E 31 6.25 53.24 0.08
N SER E 32 5.11 53.12 -0.61
CA SER E 32 4.68 54.06 -1.65
C SER E 32 4.66 55.53 -1.23
N PRO E 33 4.04 55.84 -0.07
CA PRO E 33 3.95 57.25 0.32
C PRO E 33 5.29 57.91 0.68
N TRP E 34 6.31 57.11 0.93
CA TRP E 34 7.68 57.60 1.15
C TRP E 34 8.56 57.34 -0.04
N ASN E 35 7.96 56.76 -1.08
CA ASN E 35 8.66 56.29 -2.28
C ASN E 35 10.03 55.65 -2.01
N SER E 36 10.00 54.59 -1.22
CA SER E 36 11.22 53.93 -0.79
C SER E 36 10.98 52.45 -0.65
N ASN E 37 11.82 51.64 -1.29
CA ASN E 37 11.83 50.21 -1.01
C ASN E 37 12.60 49.96 0.27
N GLN E 38 11.94 49.33 1.25
CA GLN E 38 12.49 49.24 2.59
C GLN E 38 13.33 47.98 2.66
N LEU E 39 14.52 48.04 2.05
CA LEU E 39 15.35 46.84 1.81
C LEU E 39 16.83 47.21 2.05
N ALA E 40 17.50 46.41 2.87
CA ALA E 40 18.94 46.61 3.19
C ALA E 40 19.76 45.37 2.85
N TRP E 41 21.03 45.60 2.52
CA TRP E 41 21.98 44.52 2.29
C TRP E 41 23.08 44.69 3.30
N TYR E 42 23.51 43.59 3.90
CA TYR E 42 24.58 43.58 4.90
C TYR E 42 25.65 42.62 4.47
N GLN E 43 26.91 42.93 4.81
CA GLN E 43 28.03 42.03 4.57
C GLN E 43 28.51 41.58 5.94
N GLN E 44 28.77 40.29 6.09
CA GLN E 44 29.37 39.76 7.29
C GLN E 44 30.59 38.91 6.92
N LYS E 45 31.77 39.47 7.18
CA LYS E 45 33.03 38.76 6.97
C LYS E 45 33.26 37.76 8.10
N PRO E 46 34.04 36.68 7.84
CA PRO E 46 34.30 35.66 8.87
C PRO E 46 34.78 36.25 10.20
N GLY E 47 34.14 35.84 11.29
CA GLY E 47 34.49 36.29 12.63
C GLY E 47 34.08 37.72 12.96
N GLN E 48 33.37 38.38 12.06
CA GLN E 48 33.05 39.78 12.25
C GLN E 48 31.55 40.01 12.37
N PRO E 49 31.15 41.15 12.98
CA PRO E 49 29.75 41.56 12.95
C PRO E 49 29.26 41.90 11.54
N PRO E 50 27.94 41.82 11.30
CA PRO E 50 27.42 42.34 10.03
C PRO E 50 27.68 43.83 9.88
N LYS E 51 27.78 44.29 8.64
CA LYS E 51 27.93 45.70 8.36
C LYS E 51 26.96 46.13 7.27
N LEU E 52 26.29 47.26 7.46
CA LEU E 52 25.35 47.76 6.47
C LEU E 52 26.09 48.22 5.18
N LEU E 53 25.65 47.70 4.04
CA LEU E 53 26.18 48.11 2.73
C LEU E 53 25.22 49.00 1.94
N ILE E 54 23.96 48.58 1.86
CA ILE E 54 22.97 49.25 1.02
C ILE E 54 21.69 49.42 1.83
N TYR E 55 21.06 50.59 1.74
CA TYR E 55 19.71 50.76 2.30
C TYR E 55 18.77 51.35 1.25
N GLY E 56 17.47 51.32 1.54
CA GLY E 56 16.46 51.78 0.57
C GLY E 56 16.64 51.08 -0.78
N ALA E 57 17.01 49.81 -0.74
CA ALA E 57 17.29 48.97 -1.93
C ALA E 57 18.51 49.34 -2.78
N SER E 58 18.82 50.62 -2.93
CA SER E 58 19.80 51.04 -3.94
C SER E 58 20.80 52.11 -3.51
N THR E 59 20.70 52.59 -2.27
CA THR E 59 21.59 53.64 -1.75
C THR E 59 22.77 53.03 -0.98
N ARG E 60 24.00 53.30 -1.45
CA ARG E 60 25.18 52.87 -0.70
C ARG E 60 25.34 53.68 0.57
N GLU E 61 25.59 52.99 1.67
CA GLU E 61 25.99 53.64 2.91
C GLU E 61 27.32 54.37 2.71
N SER E 62 27.53 55.40 3.51
CA SER E 62 28.75 56.21 3.49
C SER E 62 29.97 55.31 3.62
N GLY E 63 30.97 55.54 2.78
CA GLY E 63 32.23 54.78 2.86
C GLY E 63 32.26 53.45 2.12
N VAL E 64 31.10 52.98 1.68
CA VAL E 64 30.99 51.69 0.99
C VAL E 64 31.54 51.83 -0.44
N PRO E 65 32.44 50.92 -0.86
CA PRO E 65 33.01 51.02 -2.22
C PRO E 65 31.98 51.01 -3.38
N ASP E 66 32.35 51.71 -4.45
CA ASP E 66 31.59 51.79 -5.72
C ASP E 66 31.12 50.46 -6.26
N ARG E 67 31.92 49.41 -6.06
CA ARG E 67 31.64 48.11 -6.67
C ARG E 67 30.37 47.43 -6.16
N PHE E 68 29.89 47.83 -4.99
CA PHE E 68 28.65 47.28 -4.44
C PHE E 68 27.47 48.10 -4.91
N SER E 69 26.50 47.48 -5.59
CA SER E 69 25.31 48.21 -5.97
C SER E 69 24.05 47.40 -5.72
N GLY E 70 22.99 48.08 -5.32
CA GLY E 70 21.71 47.41 -5.11
C GLY E 70 20.68 47.86 -6.12
N SER E 71 19.85 46.92 -6.57
CA SER E 71 18.75 47.29 -7.47
C SER E 71 17.49 46.47 -7.19
N GLY E 72 16.40 46.86 -7.85
CA GLY E 72 15.13 46.16 -7.71
C GLY E 72 14.03 47.00 -7.09
N SER E 73 12.82 46.46 -7.07
CA SER E 73 11.67 47.18 -6.53
C SER E 73 10.57 46.20 -6.20
N GLY E 74 9.79 46.53 -5.17
CA GLY E 74 8.63 45.73 -4.81
C GLY E 74 9.02 44.46 -4.09
N THR E 75 9.15 43.37 -4.84
CA THR E 75 9.42 42.07 -4.23
C THR E 75 10.72 41.45 -4.74
N ASP E 76 11.35 42.07 -5.73
CA ASP E 76 12.51 41.45 -6.40
C ASP E 76 13.75 42.36 -6.38
N PHE E 77 14.81 41.89 -5.74
CA PHE E 77 15.98 42.73 -5.46
C PHE E 77 17.27 42.05 -5.83
N THR E 78 18.29 42.85 -6.14
CA THR E 78 19.60 42.30 -6.53
C THR E 78 20.75 43.11 -5.95
N LEU E 79 21.71 42.41 -5.36
CA LEU E 79 23.01 43.00 -5.00
C LEU E 79 24.03 42.57 -6.03
N THR E 80 24.73 43.55 -6.60
CA THR E 80 25.76 43.25 -7.61
C THR E 80 27.10 43.72 -7.07
N ILE E 81 28.12 42.87 -7.18
CA ILE E 81 29.51 43.31 -6.99
C ILE E 81 30.18 43.37 -8.39
N SER E 82 30.55 44.56 -8.83
CA SER E 82 30.96 44.76 -10.23
C SER E 82 32.26 44.00 -10.55
N SER E 83 33.14 43.89 -9.56
CA SER E 83 34.41 43.19 -9.72
C SER E 83 34.79 42.65 -8.35
N LEU E 84 34.68 41.33 -8.17
CA LEU E 84 34.95 40.74 -6.86
C LEU E 84 36.42 40.86 -6.45
N GLN E 85 36.66 41.52 -5.33
CA GLN E 85 37.99 41.61 -4.72
C GLN E 85 38.16 40.52 -3.67
N ALA E 86 39.40 40.26 -3.27
CA ALA E 86 39.72 39.22 -2.30
C ALA E 86 39.00 39.48 -0.99
N GLU E 87 38.99 40.74 -0.57
CA GLU E 87 38.37 41.14 0.70
C GLU E 87 36.83 41.03 0.72
N ASP E 88 36.21 40.72 -0.42
CA ASP E 88 34.75 40.65 -0.52
C ASP E 88 34.16 39.27 -0.17
N VAL E 89 35.02 38.29 0.09
CA VAL E 89 34.54 36.95 0.46
C VAL E 89 33.84 37.08 1.82
N ALA E 90 32.59 36.64 1.88
CA ALA E 90 31.72 36.98 3.01
C ALA E 90 30.37 36.33 2.80
N VAL E 91 29.54 36.38 3.85
CA VAL E 91 28.12 36.09 3.68
C VAL E 91 27.40 37.44 3.55
N TYR E 92 26.48 37.52 2.60
CA TYR E 92 25.68 38.72 2.37
C TYR E 92 24.23 38.42 2.69
N TYR E 93 23.59 39.34 3.41
CA TYR E 93 22.23 39.20 3.87
C TYR E 93 21.38 40.32 3.34
N CYS E 94 20.19 40.00 2.80
CA CYS E 94 19.21 41.06 2.59
C CYS E 94 18.31 41.13 3.83
N GLN E 95 17.56 42.22 3.98
CA GLN E 95 16.67 42.39 5.12
C GLN E 95 15.56 43.33 4.68
N GLN E 96 14.31 43.02 5.06
CA GLN E 96 13.24 44.00 4.88
C GLN E 96 13.03 44.76 6.17
N TYR E 97 12.80 46.06 6.08
CA TYR E 97 12.41 46.84 7.25
C TYR E 97 11.15 47.64 6.94
N TYR E 98 10.30 47.04 6.09
CA TYR E 98 8.97 47.59 5.80
C TYR E 98 8.15 47.61 7.09
N LEU E 99 8.20 46.52 7.82
CA LEU E 99 7.51 46.39 9.10
C LEU E 99 8.43 45.70 10.10
N ILE E 100 7.97 45.58 11.35
CA ILE E 100 8.66 44.75 12.34
C ILE E 100 7.82 43.50 12.57
N PRO E 101 8.47 42.33 12.79
CA PRO E 101 9.90 42.00 12.75
C PRO E 101 10.53 42.33 11.41
N SER E 102 11.72 42.93 11.47
CA SER E 102 12.41 43.31 10.26
C SER E 102 13.34 42.17 9.84
N THR E 103 12.78 41.21 9.10
CA THR E 103 13.41 39.91 8.89
C THR E 103 14.51 39.88 7.83
N PHE E 104 15.47 39.01 8.05
CA PHE E 104 16.62 38.83 7.19
C PHE E 104 16.39 37.70 6.20
N GLY E 105 17.00 37.78 5.02
CA GLY E 105 17.17 36.60 4.17
C GLY E 105 18.05 35.60 4.88
N GLN E 106 18.20 34.41 4.30
CA GLN E 106 18.97 33.34 4.93
C GLN E 106 20.48 33.51 4.74
N GLY E 107 20.89 34.40 3.85
CA GLY E 107 22.31 34.64 3.61
C GLY E 107 22.82 33.90 2.39
N THR E 108 23.76 34.52 1.70
CA THR E 108 24.41 33.94 0.53
C THR E 108 25.90 34.00 0.80
N LYS E 109 26.56 32.85 0.81
CA LYS E 109 27.99 32.80 1.03
C LYS E 109 28.75 32.96 -0.28
N VAL E 110 29.60 33.98 -0.33
CA VAL E 110 30.42 34.28 -1.51
C VAL E 110 31.86 33.83 -1.30
N GLU E 111 32.33 33.00 -2.21
CA GLU E 111 33.69 32.51 -2.19
C GLU E 111 34.31 32.64 -3.56
N ILE E 112 35.64 32.48 -3.61
CA ILE E 112 36.40 32.54 -4.85
C ILE E 112 36.33 31.23 -5.66
N LYS E 113 35.89 31.33 -6.92
CA LYS E 113 36.06 30.29 -7.94
C LYS E 113 37.52 30.06 -8.31
N ARG E 114 37.93 28.78 -8.40
CA ARG E 114 39.25 28.45 -8.93
C ARG E 114 39.14 27.12 -9.64
N THR E 115 40.25 26.66 -10.21
CA THR E 115 40.27 25.39 -10.95
C THR E 115 40.13 24.25 -9.96
N VAL E 116 39.44 23.19 -10.38
CA VAL E 116 39.27 21.96 -9.60
C VAL E 116 40.66 21.49 -9.17
N ALA E 117 40.82 21.17 -7.88
CA ALA E 117 42.08 20.63 -7.36
C ALA E 117 41.81 19.45 -6.41
N ALA E 118 42.44 18.32 -6.69
CA ALA E 118 42.33 17.10 -5.86
C ALA E 118 43.06 17.22 -4.51
N PRO E 119 42.47 16.63 -3.43
CA PRO E 119 43.13 16.71 -2.13
C PRO E 119 44.35 15.82 -2.07
N SER E 120 45.34 16.23 -1.29
CA SER E 120 46.42 15.36 -0.86
C SER E 120 45.94 14.67 0.40
N VAL E 121 45.85 13.33 0.38
CA VAL E 121 45.26 12.54 1.49
C VAL E 121 46.34 11.89 2.36
N PHE E 122 46.26 12.11 3.67
CA PHE E 122 47.16 11.54 4.66
C PHE E 122 46.38 10.81 5.75
N ILE E 123 46.96 9.76 6.31
CA ILE E 123 46.33 9.06 7.44
C ILE E 123 47.30 8.99 8.64
N PHE E 124 46.74 9.22 9.83
CA PHE E 124 47.54 9.20 11.05
C PHE E 124 46.93 8.19 12.00
N PRO E 125 47.71 7.15 12.36
CA PRO E 125 47.32 6.20 13.40
C PRO E 125 47.32 6.87 14.77
N PRO E 126 46.52 6.33 15.72
CA PRO E 126 46.58 6.84 17.10
C PRO E 126 47.99 6.78 17.69
N SER E 127 48.33 7.75 18.54
CA SER E 127 49.62 7.75 19.22
C SER E 127 49.62 6.74 20.36
N ASP E 128 50.79 6.20 20.67
CA ASP E 128 50.93 5.28 21.81
C ASP E 128 50.48 5.98 23.09
N GLU E 129 50.71 7.29 23.15
CA GLU E 129 50.30 8.12 24.28
C GLU E 129 48.77 8.13 24.43
N GLN E 130 48.05 8.24 23.32
CA GLN E 130 46.60 8.23 23.38
C GLN E 130 46.07 6.84 23.78
N LEU E 131 46.69 5.80 23.26
CA LEU E 131 46.27 4.42 23.55
C LEU E 131 46.28 4.14 25.05
N LYS E 132 47.28 4.67 25.76
CA LYS E 132 47.35 4.57 27.24
C LYS E 132 46.07 5.04 27.93
N SER E 133 45.37 6.01 27.32
CA SER E 133 44.17 6.60 27.92
C SER E 133 42.91 5.76 27.74
N GLY E 134 42.96 4.77 26.84
CA GLY E 134 41.83 3.87 26.61
C GLY E 134 41.00 4.18 25.38
N THR E 135 41.44 5.18 24.62
CA THR E 135 40.72 5.64 23.44
C THR E 135 41.70 5.75 22.27
N ALA E 136 41.17 5.54 21.06
CA ALA E 136 41.98 5.58 19.85
C ALA E 136 41.32 6.48 18.81
N SER E 137 42.01 7.56 18.45
CA SER E 137 41.55 8.45 17.40
C SER E 137 42.42 8.22 16.18
N VAL E 138 41.79 8.02 15.04
CA VAL E 138 42.52 7.88 13.79
C VAL E 138 42.14 9.12 12.97
N VAL E 139 43.16 9.78 12.41
CA VAL E 139 42.93 11.06 11.71
C VAL E 139 43.23 10.95 10.22
N CYS E 140 42.27 11.37 9.41
CA CYS E 140 42.43 11.43 7.96
C CYS E 140 42.47 12.89 7.50
N LEU E 141 43.54 13.28 6.83
CA LEU E 141 43.72 14.68 6.44
C LEU E 141 43.61 14.81 4.91
N LEU E 142 42.68 15.66 4.45
CA LEU E 142 42.56 16.03 3.04
C LEU E 142 43.08 17.45 2.86
N ASN E 143 44.22 17.60 2.18
CA ASN E 143 44.89 18.90 2.16
C ASN E 143 44.76 19.61 0.82
N ASN E 144 44.33 20.88 0.87
CA ASN E 144 44.37 21.80 -0.29
C ASN E 144 43.58 21.40 -1.54
N PHE E 145 42.25 21.38 -1.42
CA PHE E 145 41.40 20.94 -2.51
C PHE E 145 40.32 21.95 -2.90
N TYR E 146 39.76 21.77 -4.11
CA TYR E 146 38.64 22.58 -4.61
C TYR E 146 37.81 21.80 -5.64
N PRO E 147 36.46 21.83 -5.54
CA PRO E 147 35.64 22.63 -4.64
C PRO E 147 35.53 22.02 -3.25
N ARG E 148 34.67 22.61 -2.42
CA ARG E 148 34.51 22.22 -1.01
C ARG E 148 33.93 20.80 -0.83
N GLU E 149 33.04 20.40 -1.74
CA GLU E 149 32.38 19.08 -1.66
C GLU E 149 33.40 17.93 -1.70
N ALA E 150 33.32 17.03 -0.72
CA ALA E 150 34.23 15.88 -0.61
C ALA E 150 33.61 14.82 0.29
N LYS E 151 33.70 13.56 -0.13
CA LYS E 151 33.23 12.45 0.70
C LYS E 151 34.41 11.74 1.35
N VAL E 152 34.36 11.63 2.68
CA VAL E 152 35.33 10.84 3.41
C VAL E 152 34.59 9.64 3.98
N GLN E 153 35.08 8.44 3.65
CA GLN E 153 34.48 7.19 4.11
C GLN E 153 35.52 6.47 4.97
N TRP E 154 35.09 6.01 6.15
CA TRP E 154 35.95 5.20 6.99
C TRP E 154 35.64 3.74 6.85
N LYS E 155 36.68 2.94 6.68
CA LYS E 155 36.52 1.49 6.53
C LYS E 155 37.49 0.78 7.48
N VAL E 156 36.95 -0.13 8.28
CA VAL E 156 37.77 -0.91 9.19
C VAL E 156 37.60 -2.40 8.83
N ASP E 157 38.70 -3.05 8.47
CA ASP E 157 38.67 -4.41 7.89
C ASP E 157 37.56 -4.50 6.84
N ASN E 158 37.59 -3.56 5.89
CA ASN E 158 36.59 -3.42 4.81
C ASN E 158 35.12 -3.18 5.20
N ALA E 159 34.83 -3.03 6.48
CA ALA E 159 33.47 -2.68 6.91
C ALA E 159 33.28 -1.16 7.03
N LEU E 160 32.32 -0.62 6.29
CA LEU E 160 31.96 0.80 6.36
C LEU E 160 31.62 1.18 7.78
N GLN E 161 32.25 2.25 8.26
CA GLN E 161 31.97 2.80 9.58
C GLN E 161 30.86 3.84 9.52
N SER E 162 30.06 3.91 10.58
CA SER E 162 28.94 4.82 10.62
C SER E 162 28.77 5.44 12.00
N GLY E 163 28.65 6.76 12.03
CA GLY E 163 28.34 7.51 13.25
C GLY E 163 29.45 7.66 14.28
N ASN E 164 30.64 7.14 13.97
CA ASN E 164 31.78 7.26 14.89
C ASN E 164 32.92 8.13 14.36
N SER E 165 32.59 9.03 13.43
CA SER E 165 33.58 9.98 12.95
C SER E 165 33.02 11.38 12.94
N GLN E 166 33.91 12.36 12.99
CA GLN E 166 33.52 13.75 12.87
C GLN E 166 34.51 14.45 11.97
N GLU E 167 34.04 15.46 11.25
CA GLU E 167 34.95 16.23 10.38
C GLU E 167 34.79 17.74 10.55
N SER E 168 35.84 18.46 10.13
CA SER E 168 35.93 19.89 10.20
C SER E 168 36.64 20.36 8.95
N VAL E 169 36.24 21.52 8.42
CA VAL E 169 36.83 22.08 7.19
C VAL E 169 37.32 23.50 7.46
N THR E 170 38.49 23.84 6.90
CA THR E 170 39.01 25.21 7.01
C THR E 170 38.18 26.19 6.17
N GLU E 171 38.35 27.49 6.46
CA GLU E 171 37.86 28.57 5.63
C GLU E 171 38.70 28.57 4.37
N GLN E 172 38.15 29.10 3.29
CA GLN E 172 38.88 29.15 2.02
C GLN E 172 40.22 29.83 2.21
N ASP E 173 41.29 29.24 1.69
CA ASP E 173 42.63 29.80 1.88
C ASP E 173 42.78 31.14 1.15
N SER E 174 43.35 32.13 1.84
CA SER E 174 43.51 33.51 1.32
C SER E 174 44.43 33.63 0.10
N LYS E 175 45.27 32.63 -0.12
CA LYS E 175 46.23 32.65 -1.23
C LYS E 175 45.80 31.73 -2.37
N ASP E 176 45.55 30.45 -2.09
CA ASP E 176 45.31 29.49 -3.16
C ASP E 176 43.84 29.12 -3.38
N SER E 177 42.96 29.62 -2.52
CA SER E 177 41.51 29.45 -2.68
C SER E 177 41.06 28.02 -2.46
N THR E 178 41.90 27.26 -1.75
CA THR E 178 41.61 25.86 -1.40
C THR E 178 41.03 25.70 -0.01
N TYR E 179 40.49 24.51 0.23
CA TYR E 179 40.00 24.07 1.53
C TYR E 179 40.83 22.88 1.97
N SER E 180 40.86 22.66 3.28
CA SER E 180 41.44 21.44 3.84
C SER E 180 40.41 20.88 4.81
N LEU E 181 40.46 19.57 5.03
CA LEU E 181 39.46 18.88 5.84
C LEU E 181 40.18 17.84 6.69
N SER E 182 39.75 17.69 7.95
CA SER E 182 40.27 16.62 8.79
C SER E 182 39.10 15.79 9.30
N SER E 183 39.27 14.47 9.27
CA SER E 183 38.24 13.56 9.76
C SER E 183 38.87 12.66 10.79
N THR E 184 38.18 12.51 11.93
CA THR E 184 38.65 11.72 13.06
C THR E 184 37.69 10.58 13.33
N LEU E 185 38.19 9.36 13.19
CA LEU E 185 37.49 8.15 13.60
C LEU E 185 37.89 7.88 15.05
N THR E 186 36.89 7.79 15.94
CA THR E 186 37.17 7.49 17.35
C THR E 186 36.58 6.14 17.76
N LEU E 187 37.40 5.32 18.39
CA LEU E 187 36.92 4.09 19.01
C LEU E 187 37.71 3.78 20.28
N SER E 188 37.14 2.92 21.13
CA SER E 188 37.85 2.45 22.32
C SER E 188 39.11 1.70 21.91
N LYS E 189 40.12 1.74 22.77
CA LYS E 189 41.37 1.01 22.56
C LYS E 189 41.06 -0.48 22.38
N ALA E 190 40.06 -0.97 23.12
CA ALA E 190 39.60 -2.36 23.03
C ALA E 190 39.09 -2.72 21.63
N ASP E 191 38.10 -1.96 21.14
CA ASP E 191 37.57 -2.16 19.78
C ASP E 191 38.62 -1.93 18.70
N TYR E 192 39.61 -1.09 19.01
CA TYR E 192 40.70 -0.78 18.09
C TYR E 192 41.59 -1.99 17.81
N GLU E 193 41.80 -2.84 18.82
CA GLU E 193 42.63 -4.02 18.66
C GLU E 193 41.91 -5.27 18.15
N LYS E 194 40.58 -5.21 18.09
CA LYS E 194 39.79 -6.30 17.49
C LYS E 194 39.88 -6.25 15.97
N HIS E 195 40.61 -5.25 15.45
CA HIS E 195 40.68 -5.00 14.02
C HIS E 195 42.09 -4.76 13.51
N LYS E 196 42.29 -5.01 12.21
CA LYS E 196 43.60 -4.95 11.59
C LYS E 196 43.79 -3.74 10.65
N VAL E 197 42.91 -3.62 9.64
CA VAL E 197 43.09 -2.63 8.57
C VAL E 197 42.26 -1.38 8.75
N TYR E 198 42.95 -0.23 8.83
CA TYR E 198 42.29 1.06 8.96
C TYR E 198 42.47 1.92 7.72
N ALA E 199 41.36 2.25 7.09
CA ALA E 199 41.39 2.93 5.80
C ALA E 199 40.47 4.12 5.73
N CYS E 200 41.01 5.18 5.13
CA CYS E 200 40.26 6.37 4.78
C CYS E 200 40.04 6.40 3.27
N GLU E 201 38.78 6.44 2.84
CA GLU E 201 38.43 6.45 1.42
C GLU E 201 37.80 7.80 1.02
N VAL E 202 38.47 8.49 0.09
CA VAL E 202 38.10 9.86 -0.28
C VAL E 202 37.59 9.96 -1.72
N THR E 203 36.40 10.54 -1.84
CA THR E 203 35.80 10.86 -3.14
C THR E 203 35.79 12.37 -3.29
N HIS E 204 36.17 12.84 -4.48
CA HIS E 204 36.23 14.26 -4.79
C HIS E 204 36.21 14.42 -6.27
N GLN E 205 35.64 15.51 -6.78
CA GLN E 205 35.52 15.68 -8.22
C GLN E 205 36.87 15.83 -8.95
N GLY E 206 37.92 16.17 -8.19
CA GLY E 206 39.29 16.22 -8.69
C GLY E 206 39.98 14.86 -8.75
N LEU E 207 39.27 13.81 -8.35
CA LEU E 207 39.80 12.45 -8.39
C LEU E 207 39.06 11.62 -9.44
N SER E 208 39.81 10.78 -10.17
CA SER E 208 39.25 9.87 -11.17
C SER E 208 38.31 8.87 -10.52
N SER E 209 38.81 8.28 -9.42
CA SER E 209 38.08 7.31 -8.63
C SER E 209 38.53 7.45 -7.18
N PRO E 210 37.66 7.09 -6.22
CA PRO E 210 37.98 7.20 -4.79
C PRO E 210 39.40 6.79 -4.42
N VAL E 211 40.08 7.64 -3.64
CA VAL E 211 41.45 7.39 -3.20
C VAL E 211 41.45 6.81 -1.78
N THR E 212 42.14 5.69 -1.60
CA THR E 212 42.23 5.05 -0.28
C THR E 212 43.62 5.19 0.34
N LYS E 213 43.65 5.65 1.58
CA LYS E 213 44.86 5.64 2.39
C LYS E 213 44.61 4.79 3.63
N SER E 214 45.54 3.88 3.91
CA SER E 214 45.34 2.91 4.98
C SER E 214 46.64 2.48 5.62
N PHE E 215 46.53 1.97 6.84
CA PHE E 215 47.66 1.36 7.54
C PHE E 215 47.18 0.08 8.21
N ASN E 216 48.13 -0.77 8.59
CA ASN E 216 47.85 -1.92 9.44
C ASN E 216 48.37 -1.64 10.84
N ARG E 217 47.48 -1.75 11.84
CA ARG E 217 47.86 -1.57 13.23
C ARG E 217 49.19 -2.28 13.54
N GLY E 218 50.23 -1.48 13.79
CA GLY E 218 51.64 -1.92 13.95
C GLY E 218 52.59 -1.09 13.09
N GLU F 1 32.58 59.34 17.29
CA GLU F 1 31.78 58.54 16.31
C GLU F 1 30.79 57.62 17.05
N VAL F 2 29.85 57.03 16.32
CA VAL F 2 28.85 56.13 16.90
C VAL F 2 29.50 54.79 17.21
N GLN F 3 29.35 54.35 18.46
CA GLN F 3 29.88 53.05 18.87
C GLN F 3 28.90 52.29 19.74
N LEU F 4 28.76 51.00 19.45
CA LEU F 4 28.06 50.06 20.32
C LEU F 4 29.05 49.03 20.82
N VAL F 5 29.13 48.86 22.13
CA VAL F 5 30.13 47.95 22.69
C VAL F 5 29.45 46.95 23.59
N GLN F 6 29.57 45.67 23.24
CA GLN F 6 28.92 44.60 23.99
C GLN F 6 29.83 43.99 25.06
N SER F 7 29.21 43.37 26.06
CA SER F 7 29.93 42.69 27.15
C SER F 7 30.59 41.41 26.63
N GLY F 8 31.50 40.85 27.43
CA GLY F 8 32.38 39.76 26.98
C GLY F 8 31.70 38.41 26.85
N ALA F 9 32.37 37.45 26.22
CA ALA F 9 31.83 36.12 25.99
C ALA F 9 31.39 35.45 27.30
N GLU F 10 30.37 34.63 27.22
CA GLU F 10 29.77 33.98 28.41
C GLU F 10 29.71 32.48 28.20
N VAL F 11 29.96 31.73 29.28
CA VAL F 11 29.87 30.26 29.28
C VAL F 11 29.04 29.89 30.51
N LYS F 12 27.87 29.32 30.27
CA LYS F 12 26.88 29.11 31.32
C LYS F 12 26.37 27.66 31.31
N LYS F 13 25.73 27.26 32.40
CA LYS F 13 25.06 25.95 32.50
C LYS F 13 23.56 26.11 32.25
N PRO F 14 22.91 25.06 31.70
CA PRO F 14 21.47 25.15 31.51
C PRO F 14 20.76 25.41 32.84
N GLY F 15 19.72 26.23 32.81
CA GLY F 15 18.98 26.59 34.03
C GLY F 15 19.48 27.87 34.67
N GLU F 16 20.68 28.32 34.32
CA GLU F 16 21.22 29.56 34.90
C GLU F 16 20.58 30.76 34.21
N SER F 17 20.49 31.86 34.92
CA SER F 17 20.08 33.13 34.32
C SER F 17 21.30 33.85 33.70
N LEU F 18 21.05 34.77 32.78
CA LEU F 18 22.12 35.57 32.19
C LEU F 18 21.58 36.91 31.71
N LYS F 19 22.35 37.97 31.94
CA LYS F 19 22.06 39.27 31.36
C LYS F 19 23.31 39.74 30.63
N ILE F 20 23.16 40.09 29.35
CA ILE F 20 24.30 40.61 28.57
C ILE F 20 24.01 42.05 28.19
N SER F 21 25.04 42.82 27.89
CA SER F 21 24.87 44.28 27.78
C SER F 21 25.38 44.88 26.46
N CYS F 22 24.84 46.05 26.12
CA CYS F 22 25.18 46.74 24.88
C CYS F 22 25.25 48.22 25.22
N LYS F 23 26.47 48.72 25.39
CA LYS F 23 26.68 50.11 25.79
C LYS F 23 26.85 50.99 24.55
N GLY F 24 26.09 52.09 24.47
CA GLY F 24 26.22 52.99 23.34
C GLY F 24 27.07 54.19 23.71
N SER F 25 27.75 54.79 22.74
CA SER F 25 28.38 56.10 22.98
C SER F 25 28.68 56.89 21.71
N GLY F 26 28.86 58.19 21.89
CA GLY F 26 29.10 59.10 20.76
C GLY F 26 27.83 59.44 20.00
N TYR F 27 26.67 59.25 20.63
CA TYR F 27 25.39 59.65 20.01
C TYR F 27 24.26 59.79 21.03
N SER F 28 23.18 60.43 20.61
CA SER F 28 22.00 60.56 21.45
C SER F 28 21.27 59.22 21.54
N PHE F 29 21.58 58.47 22.60
CA PHE F 29 21.12 57.11 22.77
C PHE F 29 19.59 56.97 22.81
N THR F 30 18.93 57.93 23.46
CA THR F 30 17.48 57.93 23.56
C THR F 30 16.77 58.38 22.27
N SER F 31 17.54 58.77 21.25
CA SER F 31 17.00 59.23 19.98
C SER F 31 16.82 58.10 18.96
N TYR F 32 17.32 56.91 19.29
CA TYR F 32 17.31 55.78 18.36
C TYR F 32 16.93 54.49 19.07
N TRP F 33 16.17 53.63 18.39
CA TRP F 33 15.90 52.28 18.85
C TRP F 33 17.08 51.36 18.77
N ILE F 34 17.11 50.36 19.65
CA ILE F 34 18.14 49.32 19.69
C ILE F 34 17.52 47.95 19.47
N GLY F 35 18.17 47.14 18.63
CA GLY F 35 17.70 45.79 18.33
C GLY F 35 18.66 44.71 18.75
N TRP F 36 18.14 43.49 18.92
CA TRP F 36 18.96 42.34 19.23
C TRP F 36 18.74 41.29 18.17
N VAL F 37 19.84 40.69 17.73
CA VAL F 37 19.82 39.75 16.62
C VAL F 37 20.59 38.52 17.10
N ARG F 38 19.98 37.35 16.91
CA ARG F 38 20.65 36.09 17.25
C ARG F 38 21.29 35.46 16.01
N GLN F 39 22.47 34.87 16.20
CA GLN F 39 23.09 34.07 15.15
C GLN F 39 23.60 32.75 15.70
N MET F 40 22.85 31.69 15.44
CA MET F 40 23.23 30.39 15.95
C MET F 40 24.42 29.89 15.14
N PRO F 41 25.21 28.95 15.70
CA PRO F 41 26.48 28.62 15.04
C PRO F 41 26.29 28.12 13.59
N GLY F 42 26.96 28.77 12.65
CA GLY F 42 26.84 28.43 11.22
C GLY F 42 25.52 28.76 10.55
N LYS F 43 24.67 29.54 11.22
CA LYS F 43 23.33 29.87 10.71
C LYS F 43 23.18 31.37 10.42
N GLY F 44 21.97 31.77 10.02
CA GLY F 44 21.69 33.15 9.61
C GLY F 44 21.38 34.09 10.75
N LEU F 45 21.10 35.35 10.40
CA LEU F 45 20.72 36.35 11.40
C LEU F 45 19.21 36.28 11.65
N GLU F 46 18.80 36.35 12.91
CA GLU F 46 17.37 36.38 13.26
C GLU F 46 17.06 37.61 14.09
N TRP F 47 16.08 38.41 13.66
CA TRP F 47 15.61 39.57 14.42
C TRP F 47 14.87 39.10 15.65
N MET F 48 15.36 39.46 16.85
CA MET F 48 14.75 39.04 18.12
C MET F 48 13.71 40.02 18.67
N GLY F 49 14.10 41.29 18.70
CA GLY F 49 13.27 42.34 19.25
C GLY F 49 14.01 43.64 19.26
N ILE F 50 13.29 44.70 19.61
CA ILE F 50 13.85 46.04 19.66
C ILE F 50 13.29 46.78 20.85
N ILE F 51 13.99 47.81 21.27
CA ILE F 51 13.52 48.64 22.37
C ILE F 51 13.80 50.10 22.02
N ASP F 52 12.85 50.96 22.40
CA ASP F 52 13.00 52.40 22.34
C ASP F 52 13.56 52.85 23.70
N PRO F 53 14.84 53.26 23.75
CA PRO F 53 15.39 53.63 25.05
C PRO F 53 14.73 54.85 25.73
N SER F 54 14.04 55.71 24.99
CA SER F 54 13.42 56.90 25.59
C SER F 54 12.28 56.54 26.55
N ASP F 55 11.52 55.50 26.21
CA ASP F 55 10.38 55.10 27.03
C ASP F 55 10.32 53.60 27.36
N SER F 56 11.34 52.85 26.96
CA SER F 56 11.39 51.38 27.17
C SER F 56 10.28 50.60 26.49
N ASP F 57 9.67 51.23 25.47
CA ASP F 57 8.75 50.55 24.58
C ASP F 57 9.50 49.40 23.93
N THR F 58 9.09 48.17 24.26
CA THR F 58 9.78 46.99 23.77
C THR F 58 8.91 46.12 22.84
N ARG F 59 9.47 45.68 21.71
CA ARG F 59 8.75 44.81 20.75
C ARG F 59 9.50 43.51 20.53
N TYR F 60 8.79 42.38 20.55
CA TYR F 60 9.43 41.08 20.37
C TYR F 60 8.88 40.35 19.16
N SER F 61 9.75 39.59 18.50
CA SER F 61 9.32 38.60 17.51
C SER F 61 8.42 37.55 18.19
N PRO F 62 7.41 37.03 17.48
CA PRO F 62 6.59 35.97 18.09
C PRO F 62 7.45 34.79 18.57
N SER F 63 8.58 34.55 17.91
CA SER F 63 9.52 33.49 18.28
C SER F 63 10.26 33.70 19.62
N PHE F 64 10.42 34.95 20.04
CA PHE F 64 11.20 35.24 21.24
C PHE F 64 10.39 35.83 22.37
N GLN F 65 9.16 36.28 22.05
CA GLN F 65 8.20 36.78 23.03
C GLN F 65 8.13 35.80 24.20
N GLY F 66 8.26 36.31 25.42
CA GLY F 66 8.21 35.45 26.62
C GLY F 66 9.42 34.56 26.88
N GLN F 67 10.41 34.59 25.98
CA GLN F 67 11.62 33.77 26.11
C GLN F 67 12.83 34.56 26.62
N VAL F 68 12.84 35.86 26.35
CA VAL F 68 13.94 36.77 26.75
C VAL F 68 13.32 38.09 27.15
N THR F 69 14.07 38.91 27.88
CA THR F 69 13.61 40.25 28.20
C THR F 69 14.65 41.22 27.69
N ILE F 70 14.18 42.21 26.94
CA ILE F 70 15.03 43.29 26.45
C ILE F 70 14.74 44.49 27.31
N SER F 71 15.78 45.19 27.75
CA SER F 71 15.61 46.34 28.58
C SER F 71 16.69 47.40 28.29
N ALA F 72 16.53 48.57 28.89
CA ALA F 72 17.49 49.66 28.68
C ALA F 72 17.62 50.51 29.94
N ASP F 73 18.83 50.99 30.20
CA ASP F 73 19.07 51.96 31.27
C ASP F 73 19.63 53.20 30.63
N LYS F 74 18.77 54.20 30.41
CA LYS F 74 19.20 55.42 29.71
C LYS F 74 20.22 56.28 30.49
N SER F 75 20.30 56.08 31.80
CA SER F 75 21.24 56.84 32.64
C SER F 75 22.69 56.50 32.36
N ILE F 76 22.95 55.31 31.81
CA ILE F 76 24.30 54.93 31.37
C ILE F 76 24.29 54.51 29.90
N SER F 77 23.24 54.89 29.19
CA SER F 77 23.11 54.60 27.74
C SER F 77 23.47 53.16 27.39
N THR F 78 22.81 52.23 28.05
CA THR F 78 23.08 50.81 27.87
C THR F 78 21.78 50.05 27.69
N ALA F 79 21.78 49.10 26.76
CA ALA F 79 20.63 48.22 26.55
C ALA F 79 21.07 46.80 26.95
N TYR F 80 20.09 45.95 27.25
CA TYR F 80 20.35 44.63 27.81
C TYR F 80 19.47 43.58 27.18
N LEU F 81 19.96 42.34 27.21
CA LEU F 81 19.22 41.16 26.80
C LEU F 81 19.41 40.12 27.91
N GLN F 82 18.33 39.49 28.37
CA GLN F 82 18.47 38.56 29.49
C GLN F 82 17.54 37.36 29.45
N TRP F 83 18.00 36.25 30.04
CA TRP F 83 17.24 35.00 30.12
C TRP F 83 17.11 34.68 31.58
N SER F 84 15.95 34.21 31.98
CA SER F 84 15.75 33.80 33.37
C SER F 84 16.30 32.37 33.57
N SER F 85 16.25 31.58 32.50
CA SER F 85 16.69 30.19 32.55
C SER F 85 17.21 29.68 31.21
N LEU F 86 18.53 29.63 31.07
CA LEU F 86 19.16 29.23 29.80
C LEU F 86 18.94 27.76 29.44
N LYS F 87 18.94 27.48 28.13
CA LYS F 87 18.98 26.11 27.58
C LYS F 87 20.19 25.99 26.65
N ALA F 88 20.68 24.76 26.43
CA ALA F 88 21.78 24.51 25.48
C ALA F 88 21.51 25.11 24.11
N SER F 89 20.24 25.15 23.71
CA SER F 89 19.85 25.69 22.41
C SER F 89 19.96 27.22 22.32
N ASP F 90 20.28 27.87 23.44
CA ASP F 90 20.51 29.33 23.41
C ASP F 90 21.95 29.65 23.02
N THR F 91 22.76 28.62 22.85
CA THR F 91 24.13 28.76 22.41
C THR F 91 24.14 29.47 21.05
N ALA F 92 24.69 30.67 21.02
CA ALA F 92 24.68 31.48 19.80
C ALA F 92 25.50 32.75 20.01
N MET F 93 25.71 33.48 18.92
CA MET F 93 26.25 34.83 18.97
C MET F 93 25.07 35.77 19.03
N TYR F 94 25.15 36.77 19.91
CA TYR F 94 24.10 37.77 20.03
C TYR F 94 24.65 39.14 19.70
N TYR F 95 24.01 39.82 18.75
CA TYR F 95 24.38 41.19 18.37
C TYR F 95 23.33 42.18 18.80
N CYS F 96 23.79 43.34 19.26
CA CYS F 96 22.93 44.49 19.34
C CYS F 96 23.22 45.43 18.18
N ALA F 97 22.23 46.24 17.82
CA ALA F 97 22.38 47.11 16.68
C ALA F 97 21.46 48.31 16.79
N ARG F 98 21.90 49.44 16.26
CA ARG F 98 21.07 50.64 16.26
C ARG F 98 20.18 50.64 15.01
N VAL F 99 18.91 50.98 15.20
CA VAL F 99 17.97 51.15 14.11
C VAL F 99 18.11 52.59 13.64
N GLY F 100 18.23 52.79 12.33
CA GLY F 100 18.33 54.15 11.78
C GLY F 100 17.08 54.99 11.99
N PRO F 101 17.15 56.29 11.67
CA PRO F 101 16.09 57.24 11.98
C PRO F 101 14.90 57.27 11.00
N ALA F 102 14.98 56.54 9.89
CA ALA F 102 14.03 56.71 8.80
C ALA F 102 12.61 56.15 9.07
N ASP F 103 11.63 56.71 8.36
CA ASP F 103 10.22 56.29 8.42
C ASP F 103 9.93 55.14 7.46
N VAL F 104 9.00 54.22 7.79
CA VAL F 104 8.43 54.09 9.13
C VAL F 104 9.48 53.42 10.02
N TRP F 105 10.02 52.30 9.53
CA TRP F 105 11.13 51.64 10.21
C TRP F 105 12.35 51.75 9.35
N ASP F 106 13.50 51.30 9.85
CA ASP F 106 14.78 51.50 9.17
C ASP F 106 15.71 50.32 9.34
N SER F 107 16.83 50.35 8.62
CA SER F 107 17.84 49.29 8.68
C SER F 107 18.61 49.40 10.00
N PHE F 108 19.49 48.44 10.26
CA PHE F 108 20.42 48.52 11.38
C PHE F 108 21.69 49.20 10.92
N ASP F 109 21.90 50.44 11.31
CA ASP F 109 23.00 51.22 10.72
C ASP F 109 24.34 51.08 11.46
N TYR F 110 24.29 50.72 12.74
CA TYR F 110 25.50 50.42 13.52
C TYR F 110 25.32 49.14 14.34
N TRP F 111 26.40 48.37 14.49
CA TRP F 111 26.30 47.06 15.13
C TRP F 111 27.33 46.89 16.22
N GLY F 112 26.94 46.25 17.32
CA GLY F 112 27.91 45.83 18.32
C GLY F 112 28.81 44.74 17.74
N GLN F 113 29.87 44.41 18.46
CA GLN F 113 30.83 43.40 17.98
C GLN F 113 30.36 41.96 18.20
N GLY F 114 29.27 41.80 18.94
CA GLY F 114 28.73 40.50 19.28
C GLY F 114 29.18 39.96 20.63
N THR F 115 28.29 39.21 21.28
CA THR F 115 28.57 38.51 22.54
C THR F 115 28.30 37.03 22.28
N LEU F 116 29.33 36.22 22.45
CA LEU F 116 29.17 34.78 22.30
C LEU F 116 28.68 34.18 23.59
N VAL F 117 27.60 33.40 23.51
CA VAL F 117 27.02 32.74 24.67
C VAL F 117 27.03 31.25 24.40
N THR F 118 27.75 30.51 25.24
CA THR F 118 27.78 29.04 25.18
C THR F 118 27.09 28.50 26.41
N VAL F 119 26.04 27.70 26.18
CA VAL F 119 25.30 27.05 27.27
C VAL F 119 25.48 25.53 27.18
N SER F 120 26.00 24.96 28.26
CA SER F 120 26.36 23.54 28.29
C SER F 120 26.47 23.00 29.72
N SER F 121 26.14 21.72 29.89
CA SER F 121 26.27 21.05 31.19
C SER F 121 27.71 20.67 31.49
N ALA F 122 28.58 20.76 30.49
CA ALA F 122 29.98 20.40 30.64
C ALA F 122 30.71 21.34 31.61
N SER F 123 31.72 20.80 32.28
CA SER F 123 32.57 21.58 33.16
C SER F 123 33.90 21.87 32.48
N THR F 124 34.54 22.97 32.89
CA THR F 124 35.88 23.34 32.43
C THR F 124 36.89 22.21 32.54
N LYS F 125 37.53 21.89 31.41
CA LYS F 125 38.53 20.82 31.34
C LYS F 125 39.60 21.16 30.33
N GLY F 126 40.86 21.07 30.74
CA GLY F 126 41.99 21.30 29.84
C GLY F 126 42.20 20.15 28.86
N PRO F 127 42.80 20.43 27.70
CA PRO F 127 42.99 19.41 26.66
C PRO F 127 44.14 18.44 26.92
N SER F 128 44.00 17.22 26.41
CA SER F 128 45.15 16.34 26.22
C SER F 128 45.65 16.61 24.81
N VAL F 129 46.97 16.54 24.62
CA VAL F 129 47.57 16.83 23.33
C VAL F 129 48.40 15.66 22.86
N PHE F 130 47.99 15.08 21.73
CA PHE F 130 48.64 13.89 21.19
C PHE F 130 49.30 14.22 19.85
N PRO F 131 50.51 13.67 19.60
CA PRO F 131 51.17 13.93 18.33
C PRO F 131 50.49 13.22 17.18
N LEU F 132 50.52 13.85 16.00
CA LEU F 132 50.18 13.21 14.75
C LEU F 132 51.51 13.12 14.02
N ALA F 133 52.18 11.99 14.22
CA ALA F 133 53.54 11.78 13.74
C ALA F 133 53.62 11.68 12.22
N PRO F 134 54.66 12.28 11.62
CA PRO F 134 54.90 12.26 10.17
C PRO F 134 55.12 10.83 9.66
N SER F 135 54.41 10.47 8.58
CA SER F 135 54.40 9.12 8.01
C SER F 135 55.75 8.71 7.47
N SER F 136 56.09 7.43 7.64
CA SER F 136 57.38 6.89 7.21
C SER F 136 57.41 6.51 5.73
N LYS F 137 56.25 6.46 5.09
CA LYS F 137 56.17 6.16 3.65
C LYS F 137 56.65 7.34 2.82
N SER F 138 57.29 7.05 1.69
CA SER F 138 57.84 8.07 0.80
C SER F 138 56.73 8.94 0.21
N THR F 139 56.87 10.25 0.45
CA THR F 139 55.87 11.23 0.00
C THR F 139 55.91 11.44 -1.51
N SER F 140 54.81 11.94 -2.06
CA SER F 140 54.66 12.17 -3.50
C SER F 140 55.51 13.33 -4.00
N GLY F 141 55.88 14.24 -3.10
CA GLY F 141 56.64 15.43 -3.51
C GLY F 141 57.66 15.98 -2.53
N GLY F 142 58.23 15.14 -1.67
CA GLY F 142 59.25 15.57 -0.72
C GLY F 142 58.73 16.38 0.45
N THR F 143 57.42 16.30 0.68
CA THR F 143 56.73 16.99 1.78
C THR F 143 56.08 15.96 2.72
N ALA F 144 56.14 16.24 4.02
CA ALA F 144 55.45 15.44 5.03
C ALA F 144 54.53 16.30 5.88
N ALA F 145 53.35 15.77 6.17
CA ALA F 145 52.42 16.36 7.12
C ALA F 145 52.62 15.77 8.52
N LEU F 146 52.58 16.64 9.52
CA LEU F 146 52.62 16.27 10.93
C LEU F 146 51.63 17.17 11.66
N GLY F 147 51.30 16.84 12.91
CA GLY F 147 50.32 17.64 13.63
C GLY F 147 50.13 17.30 15.09
N CYS F 148 49.16 17.96 15.71
CA CYS F 148 48.75 17.65 17.07
C CYS F 148 47.25 17.48 17.12
N LEU F 149 46.81 16.43 17.79
CA LEU F 149 45.42 16.25 18.11
C LEU F 149 45.16 16.84 19.49
N VAL F 150 44.26 17.81 19.55
CA VAL F 150 43.99 18.55 20.77
C VAL F 150 42.58 18.15 21.23
N LYS F 151 42.52 17.21 22.17
CA LYS F 151 41.27 16.48 22.44
C LYS F 151 40.70 16.68 23.86
N ASP F 152 39.37 16.67 23.96
CA ASP F 152 38.61 16.61 25.21
C ASP F 152 38.77 17.85 26.10
N TYR F 153 38.46 19.02 25.54
CA TYR F 153 38.54 20.27 26.31
C TYR F 153 37.24 21.02 26.30
N PHE F 154 37.08 21.91 27.29
CA PHE F 154 35.91 22.76 27.41
C PHE F 154 36.21 23.96 28.32
N PRO F 155 35.71 25.16 27.95
CA PRO F 155 35.02 25.44 26.71
C PRO F 155 36.01 25.87 25.65
N GLU F 156 35.48 26.30 24.49
CA GLU F 156 36.26 27.00 23.49
C GLU F 156 36.71 28.35 24.07
N PRO F 157 37.81 28.93 23.54
CA PRO F 157 38.71 28.41 22.52
C PRO F 157 40.00 27.84 23.07
N VAL F 158 40.75 27.15 22.21
CA VAL F 158 42.18 26.93 22.42
C VAL F 158 42.96 27.70 21.34
N THR F 159 44.18 28.07 21.68
CA THR F 159 45.09 28.60 20.68
C THR F 159 46.17 27.57 20.42
N VAL F 160 46.55 27.42 19.17
CA VAL F 160 47.63 26.52 18.78
C VAL F 160 48.66 27.27 17.96
N SER F 161 49.92 27.08 18.28
CA SER F 161 50.99 27.62 17.47
C SER F 161 52.06 26.56 17.33
N TRP F 162 52.98 26.79 16.40
CA TRP F 162 54.05 25.86 16.13
C TRP F 162 55.37 26.51 16.36
N ASN F 163 56.26 25.82 17.05
CA ASN F 163 57.58 26.36 17.39
C ASN F 163 57.50 27.80 17.92
N SER F 164 56.57 28.02 18.86
CA SER F 164 56.37 29.31 19.55
C SER F 164 55.92 30.45 18.63
N GLY F 165 55.36 30.07 17.48
CA GLY F 165 54.92 31.04 16.49
C GLY F 165 55.91 31.26 15.36
N ALA F 166 57.09 30.66 15.45
CA ALA F 166 58.10 30.82 14.39
C ALA F 166 57.68 30.14 13.08
N LEU F 167 56.80 29.14 13.19
CA LEU F 167 56.38 28.36 12.03
C LEU F 167 54.93 28.64 11.76
N THR F 168 54.63 29.27 10.62
CA THR F 168 53.25 29.60 10.23
C THR F 168 52.89 29.14 8.82
N SER F 169 53.89 29.06 7.95
CA SER F 169 53.69 28.61 6.58
C SER F 169 53.22 27.14 6.55
N GLY F 170 52.18 26.87 5.77
CA GLY F 170 51.64 25.52 5.60
C GLY F 170 50.94 24.93 6.81
N VAL F 171 50.59 25.76 7.79
CA VAL F 171 49.85 25.33 8.98
C VAL F 171 48.34 25.40 8.70
N HIS F 172 47.60 24.36 9.08
CA HIS F 172 46.14 24.41 9.12
C HIS F 172 45.66 24.01 10.48
N THR F 173 44.97 24.93 11.16
CA THR F 173 44.34 24.61 12.44
C THR F 173 42.86 24.55 12.19
N PHE F 174 42.28 23.37 12.37
CA PHE F 174 40.87 23.16 11.99
C PHE F 174 39.89 23.68 13.02
N PRO F 175 38.66 24.03 12.59
CA PRO F 175 37.60 24.32 13.58
C PRO F 175 37.39 23.13 14.50
N ALA F 176 37.12 23.39 15.77
CA ALA F 176 36.84 22.33 16.72
C ALA F 176 35.51 21.65 16.40
N VAL F 177 35.42 20.36 16.67
CA VAL F 177 34.11 19.68 16.65
C VAL F 177 33.66 19.45 18.09
N LEU F 178 32.34 19.48 18.31
CA LEU F 178 31.78 19.16 19.63
C LEU F 178 31.45 17.68 19.65
N GLN F 179 32.07 16.93 20.55
CA GLN F 179 31.85 15.48 20.64
C GLN F 179 30.60 15.22 21.46
N SER F 180 30.01 14.03 21.32
CA SER F 180 28.80 13.69 22.07
C SER F 180 29.03 13.69 23.59
N SER F 181 30.29 13.63 24.00
CA SER F 181 30.65 13.82 25.41
C SER F 181 30.43 15.26 25.87
N GLY F 182 30.30 16.19 24.92
CA GLY F 182 30.16 17.61 25.24
C GLY F 182 31.50 18.32 25.34
N LEU F 183 32.58 17.60 25.05
CA LEU F 183 33.91 18.19 25.02
C LEU F 183 34.31 18.43 23.57
N TYR F 184 35.15 19.44 23.36
CA TYR F 184 35.63 19.77 22.02
C TYR F 184 36.89 18.98 21.68
N SER F 185 37.13 18.87 20.38
CA SER F 185 38.32 18.28 19.84
C SER F 185 38.69 19.01 18.56
N LEU F 186 39.99 19.22 18.36
CA LEU F 186 40.48 19.99 17.23
C LEU F 186 41.82 19.40 16.81
N SER F 187 42.17 19.53 15.53
CA SER F 187 43.53 19.20 15.08
C SER F 187 44.23 20.40 14.45
N SER F 188 45.55 20.38 14.55
CA SER F 188 46.42 21.34 13.85
C SER F 188 47.51 20.57 13.11
N VAL F 189 47.62 20.82 11.82
CA VAL F 189 48.62 20.14 10.99
C VAL F 189 49.54 21.15 10.33
N VAL F 190 50.75 20.72 10.00
CA VAL F 190 51.69 21.53 9.23
C VAL F 190 52.41 20.63 8.23
N THR F 191 52.59 21.14 7.02
CA THR F 191 53.33 20.42 6.02
C THR F 191 54.73 20.99 5.99
N VAL F 192 55.72 20.11 6.02
CA VAL F 192 57.11 20.53 6.16
C VAL F 192 57.97 19.73 5.16
N PRO F 193 59.24 20.16 4.94
CA PRO F 193 60.11 19.36 4.08
C PRO F 193 60.38 17.99 4.70
N SER F 194 60.23 16.94 3.91
CA SER F 194 60.55 15.57 4.35
C SER F 194 61.98 15.47 4.89
N SER F 195 62.87 16.27 4.33
CA SER F 195 64.29 16.26 4.69
C SER F 195 64.60 16.97 6.00
N SER F 196 63.62 17.71 6.54
CA SER F 196 63.78 18.39 7.82
C SER F 196 63.52 17.45 9.01
N LEU F 197 62.86 16.34 8.73
CA LEU F 197 62.32 15.45 9.77
C LEU F 197 63.35 14.85 10.72
N GLY F 198 64.61 14.82 10.29
CA GLY F 198 65.69 14.31 11.13
C GLY F 198 66.39 15.38 11.95
N THR F 199 66.31 16.62 11.50
CA THR F 199 67.11 17.70 12.05
C THR F 199 66.33 18.83 12.73
N GLN F 200 65.13 19.12 12.23
CA GLN F 200 64.31 20.19 12.79
C GLN F 200 63.34 19.69 13.86
N THR F 201 63.31 20.38 14.99
CA THR F 201 62.36 20.10 16.08
C THR F 201 61.01 20.75 15.79
N TYR F 202 59.93 19.96 15.90
CA TYR F 202 58.56 20.46 15.74
C TYR F 202 57.74 20.35 17.01
N ILE F 203 57.35 21.50 17.56
CA ILE F 203 56.60 21.54 18.82
C ILE F 203 55.31 22.31 18.62
N CYS F 204 54.18 21.67 18.95
CA CYS F 204 52.93 22.43 18.99
C CYS F 204 52.69 23.01 20.38
N ASN F 205 52.40 24.31 20.40
CA ASN F 205 52.16 25.02 21.65
C ASN F 205 50.67 25.25 21.80
N VAL F 206 50.11 24.62 22.81
CA VAL F 206 48.65 24.64 23.01
C VAL F 206 48.31 25.42 24.28
N ASN F 207 47.41 26.38 24.14
CA ASN F 207 46.98 27.19 25.27
C ASN F 207 45.47 27.15 25.46
N HIS F 208 45.04 26.79 26.67
CA HIS F 208 43.63 26.80 27.04
C HIS F 208 43.44 27.63 28.27
N LYS F 209 43.10 28.91 28.06
CA LYS F 209 42.99 29.87 29.16
C LYS F 209 41.96 29.50 30.24
N PRO F 210 40.72 29.14 29.84
CA PRO F 210 39.70 28.84 30.84
C PRO F 210 40.12 27.82 31.90
N SER F 211 41.03 26.91 31.54
CA SER F 211 41.53 25.92 32.50
C SER F 211 42.97 26.18 32.92
N ASN F 212 43.51 27.32 32.49
CA ASN F 212 44.94 27.65 32.68
C ASN F 212 45.86 26.48 32.34
N THR F 213 45.67 25.94 31.14
CA THR F 213 46.45 24.82 30.65
C THR F 213 47.35 25.29 29.53
N LYS F 214 48.65 25.02 29.67
CA LYS F 214 49.60 25.28 28.60
C LYS F 214 50.40 24.01 28.38
N VAL F 215 50.36 23.50 27.16
CA VAL F 215 51.09 22.29 26.81
C VAL F 215 51.95 22.53 25.57
N ASP F 216 53.21 22.12 25.66
CA ASP F 216 54.08 22.06 24.48
C ASP F 216 54.33 20.60 24.17
N LYS F 217 53.88 20.15 22.99
CA LYS F 217 54.07 18.76 22.58
C LYS F 217 54.99 18.62 21.37
N LYS F 218 56.13 17.95 21.58
CA LYS F 218 57.05 17.64 20.51
C LYS F 218 56.47 16.52 19.63
N VAL F 219 56.63 16.67 18.32
CA VAL F 219 56.09 15.73 17.34
C VAL F 219 57.25 15.19 16.52
N GLU F 220 57.51 13.88 16.62
CA GLU F 220 58.64 13.24 15.95
C GLU F 220 58.24 12.01 15.13
N PRO F 221 59.07 11.60 14.15
CA PRO F 221 58.74 10.52 13.18
C PRO F 221 58.35 9.18 13.81
N ILE G 2 -45.07 -40.35 -23.66
CA ILE G 2 -45.79 -40.44 -22.35
C ILE G 2 -45.18 -39.40 -21.41
N VAL G 3 -46.04 -38.56 -20.83
CA VAL G 3 -45.58 -37.47 -19.96
C VAL G 3 -45.71 -37.87 -18.49
N MET G 4 -44.62 -37.69 -17.74
CA MET G 4 -44.56 -38.06 -16.33
C MET G 4 -44.55 -36.79 -15.50
N THR G 5 -45.42 -36.72 -14.51
CA THR G 5 -45.49 -35.55 -13.65
C THR G 5 -45.58 -35.97 -12.19
N GLN G 6 -44.83 -35.26 -11.34
CA GLN G 6 -44.71 -35.65 -9.95
C GLN G 6 -45.33 -34.60 -9.04
N SER G 7 -45.75 -35.05 -7.87
CA SER G 7 -46.31 -34.15 -6.87
C SER G 7 -45.96 -34.67 -5.48
N PRO G 8 -45.64 -33.76 -4.54
CA PRO G 8 -45.48 -32.31 -4.72
C PRO G 8 -44.09 -31.94 -5.23
N ASP G 9 -43.84 -30.65 -5.42
CA ASP G 9 -42.53 -30.17 -5.85
C ASP G 9 -41.48 -30.47 -4.79
N SER G 10 -41.84 -30.24 -3.53
CA SER G 10 -40.94 -30.42 -2.42
C SER G 10 -41.72 -30.91 -1.22
N LEU G 11 -41.17 -31.84 -0.44
CA LEU G 11 -41.85 -32.18 0.81
C LEU G 11 -40.93 -32.30 1.98
N ALA G 12 -41.42 -31.83 3.12
CA ALA G 12 -40.69 -31.87 4.37
C ALA G 12 -41.45 -32.76 5.33
N VAL G 13 -40.77 -33.78 5.85
CA VAL G 13 -41.35 -34.62 6.90
C VAL G 13 -40.31 -34.81 8.00
N SER G 14 -40.79 -34.99 9.23
CA SER G 14 -39.91 -35.12 10.38
C SER G 14 -39.19 -36.45 10.37
N LEU G 15 -37.99 -36.47 10.94
CA LEU G 15 -37.19 -37.68 11.09
C LEU G 15 -38.06 -38.76 11.72
N GLY G 16 -38.00 -39.98 11.17
CA GLY G 16 -38.82 -41.08 11.68
C GLY G 16 -40.25 -41.15 11.15
N GLU G 17 -40.73 -40.10 10.49
CA GLU G 17 -42.10 -40.08 9.96
C GLU G 17 -42.22 -40.53 8.51
N ARG G 18 -43.46 -40.76 8.09
CA ARG G 18 -43.78 -41.33 6.78
C ARG G 18 -43.77 -40.29 5.68
N ALA G 19 -43.04 -40.59 4.60
CA ALA G 19 -42.99 -39.72 3.43
C ALA G 19 -43.62 -40.43 2.23
N THR G 20 -44.51 -39.73 1.54
CA THR G 20 -45.20 -40.28 0.39
C THR G 20 -45.14 -39.28 -0.76
N ILE G 21 -44.70 -39.73 -1.93
CA ILE G 21 -44.60 -38.84 -3.09
C ILE G 21 -45.33 -39.48 -4.27
N ASN G 22 -45.84 -38.64 -5.17
CA ASN G 22 -46.75 -39.11 -6.18
C ASN G 22 -46.19 -38.96 -7.59
N CYS G 23 -46.58 -39.88 -8.47
CA CYS G 23 -46.18 -39.83 -9.86
C CYS G 23 -47.35 -40.20 -10.75
N LYS G 24 -47.59 -39.40 -11.78
CA LYS G 24 -48.69 -39.68 -12.71
C LYS G 24 -48.18 -39.71 -14.16
N SER G 25 -48.61 -40.71 -14.92
CA SER G 25 -48.29 -40.79 -16.34
C SER G 25 -49.49 -40.37 -17.18
N SER G 26 -49.23 -39.71 -18.29
CA SER G 26 -50.28 -39.22 -19.20
C SER G 26 -51.05 -40.37 -19.86
N GLN G 27 -50.47 -41.56 -19.87
CA GLN G 27 -51.08 -42.78 -20.40
C GLN G 27 -50.68 -43.94 -19.50
N SER G 28 -51.38 -45.07 -19.63
CA SER G 28 -51.07 -46.27 -18.86
C SER G 28 -49.67 -46.82 -19.18
N VAL G 29 -48.94 -47.23 -18.16
CA VAL G 29 -47.61 -47.83 -18.36
C VAL G 29 -47.66 -49.32 -18.00
N LEU G 30 -48.87 -49.85 -17.91
CA LEU G 30 -49.05 -51.28 -17.66
C LEU G 30 -48.75 -52.05 -18.94
N LEU G 31 -47.79 -52.98 -18.84
CA LEU G 31 -47.47 -53.90 -19.94
C LEU G 31 -48.24 -55.19 -19.62
N SER G 32 -49.54 -55.14 -19.91
CA SER G 32 -50.47 -56.21 -19.57
C SER G 32 -49.98 -57.62 -19.93
N PRO G 33 -49.55 -57.83 -21.19
CA PRO G 33 -49.10 -59.17 -21.59
C PRO G 33 -47.91 -59.70 -20.80
N TRP G 34 -47.14 -58.80 -20.19
CA TRP G 34 -46.02 -59.16 -19.31
C TRP G 34 -46.37 -58.93 -17.86
N ASN G 35 -47.66 -58.64 -17.65
CA ASN G 35 -48.23 -58.18 -16.36
C ASN G 35 -47.27 -57.41 -15.43
N SER G 36 -46.91 -56.20 -15.88
CA SER G 36 -45.92 -55.38 -15.20
C SER G 36 -46.16 -53.92 -15.51
N ASN G 37 -46.25 -53.11 -14.45
CA ASN G 37 -46.27 -51.68 -14.61
C ASN G 37 -44.83 -51.20 -14.83
N GLN G 38 -44.56 -50.66 -16.02
CA GLN G 38 -43.19 -50.32 -16.40
C GLN G 38 -42.77 -48.98 -15.83
N LEU G 39 -42.50 -48.97 -14.52
CA LEU G 39 -42.32 -47.73 -13.78
C LEU G 39 -41.18 -47.90 -12.76
N ALA G 40 -40.19 -47.03 -12.83
CA ALA G 40 -39.08 -47.00 -11.87
C ALA G 40 -39.04 -45.72 -11.06
N TRP G 41 -38.44 -45.82 -9.87
CA TRP G 41 -38.14 -44.69 -9.02
C TRP G 41 -36.65 -44.62 -8.79
N TYR G 42 -36.10 -43.42 -8.90
CA TYR G 42 -34.66 -43.16 -8.66
C TYR G 42 -34.46 -42.17 -7.51
N GLN G 43 -33.37 -42.35 -6.79
CA GLN G 43 -32.93 -41.42 -5.78
C GLN G 43 -31.70 -40.67 -6.25
N GLN G 44 -31.69 -39.34 -6.11
CA GLN G 44 -30.48 -38.59 -6.41
C GLN G 44 -30.10 -37.66 -5.27
N LYS G 45 -29.06 -38.03 -4.55
CA LYS G 45 -28.50 -37.20 -3.48
C LYS G 45 -27.68 -36.06 -4.08
N PRO G 46 -27.56 -34.93 -3.33
CA PRO G 46 -26.87 -33.77 -3.90
C PRO G 46 -25.45 -34.09 -4.29
N GLY G 47 -25.07 -33.71 -5.51
CA GLY G 47 -23.75 -33.97 -6.06
C GLY G 47 -23.42 -35.44 -6.29
N GLN G 48 -24.45 -36.27 -6.51
CA GLN G 48 -24.26 -37.69 -6.78
C GLN G 48 -25.09 -38.09 -8.00
N PRO G 49 -24.73 -39.20 -8.66
CA PRO G 49 -25.62 -39.71 -9.71
C PRO G 49 -26.92 -40.31 -9.19
N PRO G 50 -27.95 -40.39 -10.03
CA PRO G 50 -29.16 -41.13 -9.62
C PRO G 50 -28.85 -42.59 -9.30
N LYS G 51 -29.68 -43.21 -8.46
CA LYS G 51 -29.59 -44.64 -8.17
C LYS G 51 -30.98 -45.24 -8.26
N LEU G 52 -31.07 -46.40 -8.90
CA LEU G 52 -32.36 -47.11 -8.99
C LEU G 52 -32.79 -47.65 -7.62
N LEU G 53 -34.01 -47.31 -7.19
CA LEU G 53 -34.57 -47.84 -5.95
C LEU G 53 -35.62 -48.91 -6.19
N ILE G 54 -36.55 -48.61 -7.09
CA ILE G 54 -37.74 -49.45 -7.32
C ILE G 54 -37.96 -49.58 -8.81
N TYR G 55 -38.31 -50.79 -9.26
CA TYR G 55 -38.72 -51.03 -10.64
C TYR G 55 -39.98 -51.88 -10.68
N GLY G 56 -40.63 -51.93 -11.83
CA GLY G 56 -41.91 -52.65 -11.96
C GLY G 56 -42.95 -52.06 -11.01
N ALA G 57 -42.83 -50.76 -10.75
CA ALA G 57 -43.70 -49.99 -9.80
C ALA G 57 -43.51 -50.33 -8.31
N SER G 58 -43.29 -51.60 -8.01
CA SER G 58 -43.29 -52.04 -6.60
C SER G 58 -42.14 -52.95 -6.17
N THR G 59 -41.21 -53.27 -7.08
CA THR G 59 -40.14 -54.18 -6.70
C THR G 59 -38.89 -53.41 -6.29
N ARG G 60 -38.43 -53.66 -5.07
CA ARG G 60 -37.22 -53.03 -4.56
C ARG G 60 -36.01 -53.65 -5.20
N GLU G 61 -35.11 -52.80 -5.66
CA GLU G 61 -33.82 -53.26 -6.18
C GLU G 61 -33.01 -53.88 -5.04
N SER G 62 -32.17 -54.85 -5.37
CA SER G 62 -31.31 -55.49 -4.39
C SER G 62 -30.48 -54.42 -3.67
N GLY G 63 -30.46 -54.46 -2.35
CA GLY G 63 -29.65 -53.55 -1.54
C GLY G 63 -30.33 -52.29 -1.03
N VAL G 64 -31.58 -52.09 -1.43
CA VAL G 64 -32.37 -50.93 -1.01
C VAL G 64 -33.08 -51.30 0.29
N PRO G 65 -33.05 -50.42 1.32
CA PRO G 65 -33.63 -50.75 2.63
C PRO G 65 -35.15 -50.93 2.59
N ASP G 66 -35.67 -51.72 3.53
CA ASP G 66 -37.08 -52.09 3.60
C ASP G 66 -38.05 -50.92 3.71
N ARG G 67 -37.56 -49.78 4.18
CA ARG G 67 -38.41 -48.62 4.39
C ARG G 67 -38.83 -47.94 3.09
N PHE G 68 -38.22 -48.33 1.97
CA PHE G 68 -38.64 -47.84 0.65
C PHE G 68 -39.60 -48.80 0.02
N SER G 69 -40.74 -48.31 -0.42
CA SER G 69 -41.69 -49.12 -1.15
C SER G 69 -42.44 -48.32 -2.22
N GLY G 70 -42.85 -49.00 -3.28
CA GLY G 70 -43.61 -48.36 -4.33
C GLY G 70 -44.92 -49.11 -4.50
N SER G 71 -45.97 -48.37 -4.88
CA SER G 71 -47.26 -48.98 -5.20
C SER G 71 -47.94 -48.18 -6.31
N GLY G 72 -49.13 -48.61 -6.71
CA GLY G 72 -49.88 -47.94 -7.77
C GLY G 72 -50.01 -48.80 -9.02
N SER G 73 -50.83 -48.35 -9.96
CA SER G 73 -51.02 -49.05 -11.22
C SER G 73 -51.64 -48.16 -12.27
N GLY G 74 -51.31 -48.43 -13.53
CA GLY G 74 -51.87 -47.70 -14.65
C GLY G 74 -51.20 -46.37 -14.85
N THR G 75 -51.77 -45.33 -14.25
CA THR G 75 -51.33 -43.95 -14.45
C THR G 75 -51.00 -43.24 -13.14
N ASP G 76 -51.24 -43.92 -12.00
CA ASP G 76 -51.07 -43.30 -10.67
C ASP G 76 -50.17 -44.13 -9.76
N PHE G 77 -49.06 -43.53 -9.34
CA PHE G 77 -48.01 -44.22 -8.61
C PHE G 77 -47.53 -43.45 -7.40
N THR G 78 -47.05 -44.20 -6.42
CA THR G 78 -46.58 -43.63 -5.17
C THR G 78 -45.28 -44.27 -4.71
N LEU G 79 -44.36 -43.46 -4.22
CA LEU G 79 -43.19 -43.97 -3.51
C LEU G 79 -43.35 -43.58 -2.05
N THR G 80 -43.19 -44.55 -1.16
CA THR G 80 -43.31 -44.31 0.27
C THR G 80 -42.01 -44.59 0.99
N ILE G 81 -41.61 -43.66 1.86
CA ILE G 81 -40.50 -43.89 2.79
C ILE G 81 -41.17 -43.93 4.15
N SER G 82 -41.21 -45.11 4.77
CA SER G 82 -42.04 -45.32 5.96
C SER G 82 -41.49 -44.62 7.18
N SER G 83 -40.16 -44.53 7.27
CA SER G 83 -39.53 -43.83 8.38
C SER G 83 -38.36 -43.02 7.86
N LEU G 84 -38.59 -41.72 7.63
CA LEU G 84 -37.61 -40.90 6.94
C LEU G 84 -36.33 -40.74 7.77
N GLN G 85 -35.21 -41.14 7.17
CA GLN G 85 -33.89 -41.00 7.79
C GLN G 85 -33.17 -39.82 7.15
N ALA G 86 -32.26 -39.20 7.89
CA ALA G 86 -31.50 -38.06 7.36
C ALA G 86 -30.79 -38.39 6.05
N GLU G 87 -30.35 -39.64 5.89
CA GLU G 87 -29.67 -40.06 4.65
C GLU G 87 -30.59 -40.14 3.42
N ASP G 88 -31.90 -40.03 3.64
CA ASP G 88 -32.89 -40.11 2.56
C ASP G 88 -33.20 -38.76 1.95
N VAL G 89 -32.55 -37.71 2.44
CA VAL G 89 -32.74 -36.38 1.88
C VAL G 89 -32.15 -36.37 0.47
N ALA G 90 -33.01 -36.15 -0.53
CA ALA G 90 -32.62 -36.33 -1.93
C ALA G 90 -33.71 -35.77 -2.82
N VAL G 91 -33.42 -35.73 -4.12
CA VAL G 91 -34.47 -35.55 -5.12
C VAL G 91 -34.85 -36.93 -5.60
N TYR G 92 -36.16 -37.16 -5.74
CA TYR G 92 -36.67 -38.45 -6.18
C TYR G 92 -37.34 -38.31 -7.54
N TYR G 93 -37.03 -39.23 -8.46
CA TYR G 93 -37.53 -39.15 -9.85
C TYR G 93 -38.28 -40.42 -10.15
N CYS G 94 -39.45 -40.31 -10.77
CA CYS G 94 -40.05 -41.48 -11.38
C CYS G 94 -39.69 -41.49 -12.86
N GLN G 95 -39.90 -42.64 -13.50
CA GLN G 95 -39.58 -42.79 -14.92
C GLN G 95 -40.47 -43.89 -15.48
N GLN G 96 -41.05 -43.67 -16.66
CA GLN G 96 -41.71 -44.76 -17.38
C GLN G 96 -40.74 -45.40 -18.39
N TYR G 97 -40.75 -46.73 -18.46
CA TYR G 97 -40.01 -47.44 -19.50
C TYR G 97 -40.94 -48.43 -20.24
N TYR G 98 -42.22 -48.09 -20.35
CA TYR G 98 -43.13 -48.87 -21.20
C TYR G 98 -42.67 -48.80 -22.67
N LEU G 99 -42.30 -47.59 -23.09
CA LEU G 99 -41.75 -47.37 -24.43
C LEU G 99 -40.50 -46.48 -24.35
N ILE G 100 -39.82 -46.29 -25.48
CA ILE G 100 -38.77 -45.28 -25.58
C ILE G 100 -39.30 -44.12 -26.41
N PRO G 101 -38.96 -42.87 -26.07
CA PRO G 101 -38.15 -42.35 -24.96
C PRO G 101 -38.72 -42.72 -23.61
N SER G 102 -37.87 -43.26 -22.74
CA SER G 102 -38.28 -43.72 -21.44
C SER G 102 -38.15 -42.54 -20.49
N THR G 103 -39.19 -41.70 -20.48
CA THR G 103 -39.14 -40.36 -19.88
C THR G 103 -39.26 -40.32 -18.35
N PHE G 104 -38.64 -39.30 -17.75
CA PHE G 104 -38.65 -39.10 -16.29
C PHE G 104 -39.69 -38.06 -15.90
N GLY G 105 -40.22 -38.19 -14.68
CA GLY G 105 -40.92 -37.09 -13.99
C GLY G 105 -39.93 -35.99 -13.64
N GLN G 106 -40.43 -34.85 -13.19
CA GLN G 106 -39.57 -33.66 -13.01
C GLN G 106 -38.80 -33.63 -11.69
N GLY G 107 -39.07 -34.61 -10.82
CA GLY G 107 -38.39 -34.71 -9.54
C GLY G 107 -39.19 -34.11 -8.40
N THR G 108 -39.09 -34.74 -7.23
CA THR G 108 -39.65 -34.22 -5.97
C THR G 108 -38.52 -34.16 -4.93
N LYS G 109 -38.26 -32.98 -4.38
CA LYS G 109 -37.27 -32.83 -3.32
C LYS G 109 -37.86 -33.25 -1.98
N VAL G 110 -37.16 -34.14 -1.30
CA VAL G 110 -37.54 -34.61 0.04
C VAL G 110 -36.53 -34.06 1.05
N GLU G 111 -37.01 -33.32 2.05
CA GLU G 111 -36.15 -32.72 3.08
C GLU G 111 -36.65 -33.09 4.47
N ILE G 112 -35.79 -32.89 5.48
CA ILE G 112 -36.18 -33.09 6.87
C ILE G 112 -36.98 -31.88 7.39
N LYS G 113 -38.13 -32.16 8.01
CA LYS G 113 -38.88 -31.11 8.70
C LYS G 113 -38.39 -30.97 10.14
N ARG G 114 -38.11 -29.73 10.53
CA ARG G 114 -37.73 -29.43 11.91
C ARG G 114 -38.46 -28.17 12.37
N THR G 115 -38.31 -27.83 13.65
CA THR G 115 -38.88 -26.59 14.18
C THR G 115 -38.27 -25.38 13.50
N VAL G 116 -39.09 -24.33 13.35
CA VAL G 116 -38.67 -23.05 12.79
C VAL G 116 -37.46 -22.49 13.53
N ALA G 117 -36.48 -22.00 12.76
CA ALA G 117 -35.28 -21.39 13.33
C ALA G 117 -34.96 -20.15 12.52
N ALA G 118 -34.77 -19.04 13.21
CA ALA G 118 -34.49 -17.77 12.55
C ALA G 118 -33.02 -17.65 12.16
N PRO G 119 -32.73 -17.03 11.02
CA PRO G 119 -31.32 -16.89 10.64
C PRO G 119 -30.53 -16.01 11.62
N SER G 120 -29.26 -16.35 11.79
CA SER G 120 -28.33 -15.41 12.39
C SER G 120 -27.76 -14.63 11.24
N VAL G 121 -27.85 -13.31 11.30
CA VAL G 121 -27.50 -12.46 10.14
C VAL G 121 -26.22 -11.68 10.39
N PHE G 122 -25.35 -11.65 9.37
CA PHE G 122 -24.05 -10.96 9.42
C PHE G 122 -23.81 -10.24 8.10
N ILE G 123 -23.26 -9.03 8.17
CA ILE G 123 -22.90 -8.27 6.97
C ILE G 123 -21.39 -8.02 6.91
N PHE G 124 -20.82 -8.13 5.72
CA PHE G 124 -19.38 -7.96 5.54
C PHE G 124 -19.11 -6.84 4.54
N PRO G 125 -18.36 -5.81 4.97
CA PRO G 125 -17.94 -4.79 4.01
C PRO G 125 -16.92 -5.34 3.02
N PRO G 126 -16.73 -4.66 1.86
CA PRO G 126 -15.67 -5.09 0.97
C PRO G 126 -14.31 -4.85 1.64
N SER G 127 -13.33 -5.71 1.34
CA SER G 127 -12.00 -5.58 1.92
C SER G 127 -11.24 -4.48 1.21
N ASP G 128 -10.26 -3.91 1.91
CA ASP G 128 -9.37 -2.93 1.30
C ASP G 128 -8.62 -3.51 0.11
N GLU G 129 -8.20 -4.77 0.21
CA GLU G 129 -7.58 -5.49 -0.89
C GLU G 129 -8.44 -5.48 -2.16
N GLN G 130 -9.72 -5.83 -2.03
CA GLN G 130 -10.62 -5.84 -3.20
C GLN G 130 -10.81 -4.45 -3.81
N LEU G 131 -10.96 -3.46 -2.95
CA LEU G 131 -11.21 -2.08 -3.41
C LEU G 131 -10.12 -1.54 -4.35
N LYS G 132 -8.86 -1.94 -4.13
CA LYS G 132 -7.76 -1.61 -5.04
C LYS G 132 -8.03 -2.03 -6.49
N SER G 133 -8.66 -3.19 -6.66
CA SER G 133 -8.94 -3.74 -7.99
C SER G 133 -10.10 -3.02 -8.67
N GLY G 134 -10.73 -2.09 -7.94
CA GLY G 134 -11.80 -1.25 -8.50
C GLY G 134 -13.22 -1.78 -8.38
N THR G 135 -13.41 -2.84 -7.60
CA THR G 135 -14.74 -3.40 -7.38
C THR G 135 -15.03 -3.56 -5.89
N ALA G 136 -16.31 -3.46 -5.53
CA ALA G 136 -16.74 -3.65 -4.16
C ALA G 136 -17.83 -4.71 -4.08
N SER G 137 -17.56 -5.77 -3.34
CA SER G 137 -18.57 -6.78 -3.02
C SER G 137 -18.94 -6.68 -1.56
N VAL G 138 -20.23 -6.55 -1.30
CA VAL G 138 -20.75 -6.54 0.07
C VAL G 138 -21.50 -7.86 0.28
N VAL G 139 -21.15 -8.58 1.34
CA VAL G 139 -21.72 -9.93 1.55
C VAL G 139 -22.64 -9.95 2.75
N CYS G 140 -23.80 -10.57 2.58
CA CYS G 140 -24.70 -10.80 3.70
C CYS G 140 -24.92 -12.29 3.92
N LEU G 141 -24.65 -12.75 5.13
CA LEU G 141 -24.81 -14.16 5.53
C LEU G 141 -26.06 -14.33 6.39
N LEU G 142 -26.90 -15.28 5.99
CA LEU G 142 -28.02 -15.76 6.78
C LEU G 142 -27.67 -17.16 7.25
N ASN G 143 -27.42 -17.30 8.54
CA ASN G 143 -26.86 -18.53 9.04
C ASN G 143 -27.89 -19.38 9.76
N ASN G 144 -27.93 -20.67 9.38
CA ASN G 144 -28.67 -21.72 10.09
C ASN G 144 -30.16 -21.44 10.37
N PHE G 145 -30.95 -21.39 9.30
CA PHE G 145 -32.38 -21.12 9.41
C PHE G 145 -33.23 -22.24 8.84
N TYR G 146 -34.49 -22.28 9.28
CA TYR G 146 -35.47 -23.22 8.75
C TYR G 146 -36.86 -22.62 8.98
N PRO G 147 -37.75 -22.65 7.95
CA PRO G 147 -37.65 -23.26 6.63
C PRO G 147 -36.77 -22.51 5.63
N ARG G 148 -36.64 -23.05 4.42
CA ARG G 148 -35.69 -22.56 3.42
C ARG G 148 -36.03 -21.17 2.89
N GLU G 149 -37.33 -20.82 2.88
CA GLU G 149 -37.77 -19.52 2.36
C GLU G 149 -37.26 -18.39 3.22
N ALA G 150 -36.48 -17.50 2.61
CA ALA G 150 -35.95 -16.32 3.25
C ALA G 150 -35.83 -15.23 2.21
N LYS G 151 -36.01 -13.98 2.61
CA LYS G 151 -35.88 -12.87 1.69
C LYS G 151 -34.80 -11.89 2.16
N VAL G 152 -33.90 -11.55 1.24
CA VAL G 152 -32.85 -10.57 1.50
C VAL G 152 -33.12 -9.32 0.68
N GLN G 153 -33.14 -8.18 1.35
CA GLN G 153 -33.27 -6.89 0.66
C GLN G 153 -32.05 -6.04 0.96
N TRP G 154 -31.36 -5.63 -0.10
CA TRP G 154 -30.22 -4.74 0.02
C TRP G 154 -30.69 -3.32 -0.02
N LYS G 155 -30.11 -2.48 0.84
CA LYS G 155 -30.48 -1.07 0.93
C LYS G 155 -29.23 -0.20 0.98
N VAL G 156 -29.16 0.75 0.06
CA VAL G 156 -28.03 1.68 0.03
C VAL G 156 -28.58 3.10 0.20
N ASP G 157 -28.33 3.69 1.37
CA ASP G 157 -29.01 4.93 1.81
C ASP G 157 -30.54 4.78 1.69
N ASN G 158 -31.05 3.67 2.22
CA ASN G 158 -32.49 3.35 2.16
C ASN G 158 -33.09 3.13 0.77
N ALA G 159 -32.27 3.27 -0.27
CA ALA G 159 -32.71 2.98 -1.62
C ALA G 159 -32.66 1.47 -1.87
N LEU G 160 -33.82 0.89 -2.20
CA LEU G 160 -33.97 -0.55 -2.46
C LEU G 160 -33.23 -0.93 -3.74
N GLN G 161 -32.33 -1.90 -3.60
CA GLN G 161 -31.50 -2.37 -4.72
C GLN G 161 -32.18 -3.47 -5.52
N SER G 162 -31.86 -3.53 -6.81
CA SER G 162 -32.42 -4.54 -7.69
C SER G 162 -31.42 -4.81 -8.81
N GLY G 163 -31.29 -6.08 -9.19
CA GLY G 163 -30.48 -6.47 -10.34
C GLY G 163 -28.97 -6.42 -10.15
N ASN G 164 -28.52 -6.09 -8.95
CA ASN G 164 -27.08 -6.01 -8.66
C ASN G 164 -26.63 -6.90 -7.49
N SER G 165 -27.44 -7.89 -7.15
CA SER G 165 -27.06 -8.87 -6.13
C SER G 165 -27.30 -10.30 -6.62
N GLN G 166 -26.55 -11.25 -6.08
CA GLN G 166 -26.73 -12.66 -6.40
C GLN G 166 -26.62 -13.43 -5.11
N GLU G 167 -27.35 -14.53 -5.01
CA GLU G 167 -27.38 -15.32 -3.78
C GLU G 167 -27.27 -16.80 -4.06
N SER G 168 -26.92 -17.56 -3.02
CA SER G 168 -26.72 -18.98 -3.11
C SER G 168 -27.10 -19.59 -1.76
N VAL G 169 -27.62 -20.82 -1.78
CA VAL G 169 -28.13 -21.48 -0.57
C VAL G 169 -27.43 -22.84 -0.42
N THR G 170 -27.12 -23.24 0.81
CA THR G 170 -26.48 -24.52 1.04
C THR G 170 -27.52 -25.61 1.00
N GLU G 171 -27.08 -26.86 0.87
CA GLU G 171 -27.97 -28.00 1.07
C GLU G 171 -28.33 -28.08 2.55
N GLN G 172 -29.40 -28.79 2.89
CA GLN G 172 -29.80 -28.99 4.28
C GLN G 172 -28.68 -29.56 5.12
N ASP G 173 -28.40 -28.94 6.27
CA ASP G 173 -27.30 -29.37 7.12
C ASP G 173 -27.59 -30.75 7.69
N SER G 174 -26.60 -31.65 7.61
CA SER G 174 -26.76 -33.02 8.06
C SER G 174 -27.00 -33.14 9.57
N LYS G 175 -26.52 -32.15 10.32
CA LYS G 175 -26.59 -32.19 11.79
C LYS G 175 -27.82 -31.51 12.39
N ASP G 176 -28.18 -30.32 11.91
CA ASP G 176 -29.29 -29.56 12.50
C ASP G 176 -30.47 -29.27 11.54
N SER G 177 -30.36 -29.76 10.31
CA SER G 177 -31.45 -29.67 9.31
C SER G 177 -31.77 -28.25 8.89
N THR G 178 -30.81 -27.36 9.04
CA THR G 178 -30.99 -25.98 8.61
C THR G 178 -30.35 -25.71 7.26
N TYR G 179 -30.65 -24.52 6.75
CA TYR G 179 -30.06 -23.96 5.56
C TYR G 179 -29.28 -22.71 5.93
N SER G 180 -28.36 -22.33 5.06
CA SER G 180 -27.68 -21.04 5.15
C SER G 180 -27.72 -20.39 3.76
N LEU G 181 -27.70 -19.06 3.75
CA LEU G 181 -27.75 -18.31 2.49
C LEU G 181 -26.69 -17.22 2.51
N SER G 182 -26.05 -17.03 1.36
CA SER G 182 -25.05 -15.99 1.14
C SER G 182 -25.57 -15.12 0.02
N SER G 183 -25.64 -13.81 0.25
CA SER G 183 -26.00 -12.85 -0.79
C SER G 183 -24.85 -11.86 -1.00
N THR G 184 -24.53 -11.60 -2.26
CA THR G 184 -23.48 -10.63 -2.59
C THR G 184 -24.03 -9.46 -3.41
N LEU G 185 -23.86 -8.25 -2.89
CA LEU G 185 -24.14 -7.02 -3.62
C LEU G 185 -22.83 -6.58 -4.25
N THR G 186 -22.84 -6.30 -5.55
CA THR G 186 -21.63 -5.91 -6.22
C THR G 186 -21.80 -4.54 -6.84
N LEU G 187 -20.81 -3.68 -6.65
CA LEU G 187 -20.82 -2.37 -7.31
C LEU G 187 -19.40 -1.93 -7.59
N SER G 188 -19.24 -0.99 -8.52
CA SER G 188 -17.91 -0.45 -8.80
C SER G 188 -17.45 0.33 -7.57
N LYS G 189 -16.14 0.50 -7.44
CA LYS G 189 -15.53 1.26 -6.35
C LYS G 189 -16.10 2.68 -6.34
N ALA G 190 -16.22 3.26 -7.53
CA ALA G 190 -16.80 4.59 -7.72
C ALA G 190 -18.22 4.68 -7.16
N ASP G 191 -19.09 3.77 -7.60
CA ASP G 191 -20.47 3.72 -7.12
C ASP G 191 -20.51 3.47 -5.62
N TYR G 192 -19.56 2.67 -5.13
CA TYR G 192 -19.48 2.33 -3.72
C TYR G 192 -19.26 3.57 -2.85
N GLU G 193 -18.49 4.52 -3.37
CA GLU G 193 -18.22 5.77 -2.66
C GLU G 193 -19.28 6.86 -2.91
N LYS G 194 -20.11 6.69 -3.93
CA LYS G 194 -21.22 7.61 -4.21
C LYS G 194 -22.38 7.42 -3.22
N HIS G 195 -22.23 6.44 -2.34
CA HIS G 195 -23.24 6.12 -1.32
C HIS G 195 -22.55 5.97 0.01
N LYS G 196 -23.33 5.85 1.10
CA LYS G 196 -22.78 5.95 2.45
C LYS G 196 -23.13 4.81 3.43
N VAL G 197 -24.42 4.45 3.51
CA VAL G 197 -24.89 3.42 4.44
C VAL G 197 -25.30 2.16 3.68
N TYR G 198 -24.71 1.03 4.08
CA TYR G 198 -24.97 -0.24 3.42
C TYR G 198 -25.65 -1.21 4.37
N ALA G 199 -26.80 -1.73 3.96
CA ALA G 199 -27.64 -2.55 4.83
C ALA G 199 -28.22 -3.77 4.15
N CYS G 200 -28.38 -4.82 4.96
CA CYS G 200 -28.97 -6.06 4.54
C CYS G 200 -30.19 -6.34 5.39
N GLU G 201 -31.36 -6.37 4.76
CA GLU G 201 -32.62 -6.59 5.48
C GLU G 201 -33.19 -7.97 5.19
N VAL G 202 -33.43 -8.73 6.26
CA VAL G 202 -33.83 -10.13 6.14
C VAL G 202 -35.22 -10.40 6.69
N THR G 203 -36.05 -11.03 5.85
CA THR G 203 -37.38 -11.50 6.22
C THR G 203 -37.40 -13.02 6.28
N HIS G 204 -37.90 -13.56 7.38
CA HIS G 204 -38.02 -15.00 7.58
C HIS G 204 -39.09 -15.26 8.59
N GLN G 205 -39.89 -16.30 8.37
CA GLN G 205 -41.00 -16.63 9.26
C GLN G 205 -40.60 -16.88 10.72
N GLY G 206 -39.30 -17.01 10.97
CA GLY G 206 -38.78 -17.12 12.33
C GLY G 206 -38.53 -15.77 13.00
N LEU G 207 -38.82 -14.69 12.27
CA LEU G 207 -38.63 -13.32 12.75
C LEU G 207 -39.97 -12.56 12.75
N SER G 208 -40.22 -11.80 13.81
CA SER G 208 -41.44 -11.00 13.97
C SER G 208 -41.59 -9.95 12.87
N SER G 209 -40.50 -9.22 12.62
CA SER G 209 -40.43 -8.23 11.56
C SER G 209 -39.02 -8.25 10.97
N PRO G 210 -38.84 -7.69 9.75
CA PRO G 210 -37.52 -7.72 9.11
C PRO G 210 -36.36 -7.33 10.04
N VAL G 211 -35.28 -8.10 9.96
CA VAL G 211 -34.04 -7.80 10.70
C VAL G 211 -33.04 -7.16 9.75
N THR G 212 -32.38 -6.10 10.21
CA THR G 212 -31.44 -5.33 9.39
C THR G 212 -30.05 -5.29 10.02
N LYS G 213 -29.02 -5.57 9.20
CA LYS G 213 -27.63 -5.40 9.60
C LYS G 213 -26.98 -4.43 8.63
N SER G 214 -26.14 -3.55 9.17
CA SER G 214 -25.55 -2.48 8.38
C SER G 214 -24.21 -2.00 8.90
N PHE G 215 -23.53 -1.23 8.06
CA PHE G 215 -22.28 -0.58 8.42
C PHE G 215 -22.14 0.75 7.68
N ASN G 216 -21.27 1.61 8.20
CA ASN G 216 -20.94 2.87 7.54
C ASN G 216 -19.62 2.76 6.81
N ARG G 217 -19.61 3.07 5.51
CA ARG G 217 -18.43 2.86 4.68
C ARG G 217 -17.10 3.20 5.36
N GLU H 1 -18.99 -57.29 -10.10
CA GLU H 1 -20.10 -56.33 -10.09
C GLU H 1 -19.99 -55.33 -11.25
N VAL H 2 -21.12 -54.74 -11.61
CA VAL H 2 -21.24 -53.87 -12.77
C VAL H 2 -20.77 -52.46 -12.42
N GLN H 3 -19.95 -51.86 -13.28
CA GLN H 3 -19.54 -50.48 -13.09
C GLN H 3 -19.46 -49.75 -14.43
N LEU H 4 -19.98 -48.53 -14.47
CA LEU H 4 -19.77 -47.68 -15.62
C LEU H 4 -18.92 -46.52 -15.17
N VAL H 5 -17.92 -46.18 -15.99
CA VAL H 5 -16.99 -45.10 -15.65
C VAL H 5 -16.96 -44.08 -16.79
N GLN H 6 -17.30 -42.85 -16.45
CA GLN H 6 -17.31 -41.77 -17.42
C GLN H 6 -16.01 -40.97 -17.46
N SER H 7 -15.73 -40.34 -18.60
CA SER H 7 -14.58 -39.46 -18.75
C SER H 7 -14.71 -38.17 -17.89
N GLY H 8 -13.60 -37.48 -17.67
CA GLY H 8 -13.56 -36.32 -16.74
C GLY H 8 -14.26 -35.08 -17.26
N ALA H 9 -14.39 -34.09 -16.37
CA ALA H 9 -15.12 -32.85 -16.70
C ALA H 9 -14.50 -32.17 -17.91
N GLU H 10 -15.34 -31.47 -18.68
CA GLU H 10 -14.94 -30.82 -19.92
C GLU H 10 -15.27 -29.33 -19.86
N VAL H 11 -14.38 -28.52 -20.43
CA VAL H 11 -14.61 -27.09 -20.52
C VAL H 11 -14.28 -26.66 -21.94
N LYS H 12 -15.28 -26.13 -22.65
CA LYS H 12 -15.15 -25.84 -24.07
C LYS H 12 -15.72 -24.47 -24.41
N LYS H 13 -15.37 -23.96 -25.58
CA LYS H 13 -15.92 -22.69 -26.05
C LYS H 13 -17.02 -23.02 -27.04
N PRO H 14 -18.03 -22.15 -27.15
CA PRO H 14 -19.10 -22.36 -28.12
C PRO H 14 -18.50 -22.60 -29.50
N GLY H 15 -19.10 -23.50 -30.26
CA GLY H 15 -18.62 -23.81 -31.59
C GLY H 15 -17.60 -24.94 -31.65
N GLU H 16 -17.04 -25.33 -30.52
CA GLU H 16 -16.09 -26.44 -30.50
C GLU H 16 -16.86 -27.74 -30.51
N SER H 17 -16.21 -28.80 -30.98
CA SER H 17 -16.79 -30.14 -30.92
C SER H 17 -16.37 -30.79 -29.60
N LEU H 18 -17.07 -31.85 -29.20
CA LEU H 18 -16.76 -32.59 -27.98
C LEU H 18 -17.24 -34.01 -28.08
N LYS H 19 -16.41 -34.95 -27.64
CA LYS H 19 -16.84 -36.35 -27.49
C LYS H 19 -16.50 -36.88 -26.10
N ILE H 20 -17.52 -37.32 -25.35
CA ILE H 20 -17.35 -37.83 -23.99
C ILE H 20 -17.62 -39.32 -23.98
N SER H 21 -17.10 -40.02 -22.97
CA SER H 21 -17.10 -41.46 -23.00
C SER H 21 -17.58 -42.12 -21.71
N CYS H 22 -17.97 -43.39 -21.87
CA CYS H 22 -18.57 -44.17 -20.82
C CYS H 22 -18.11 -45.62 -21.01
N LYS H 23 -17.27 -46.10 -20.10
CA LYS H 23 -16.71 -47.46 -20.21
C LYS H 23 -17.37 -48.38 -19.20
N GLY H 24 -17.89 -49.50 -19.68
CA GLY H 24 -18.50 -50.48 -18.80
C GLY H 24 -17.56 -51.62 -18.46
N SER H 25 -17.70 -52.14 -17.25
CA SER H 25 -16.94 -53.34 -16.83
C SER H 25 -17.76 -54.17 -15.86
N GLY H 26 -17.36 -55.44 -15.69
CA GLY H 26 -18.07 -56.36 -14.82
C GLY H 26 -19.25 -57.08 -15.45
N TYR H 27 -19.38 -56.99 -16.77
CA TYR H 27 -20.54 -57.61 -17.47
C TYR H 27 -20.26 -57.66 -18.97
N SER H 28 -21.05 -58.42 -19.70
CA SER H 28 -20.93 -58.50 -21.15
C SER H 28 -21.43 -57.21 -21.81
N PHE H 29 -20.50 -56.36 -22.24
CA PHE H 29 -20.83 -55.03 -22.75
C PHE H 29 -21.82 -55.01 -23.91
N THR H 30 -21.70 -55.99 -24.80
CA THR H 30 -22.57 -56.01 -25.99
C THR H 30 -23.95 -56.54 -25.68
N SER H 31 -24.17 -57.01 -24.46
CA SER H 31 -25.45 -57.63 -24.10
C SER H 31 -26.49 -56.70 -23.48
N TYR H 32 -26.11 -55.45 -23.21
CA TYR H 32 -27.02 -54.45 -22.63
C TYR H 32 -26.87 -53.12 -23.36
N TRP H 33 -28.00 -52.45 -23.54
CA TRP H 33 -28.01 -51.12 -24.13
C TRP H 33 -27.49 -50.11 -23.16
N ILE H 34 -26.95 -49.01 -23.69
CA ILE H 34 -26.47 -47.89 -22.89
C ILE H 34 -27.25 -46.65 -23.27
N GLY H 35 -27.65 -45.87 -22.26
CA GLY H 35 -28.35 -44.63 -22.49
C GLY H 35 -27.58 -43.43 -22.02
N TRP H 36 -27.96 -42.26 -22.55
CA TRP H 36 -27.42 -40.99 -22.13
C TRP H 36 -28.52 -40.10 -21.63
N VAL H 37 -28.26 -39.45 -20.50
CA VAL H 37 -29.25 -38.64 -19.77
C VAL H 37 -28.63 -37.27 -19.48
N ARG H 38 -29.36 -36.21 -19.81
CA ARG H 38 -28.90 -34.84 -19.54
C ARG H 38 -29.55 -34.28 -18.27
N GLN H 39 -28.76 -33.55 -17.50
CA GLN H 39 -29.29 -32.81 -16.36
C GLN H 39 -28.74 -31.40 -16.37
N MET H 40 -29.56 -30.47 -16.82
CA MET H 40 -29.15 -29.07 -16.83
C MET H 40 -29.06 -28.55 -15.39
N PRO H 41 -28.25 -27.48 -15.16
CA PRO H 41 -28.01 -27.01 -13.80
C PRO H 41 -29.31 -26.71 -13.04
N GLY H 42 -29.49 -27.40 -11.92
CA GLY H 42 -30.67 -27.26 -11.08
C GLY H 42 -31.95 -27.82 -11.67
N LYS H 43 -31.81 -28.60 -12.75
CA LYS H 43 -32.98 -29.15 -13.46
C LYS H 43 -33.07 -30.68 -13.29
N GLY H 44 -34.10 -31.26 -13.88
CA GLY H 44 -34.31 -32.72 -13.74
C GLY H 44 -33.55 -33.53 -14.78
N LEU H 45 -33.83 -34.84 -14.80
CA LEU H 45 -33.20 -35.76 -15.75
C LEU H 45 -33.95 -35.84 -17.08
N GLU H 46 -33.22 -35.77 -18.18
CA GLU H 46 -33.78 -35.88 -19.53
C GLU H 46 -33.19 -37.07 -20.31
N TRP H 47 -34.03 -37.99 -20.75
CA TRP H 47 -33.59 -39.12 -21.56
C TRP H 47 -33.21 -38.63 -22.93
N MET H 48 -31.98 -38.87 -23.34
CA MET H 48 -31.45 -38.31 -24.59
C MET H 48 -31.52 -39.30 -25.72
N GLY H 49 -31.13 -40.53 -25.43
CA GLY H 49 -31.03 -41.54 -26.48
C GLY H 49 -30.34 -42.75 -25.92
N ILE H 50 -30.37 -43.84 -26.71
CA ILE H 50 -29.77 -45.11 -26.29
C ILE H 50 -29.13 -45.82 -27.47
N ILE H 51 -28.21 -46.71 -27.16
CA ILE H 51 -27.49 -47.46 -28.19
C ILE H 51 -27.36 -48.91 -27.75
N ASP H 52 -27.50 -49.80 -28.73
CA ASP H 52 -27.18 -51.25 -28.60
C ASP H 52 -25.73 -51.41 -29.05
N PRO H 53 -24.78 -51.65 -28.12
CA PRO H 53 -23.38 -51.79 -28.54
C PRO H 53 -23.07 -53.02 -29.43
N SER H 54 -23.98 -53.98 -29.51
CA SER H 54 -23.73 -55.17 -30.32
C SER H 54 -23.71 -54.80 -31.80
N ASP H 55 -24.61 -53.92 -32.20
CA ASP H 55 -24.79 -53.61 -33.61
C ASP H 55 -24.86 -52.11 -33.88
N SER H 56 -24.66 -51.28 -32.84
CA SER H 56 -24.75 -49.79 -32.92
C SER H 56 -26.11 -49.24 -33.35
N ASP H 57 -27.17 -50.02 -33.09
CA ASP H 57 -28.56 -49.57 -33.29
C ASP H 57 -28.79 -48.42 -32.31
N THR H 58 -29.00 -47.23 -32.82
CA THR H 58 -29.12 -46.02 -31.98
C THR H 58 -30.52 -45.39 -32.08
N ARG H 59 -31.11 -45.00 -30.94
CA ARG H 59 -32.44 -44.34 -30.91
C ARG H 59 -32.38 -43.06 -30.13
N TYR H 60 -32.90 -41.96 -30.71
CA TYR H 60 -32.86 -40.66 -30.07
C TYR H 60 -34.26 -40.17 -29.73
N SER H 61 -34.33 -39.38 -28.67
CA SER H 61 -35.49 -38.56 -28.38
C SER H 61 -35.66 -37.52 -29.49
N PRO H 62 -36.91 -37.18 -29.85
CA PRO H 62 -37.09 -36.10 -30.83
C PRO H 62 -36.37 -34.81 -30.40
N SER H 63 -36.30 -34.56 -29.09
CA SER H 63 -35.63 -33.39 -28.54
C SER H 63 -34.13 -33.33 -28.84
N PHE H 64 -33.51 -34.48 -29.09
CA PHE H 64 -32.05 -34.53 -29.23
C PHE H 64 -31.59 -35.07 -30.59
N GLN H 65 -32.52 -35.70 -31.32
CA GLN H 65 -32.31 -36.10 -32.72
C GLN H 65 -31.73 -34.94 -33.53
N GLY H 66 -30.58 -35.16 -34.13
CA GLY H 66 -29.89 -34.14 -34.92
C GLY H 66 -29.06 -33.17 -34.10
N GLN H 67 -29.13 -33.25 -32.77
CA GLN H 67 -28.32 -32.39 -31.89
C GLN H 67 -27.01 -33.05 -31.41
N VAL H 68 -27.04 -34.36 -31.28
CA VAL H 68 -25.92 -35.12 -30.75
C VAL H 68 -25.82 -36.45 -31.50
N THR H 69 -24.66 -37.07 -31.47
CA THR H 69 -24.48 -38.40 -32.02
C THR H 69 -24.06 -39.32 -30.89
N ILE H 70 -24.78 -40.43 -30.74
CA ILE H 70 -24.39 -41.48 -29.79
C ILE H 70 -23.71 -42.59 -30.58
N SER H 71 -22.61 -43.14 -30.05
CA SER H 71 -21.88 -44.17 -30.76
C SER H 71 -21.29 -45.14 -29.74
N ALA H 72 -20.68 -46.23 -30.22
CA ALA H 72 -20.07 -47.22 -29.33
C ALA H 72 -18.84 -47.84 -29.98
N ASP H 73 -17.87 -48.24 -29.16
CA ASP H 73 -16.73 -49.05 -29.64
C ASP H 73 -16.68 -50.30 -28.78
N LYS H 74 -17.32 -51.38 -29.25
CA LYS H 74 -17.40 -52.59 -28.43
C LYS H 74 -16.05 -53.24 -28.18
N SER H 75 -15.07 -53.01 -29.06
CA SER H 75 -13.72 -53.54 -28.84
C SER H 75 -13.12 -53.06 -27.52
N ILE H 76 -13.49 -51.85 -27.08
CA ILE H 76 -13.03 -51.34 -25.78
C ILE H 76 -14.15 -51.08 -24.74
N SER H 77 -15.30 -51.74 -24.93
CA SER H 77 -16.47 -51.64 -24.04
C SER H 77 -16.82 -50.19 -23.70
N THR H 78 -16.86 -49.34 -24.72
CA THR H 78 -17.09 -47.90 -24.50
C THR H 78 -18.21 -47.38 -25.35
N ALA H 79 -19.06 -46.54 -24.74
CA ALA H 79 -20.09 -45.80 -25.43
C ALA H 79 -19.70 -44.32 -25.44
N TYR H 80 -20.18 -43.59 -26.45
CA TYR H 80 -19.80 -42.18 -26.63
C TYR H 80 -21.01 -41.28 -26.85
N LEU H 81 -20.88 -40.02 -26.44
CA LEU H 81 -21.85 -38.98 -26.74
C LEU H 81 -21.06 -37.81 -27.32
N GLN H 82 -21.53 -37.25 -28.44
CA GLN H 82 -20.77 -36.18 -29.09
C GLN H 82 -21.55 -35.05 -29.75
N TRP H 83 -20.94 -33.86 -29.77
CA TRP H 83 -21.49 -32.66 -30.40
C TRP H 83 -20.52 -32.19 -31.44
N SER H 84 -21.04 -31.78 -32.60
CA SER H 84 -20.17 -31.19 -33.61
C SER H 84 -19.92 -29.72 -33.32
N SER H 85 -20.89 -29.05 -32.71
CA SER H 85 -20.80 -27.62 -32.46
C SER H 85 -21.53 -27.25 -31.18
N LEU H 86 -20.78 -27.14 -30.09
CA LEU H 86 -21.37 -26.85 -28.78
C LEU H 86 -21.95 -25.45 -28.69
N LYS H 87 -22.99 -25.33 -27.87
CA LYS H 87 -23.59 -24.05 -27.51
C LYS H 87 -23.49 -23.86 -25.99
N ALA H 88 -23.48 -22.62 -25.52
CA ALA H 88 -23.48 -22.35 -24.08
C ALA H 88 -24.59 -23.13 -23.38
N SER H 89 -25.72 -23.29 -24.07
CA SER H 89 -26.89 -23.99 -23.53
C SER H 89 -26.69 -25.52 -23.37
N ASP H 90 -25.58 -26.04 -23.87
CA ASP H 90 -25.24 -27.45 -23.64
C ASP H 90 -24.54 -27.66 -22.30
N THR H 91 -24.24 -26.57 -21.59
CA THR H 91 -23.67 -26.69 -20.24
C THR H 91 -24.61 -27.53 -19.37
N ALA H 92 -24.12 -28.68 -18.92
CA ALA H 92 -24.93 -29.61 -18.16
C ALA H 92 -24.09 -30.75 -17.58
N MET H 93 -24.73 -31.53 -16.70
CA MET H 93 -24.19 -32.84 -16.32
C MET H 93 -24.75 -33.86 -17.30
N TYR H 94 -23.88 -34.76 -17.80
CA TYR H 94 -24.31 -35.87 -18.65
C TYR H 94 -24.00 -37.19 -17.98
N TYR H 95 -25.02 -38.03 -17.85
CA TYR H 95 -24.86 -39.38 -17.28
C TYR H 95 -25.01 -40.39 -18.40
N CYS H 96 -24.21 -41.45 -18.34
CA CYS H 96 -24.53 -42.65 -19.08
C CYS H 96 -25.10 -43.64 -18.07
N ALA H 97 -25.91 -44.56 -18.56
CA ALA H 97 -26.52 -45.56 -17.70
C ALA H 97 -26.84 -46.79 -18.54
N ARG H 98 -26.81 -47.94 -17.86
CA ARG H 98 -27.12 -49.21 -18.50
C ARG H 98 -28.63 -49.48 -18.44
N VAL H 99 -29.21 -49.86 -19.58
CA VAL H 99 -30.61 -50.34 -19.60
C VAL H 99 -30.65 -51.78 -19.09
N GLY H 100 -31.57 -52.06 -18.16
CA GLY H 100 -31.77 -53.42 -17.67
C GLY H 100 -32.17 -54.42 -18.76
N PRO H 101 -32.09 -55.73 -18.45
CA PRO H 101 -32.33 -56.82 -19.41
C PRO H 101 -33.81 -57.15 -19.67
N ALA H 102 -34.73 -56.58 -18.89
CA ALA H 102 -36.15 -56.99 -18.93
C ALA H 102 -36.88 -56.55 -20.20
N ASP H 103 -37.98 -57.24 -20.53
CA ASP H 103 -38.82 -56.95 -21.71
C ASP H 103 -39.96 -55.99 -21.36
N VAL H 104 -40.43 -55.18 -22.31
CA VAL H 104 -39.79 -54.93 -23.60
C VAL H 104 -38.57 -54.05 -23.37
N TRP H 105 -38.79 -52.91 -22.69
CA TRP H 105 -37.73 -52.03 -22.20
C TRP H 105 -37.62 -52.15 -20.70
N ASP H 106 -36.63 -51.47 -20.11
CA ASP H 106 -36.35 -51.63 -18.70
C ASP H 106 -35.80 -50.33 -18.12
N SER H 107 -35.72 -50.26 -16.80
CA SER H 107 -35.13 -49.12 -16.11
C SER H 107 -33.63 -49.03 -16.38
N PHE H 108 -33.01 -47.92 -15.95
CA PHE H 108 -31.56 -47.81 -15.92
C PHE H 108 -31.04 -48.41 -14.60
N ASP H 109 -30.41 -49.59 -14.67
CA ASP H 109 -30.03 -50.29 -13.45
C ASP H 109 -28.71 -49.84 -12.85
N TYR H 110 -27.76 -49.40 -13.69
CA TYR H 110 -26.45 -48.93 -13.24
C TYR H 110 -26.13 -47.62 -13.92
N TRP H 111 -25.54 -46.69 -13.19
CA TRP H 111 -25.27 -45.35 -13.72
C TRP H 111 -23.81 -45.01 -13.64
N GLY H 112 -23.31 -44.27 -14.62
CA GLY H 112 -21.93 -43.70 -14.55
C GLY H 112 -21.94 -42.55 -13.53
N GLN H 113 -20.78 -41.99 -13.22
CA GLN H 113 -20.69 -40.97 -12.16
C GLN H 113 -21.06 -39.58 -12.67
N GLY H 114 -21.25 -39.46 -13.98
CA GLY H 114 -21.60 -38.21 -14.63
C GLY H 114 -20.37 -37.48 -15.16
N THR H 115 -20.57 -36.72 -16.24
CA THR H 115 -19.53 -35.87 -16.80
C THR H 115 -20.08 -34.45 -16.85
N LEU H 116 -19.41 -33.53 -16.17
CA LEU H 116 -19.77 -32.13 -16.18
C LEU H 116 -19.19 -31.52 -17.44
N VAL H 117 -20.04 -30.84 -18.20
CA VAL H 117 -19.61 -30.18 -19.41
C VAL H 117 -19.96 -28.70 -19.26
N THR H 118 -18.94 -27.85 -19.33
CA THR H 118 -19.13 -26.40 -19.28
C THR H 118 -18.79 -25.81 -20.64
N VAL H 119 -19.71 -25.02 -21.18
CA VAL H 119 -19.50 -24.37 -22.47
C VAL H 119 -19.66 -22.85 -22.30
N SER H 120 -18.57 -22.13 -22.54
CA SER H 120 -18.52 -20.68 -22.27
C SER H 120 -17.43 -20.02 -23.11
N SER H 121 -17.62 -18.75 -23.43
CA SER H 121 -16.58 -18.01 -24.16
C SER H 121 -15.47 -17.55 -23.21
N ALA H 122 -15.74 -17.65 -21.91
CA ALA H 122 -14.73 -17.37 -20.89
C ALA H 122 -13.48 -18.23 -21.06
N SER H 123 -12.35 -17.70 -20.57
CA SER H 123 -11.09 -18.45 -20.54
C SER H 123 -10.65 -18.72 -19.10
N THR H 124 -9.77 -19.71 -18.92
CA THR H 124 -9.23 -20.09 -17.62
C THR H 124 -8.65 -18.92 -16.84
N LYS H 125 -9.07 -18.80 -15.58
CA LYS H 125 -8.62 -17.69 -14.72
C LYS H 125 -8.67 -18.09 -13.25
N GLY H 126 -7.57 -17.86 -12.54
CA GLY H 126 -7.52 -18.13 -11.10
C GLY H 126 -8.34 -17.12 -10.33
N PRO H 127 -8.84 -17.52 -9.15
CA PRO H 127 -9.66 -16.61 -8.35
C PRO H 127 -8.80 -15.59 -7.59
N SER H 128 -9.41 -14.47 -7.22
CA SER H 128 -8.86 -13.63 -6.18
C SER H 128 -9.56 -14.07 -4.90
N VAL H 129 -8.83 -14.09 -3.80
CA VAL H 129 -9.39 -14.54 -2.52
C VAL H 129 -9.33 -13.35 -1.56
N PHE H 130 -10.51 -12.87 -1.18
CA PHE H 130 -10.59 -11.72 -0.27
C PHE H 130 -11.11 -12.18 1.08
N PRO H 131 -10.61 -11.56 2.17
CA PRO H 131 -11.16 -11.88 3.49
C PRO H 131 -12.56 -11.31 3.72
N LEU H 132 -13.38 -12.06 4.44
CA LEU H 132 -14.63 -11.56 5.01
C LEU H 132 -14.35 -11.47 6.49
N ALA H 133 -13.92 -10.29 6.93
CA ALA H 133 -13.32 -10.12 8.26
C ALA H 133 -14.42 -10.11 9.33
N PRO H 134 -14.13 -10.71 10.50
CA PRO H 134 -15.17 -10.70 11.54
C PRO H 134 -15.48 -9.29 12.04
N SER H 135 -16.75 -9.00 12.31
CA SER H 135 -17.26 -7.65 12.62
C SER H 135 -16.77 -7.08 13.95
N SER H 136 -16.95 -5.78 14.14
CA SER H 136 -16.60 -5.11 15.40
C SER H 136 -17.84 -4.80 16.25
N LYS H 137 -19.02 -4.92 15.65
CA LYS H 137 -20.29 -4.78 16.38
C LYS H 137 -20.47 -5.95 17.35
N SER H 138 -21.06 -5.66 18.51
CA SER H 138 -21.22 -6.65 19.58
C SER H 138 -22.23 -7.75 19.22
N THR H 139 -21.74 -8.98 19.15
CA THR H 139 -22.56 -10.14 18.82
C THR H 139 -23.55 -10.43 19.95
N SER H 140 -24.79 -10.74 19.57
CA SER H 140 -25.87 -11.00 20.54
C SER H 140 -25.56 -12.17 21.48
N GLY H 141 -24.79 -13.14 20.97
CA GLY H 141 -24.44 -14.32 21.76
C GLY H 141 -23.02 -14.81 21.60
N GLY H 142 -22.06 -13.88 21.46
CA GLY H 142 -20.64 -14.21 21.46
C GLY H 142 -20.20 -15.11 20.31
N THR H 143 -20.99 -15.11 19.23
CA THR H 143 -20.62 -15.81 18.00
C THR H 143 -20.20 -14.77 16.96
N ALA H 144 -19.07 -15.01 16.32
CA ALA H 144 -18.65 -14.16 15.21
C ALA H 144 -18.63 -14.97 13.94
N ALA H 145 -18.85 -14.29 12.81
CA ALA H 145 -18.75 -14.96 11.52
C ALA H 145 -17.58 -14.36 10.76
N LEU H 146 -16.80 -15.22 10.13
CA LEU H 146 -15.76 -14.76 9.22
C LEU H 146 -15.74 -15.64 7.98
N GLY H 147 -14.99 -15.25 6.96
CA GLY H 147 -14.95 -16.09 5.77
C GLY H 147 -13.99 -15.63 4.72
N CYS H 148 -14.12 -16.23 3.53
CA CYS H 148 -13.33 -15.87 2.38
C CYS H 148 -14.24 -15.77 1.17
N LEU H 149 -14.07 -14.70 0.40
CA LEU H 149 -14.77 -14.53 -0.87
C LEU H 149 -13.82 -14.91 -1.99
N VAL H 150 -14.19 -15.95 -2.72
CA VAL H 150 -13.38 -16.50 -3.79
C VAL H 150 -14.00 -16.02 -5.11
N LYS H 151 -13.41 -14.96 -5.68
CA LYS H 151 -14.10 -14.20 -6.74
C LYS H 151 -13.40 -14.24 -8.09
N ASP H 152 -14.19 -14.28 -9.16
CA ASP H 152 -13.70 -14.14 -10.56
C ASP H 152 -12.78 -15.26 -11.01
N TYR H 153 -13.27 -16.48 -10.92
CA TYR H 153 -12.54 -17.61 -11.46
C TYR H 153 -13.35 -18.28 -12.56
N PHE H 154 -12.61 -19.00 -13.40
CA PHE H 154 -13.22 -19.86 -14.40
C PHE H 154 -12.21 -20.96 -14.77
N PRO H 155 -12.68 -22.22 -14.91
CA PRO H 155 -14.03 -22.73 -14.68
C PRO H 155 -14.20 -23.24 -13.24
N GLU H 156 -15.36 -23.84 -12.97
CA GLU H 156 -15.57 -24.65 -11.76
C GLU H 156 -14.65 -25.88 -11.87
N PRO H 157 -14.30 -26.49 -10.73
CA PRO H 157 -14.62 -26.10 -9.37
C PRO H 157 -13.46 -25.44 -8.63
N VAL H 158 -13.77 -24.91 -7.45
CA VAL H 158 -12.73 -24.65 -6.45
C VAL H 158 -13.04 -25.46 -5.21
N THR H 159 -12.04 -25.67 -4.40
CA THR H 159 -12.22 -26.31 -3.12
C THR H 159 -11.78 -25.29 -2.08
N VAL H 160 -12.48 -25.27 -0.95
CA VAL H 160 -12.08 -24.46 0.20
C VAL H 160 -12.04 -25.37 1.42
N SER H 161 -10.98 -25.27 2.21
CA SER H 161 -10.98 -25.85 3.54
C SER H 161 -10.57 -24.75 4.50
N TRP H 162 -10.69 -25.03 5.80
CA TRP H 162 -10.26 -24.09 6.81
C TRP H 162 -9.26 -24.74 7.71
N ASN H 163 -8.20 -23.99 8.03
CA ASN H 163 -7.11 -24.47 8.85
C ASN H 163 -6.63 -25.85 8.40
N SER H 164 -6.37 -25.97 7.09
CA SER H 164 -5.89 -27.22 6.47
C SER H 164 -6.77 -28.44 6.72
N GLY H 165 -8.04 -28.21 7.03
CA GLY H 165 -9.03 -29.29 7.20
C GLY H 165 -9.41 -29.57 8.64
N ALA H 166 -8.66 -28.99 9.58
CA ALA H 166 -8.91 -29.16 11.01
C ALA H 166 -10.21 -28.51 11.45
N LEU H 167 -10.62 -27.41 10.80
CA LEU H 167 -11.84 -26.68 11.17
C LEU H 167 -12.99 -27.04 10.21
N THR H 168 -13.99 -27.74 10.75
CA THR H 168 -15.14 -28.16 9.95
C THR H 168 -16.45 -27.72 10.58
N SER H 169 -16.48 -27.66 11.91
CA SER H 169 -17.68 -27.25 12.63
C SER H 169 -18.00 -25.78 12.34
N GLY H 170 -19.26 -25.53 11.95
CA GLY H 170 -19.71 -24.17 11.64
C GLY H 170 -19.34 -23.65 10.26
N VAL H 171 -18.64 -24.46 9.46
CA VAL H 171 -18.21 -24.01 8.13
C VAL H 171 -19.35 -24.15 7.12
N HIS H 172 -19.60 -23.12 6.32
CA HIS H 172 -20.48 -23.27 5.16
C HIS H 172 -19.77 -22.77 3.93
N THR H 173 -19.61 -23.64 2.95
CA THR H 173 -19.05 -23.22 1.67
C THR H 173 -20.20 -23.25 0.68
N PHE H 174 -20.53 -22.10 0.11
CA PHE H 174 -21.72 -21.96 -0.71
C PHE H 174 -21.51 -22.38 -2.15
N PRO H 175 -22.59 -22.81 -2.83
CA PRO H 175 -22.54 -22.98 -4.28
C PRO H 175 -22.08 -21.67 -4.95
N ALA H 176 -21.22 -21.76 -5.95
CA ALA H 176 -20.77 -20.58 -6.68
C ALA H 176 -21.92 -19.99 -7.48
N VAL H 177 -21.86 -18.69 -7.76
CA VAL H 177 -22.78 -18.06 -8.71
C VAL H 177 -22.00 -17.64 -9.95
N LEU H 178 -22.65 -17.70 -11.10
CA LEU H 178 -22.03 -17.27 -12.33
C LEU H 178 -22.40 -15.81 -12.56
N GLN H 179 -21.40 -14.95 -12.61
CA GLN H 179 -21.63 -13.51 -12.81
C GLN H 179 -21.81 -13.21 -14.29
N SER H 180 -22.36 -12.04 -14.60
CA SER H 180 -22.61 -11.65 -15.98
C SER H 180 -21.32 -11.52 -16.78
N SER H 181 -20.20 -11.35 -16.07
CA SER H 181 -18.88 -11.34 -16.70
C SER H 181 -18.46 -12.71 -17.24
N GLY H 182 -19.19 -13.75 -16.84
CA GLY H 182 -18.87 -15.12 -17.25
C GLY H 182 -17.91 -15.84 -16.30
N LEU H 183 -17.54 -15.15 -15.21
CA LEU H 183 -16.69 -15.72 -14.17
C LEU H 183 -17.51 -16.11 -12.94
N TYR H 184 -17.06 -17.16 -12.25
CA TYR H 184 -17.75 -17.61 -11.04
C TYR H 184 -17.32 -16.83 -9.81
N SER H 185 -18.17 -16.85 -8.78
CA SER H 185 -17.82 -16.29 -7.48
C SER H 185 -18.45 -17.12 -6.37
N LEU H 186 -17.68 -17.34 -5.32
CA LEU H 186 -18.05 -18.25 -4.25
C LEU H 186 -17.63 -17.68 -2.90
N SER H 187 -18.46 -17.89 -1.88
CA SER H 187 -18.07 -17.56 -0.51
C SER H 187 -18.02 -18.79 0.40
N SER H 188 -17.14 -18.74 1.38
CA SER H 188 -17.09 -19.77 2.40
C SER H 188 -16.96 -19.02 3.72
N VAL H 189 -17.77 -19.42 4.69
CA VAL H 189 -17.80 -18.75 5.98
C VAL H 189 -17.73 -19.76 7.12
N VAL H 190 -17.33 -19.27 8.28
CA VAL H 190 -17.37 -20.07 9.50
C VAL H 190 -17.82 -19.17 10.65
N THR H 191 -18.67 -19.72 11.51
CA THR H 191 -19.01 -19.07 12.76
C THR H 191 -18.15 -19.68 13.84
N VAL H 192 -17.60 -18.83 14.69
CA VAL H 192 -16.65 -19.22 15.72
C VAL H 192 -16.94 -18.43 16.99
N PRO H 193 -16.41 -18.87 18.16
CA PRO H 193 -16.54 -18.06 19.35
C PRO H 193 -15.82 -16.71 19.18
N SER H 194 -16.51 -15.61 19.52
CA SER H 194 -15.91 -14.27 19.50
C SER H 194 -14.65 -14.24 20.35
N SER H 195 -14.72 -14.89 21.51
CA SER H 195 -13.60 -14.97 22.44
C SER H 195 -12.32 -15.58 21.83
N SER H 196 -12.46 -16.27 20.71
CA SER H 196 -11.33 -16.95 20.06
C SER H 196 -10.55 -16.04 19.10
N LEU H 197 -11.13 -14.89 18.75
CA LEU H 197 -10.59 -14.06 17.67
C LEU H 197 -9.20 -13.50 17.98
N GLY H 198 -8.94 -13.20 19.25
CA GLY H 198 -7.64 -12.68 19.65
C GLY H 198 -6.50 -13.68 19.49
N THR H 199 -6.80 -14.97 19.61
CA THR H 199 -5.75 -15.98 19.77
C THR H 199 -5.77 -17.19 18.84
N GLN H 200 -6.91 -17.47 18.23
CA GLN H 200 -7.00 -18.54 17.24
C GLN H 200 -6.77 -17.99 15.82
N THR H 201 -5.91 -18.66 15.07
CA THR H 201 -5.65 -18.31 13.66
C THR H 201 -6.66 -18.99 12.74
N TYR H 202 -7.25 -18.21 11.84
CA TYR H 202 -8.18 -18.75 10.83
C TYR H 202 -7.66 -18.48 9.43
N ILE H 203 -7.43 -19.58 8.70
CA ILE H 203 -6.91 -19.56 7.34
C ILE H 203 -7.82 -20.36 6.43
N CYS H 204 -8.28 -19.76 5.33
CA CYS H 204 -9.01 -20.52 4.33
C CYS H 204 -8.03 -20.95 3.27
N ASN H 205 -8.14 -22.22 2.88
CA ASN H 205 -7.25 -22.82 1.90
C ASN H 205 -8.02 -23.04 0.60
N VAL H 206 -7.70 -22.23 -0.41
CA VAL H 206 -8.42 -22.27 -1.68
C VAL H 206 -7.53 -22.97 -2.70
N ASN H 207 -8.13 -23.91 -3.41
CA ASN H 207 -7.46 -24.54 -4.54
C ASN H 207 -8.34 -24.48 -5.78
N HIS H 208 -7.76 -23.94 -6.85
CA HIS H 208 -8.35 -23.94 -8.19
C HIS H 208 -7.40 -24.69 -9.08
N LYS H 209 -7.67 -25.99 -9.27
CA LYS H 209 -6.77 -26.84 -10.02
C LYS H 209 -6.63 -26.38 -11.50
N PRO H 210 -7.76 -26.10 -12.19
CA PRO H 210 -7.66 -25.73 -13.61
C PRO H 210 -6.64 -24.63 -13.93
N SER H 211 -6.41 -23.71 -13.00
CA SER H 211 -5.45 -22.64 -13.22
C SER H 211 -4.19 -22.81 -12.38
N ASN H 212 -4.08 -23.97 -11.72
CA ASN H 212 -2.98 -24.26 -10.79
C ASN H 212 -2.79 -23.19 -9.71
N THR H 213 -3.90 -22.63 -9.21
CA THR H 213 -3.86 -21.61 -8.16
C THR H 213 -4.07 -22.24 -6.79
N LYS H 214 -3.18 -21.93 -5.86
CA LYS H 214 -3.38 -22.30 -4.47
C LYS H 214 -3.18 -21.06 -3.60
N VAL H 215 -4.18 -20.76 -2.76
CA VAL H 215 -4.12 -19.58 -1.91
C VAL H 215 -4.43 -20.02 -0.47
N ASP H 216 -3.64 -19.53 0.48
CA ASP H 216 -3.93 -19.68 1.90
C ASP H 216 -4.04 -18.27 2.48
N LYS H 217 -5.28 -17.82 2.69
CA LYS H 217 -5.53 -16.47 3.13
C LYS H 217 -5.90 -16.46 4.61
N LYS H 218 -5.08 -15.78 5.42
CA LYS H 218 -5.35 -15.64 6.83
C LYS H 218 -6.45 -14.57 6.98
N VAL H 219 -7.46 -14.86 7.79
CA VAL H 219 -8.56 -13.91 7.96
C VAL H 219 -8.55 -13.41 9.41
N GLU H 220 -8.48 -12.09 9.58
CA GLU H 220 -8.40 -11.47 10.91
C GLU H 220 -9.38 -10.29 11.07
N PRO H 221 -9.68 -9.90 12.33
CA PRO H 221 -10.56 -8.74 12.60
C PRO H 221 -9.95 -7.43 12.12
N GLU I 9 -52.54 56.83 -1.35
CA GLU I 9 -52.39 56.11 -2.64
C GLU I 9 -51.70 56.95 -3.74
N CYS I 10 -51.66 58.27 -3.56
CA CYS I 10 -51.05 59.17 -4.57
C CYS I 10 -49.78 59.81 -4.05
N CYS I 11 -48.91 60.22 -4.97
CA CYS I 11 -47.72 60.99 -4.58
C CYS I 11 -48.10 62.45 -4.25
N LEU I 12 -47.58 62.95 -3.13
CA LEU I 12 -47.80 64.36 -2.75
C LEU I 12 -46.93 65.29 -3.57
N GLU I 13 -45.67 64.89 -3.78
CA GLU I 13 -44.75 65.65 -4.60
C GLU I 13 -43.74 64.71 -5.27
N TYR I 14 -43.09 65.19 -6.34
CA TYR I 14 -42.04 64.43 -6.99
C TYR I 14 -40.71 64.58 -6.25
N PHE I 15 -39.94 63.49 -6.20
CA PHE I 15 -38.58 63.51 -5.68
C PHE I 15 -37.69 64.31 -6.63
N LYS I 16 -36.81 65.14 -6.08
CA LYS I 16 -36.02 66.07 -6.88
C LYS I 16 -34.56 65.68 -7.12
N GLY I 17 -34.04 64.77 -6.31
CA GLY I 17 -32.65 64.31 -6.42
C GLY I 17 -32.37 63.27 -7.51
N ALA I 18 -31.15 62.78 -7.55
CA ALA I 18 -30.75 61.78 -8.54
C ALA I 18 -31.43 60.46 -8.19
N ILE I 19 -31.83 59.70 -9.22
CA ILE I 19 -32.43 58.37 -9.02
C ILE I 19 -31.28 57.41 -8.68
N PRO I 20 -31.32 56.77 -7.49
CA PRO I 20 -30.23 55.86 -7.08
C PRO I 20 -30.40 54.51 -7.77
N LEU I 21 -29.83 54.39 -8.98
CA LEU I 21 -30.14 53.26 -9.86
C LEU I 21 -29.79 51.90 -9.26
N ARG I 22 -28.67 51.83 -8.56
CA ARG I 22 -28.24 50.57 -7.97
C ARG I 22 -29.13 50.10 -6.79
N LYS I 23 -29.92 51.03 -6.23
CA LYS I 23 -30.82 50.72 -5.12
C LYS I 23 -32.24 50.32 -5.59
N LEU I 24 -32.52 50.38 -6.89
CA LEU I 24 -33.89 50.16 -7.36
C LEU I 24 -34.23 48.69 -7.41
N LYS I 25 -35.37 48.32 -6.83
CA LYS I 25 -35.86 46.94 -6.90
C LYS I 25 -36.90 46.81 -8.02
N THR I 26 -37.91 47.69 -8.00
CA THR I 26 -38.96 47.66 -9.01
C THR I 26 -39.64 49.03 -9.15
N TRP I 27 -40.74 49.08 -9.88
CA TRP I 27 -41.53 50.31 -10.04
C TRP I 27 -42.97 49.97 -10.27
N TYR I 28 -43.84 50.98 -10.15
CA TYR I 28 -45.22 50.88 -10.64
C TYR I 28 -45.65 52.31 -10.96
N GLN I 29 -46.81 52.46 -11.56
CA GLN I 29 -47.35 53.83 -11.73
C GLN I 29 -48.66 53.97 -10.97
N THR I 30 -48.91 55.19 -10.50
CA THR I 30 -50.09 55.45 -9.66
C THR I 30 -51.31 55.64 -10.57
N SER I 31 -52.49 55.82 -9.98
CA SER I 31 -53.70 56.01 -10.80
C SER I 31 -53.82 57.41 -11.42
N GLU I 32 -54.57 57.48 -12.50
CA GLU I 32 -54.81 58.72 -13.21
C GLU I 32 -55.65 59.74 -12.41
N ASP I 33 -56.28 59.29 -11.32
CA ASP I 33 -56.98 60.21 -10.41
C ASP I 33 -56.03 61.09 -9.58
N CYS I 34 -54.73 60.78 -9.59
CA CYS I 34 -53.73 61.51 -8.79
C CYS I 34 -53.30 62.81 -9.45
N SER I 35 -53.21 63.89 -8.66
CA SER I 35 -52.72 65.18 -9.17
C SER I 35 -51.27 65.15 -9.60
N ARG I 36 -50.39 64.63 -8.74
CA ARG I 36 -49.00 64.45 -9.11
C ARG I 36 -48.83 62.99 -9.48
N ASP I 37 -49.49 62.59 -10.57
CA ASP I 37 -49.47 61.23 -11.11
C ASP I 37 -48.04 60.83 -11.44
N ALA I 38 -47.63 59.64 -11.01
CA ALA I 38 -46.20 59.38 -10.84
C ALA I 38 -45.77 57.99 -11.26
N ILE I 39 -44.49 57.87 -11.65
CA ILE I 39 -43.83 56.58 -11.59
C ILE I 39 -43.27 56.53 -10.17
N VAL I 40 -43.52 55.44 -9.46
CA VAL I 40 -42.98 55.24 -8.12
C VAL I 40 -41.94 54.13 -8.19
N PHE I 41 -40.67 54.45 -7.93
CA PHE I 41 -39.65 53.41 -7.77
C PHE I 41 -39.67 52.84 -6.35
N VAL I 42 -39.50 51.52 -6.22
CA VAL I 42 -39.36 50.89 -4.90
C VAL I 42 -37.90 50.49 -4.79
N THR I 43 -37.25 50.86 -3.69
CA THR I 43 -35.85 50.49 -3.51
C THR I 43 -35.76 49.12 -2.84
N VAL I 44 -34.54 48.56 -2.81
CA VAL I 44 -34.35 47.25 -2.21
C VAL I 44 -34.51 47.33 -0.69
N GLN I 45 -34.38 48.54 -0.14
CA GLN I 45 -34.65 48.83 1.28
C GLN I 45 -36.14 49.10 1.53
N GLY I 46 -36.93 49.04 0.47
CA GLY I 46 -38.38 49.22 0.53
C GLY I 46 -38.89 50.67 0.56
N ARG I 47 -38.01 51.64 0.30
CA ARG I 47 -38.43 53.05 0.17
C ARG I 47 -39.08 53.31 -1.18
N ALA I 48 -40.07 54.21 -1.20
CA ALA I 48 -40.69 54.68 -2.46
C ALA I 48 -40.06 55.99 -2.92
N ILE I 49 -39.88 56.12 -4.23
CA ILE I 49 -39.36 57.36 -4.82
C ILE I 49 -40.37 57.81 -5.85
N CYS I 50 -41.07 58.91 -5.56
CA CYS I 50 -42.10 59.46 -6.45
C CYS I 50 -41.50 60.29 -7.58
N SER I 51 -41.75 59.88 -8.83
CA SER I 51 -41.05 60.46 -9.97
C SER I 51 -41.98 60.91 -11.10
N ASP I 52 -41.56 61.95 -11.81
CA ASP I 52 -42.25 62.46 -12.97
C ASP I 52 -42.18 61.45 -14.13
N PRO I 53 -43.34 60.94 -14.59
CA PRO I 53 -43.31 59.93 -15.65
C PRO I 53 -42.75 60.44 -16.97
N ASN I 54 -42.77 61.76 -17.18
CA ASN I 54 -42.30 62.36 -18.43
C ASN I 54 -40.83 62.78 -18.40
N ASN I 55 -40.19 62.64 -17.24
CA ASN I 55 -38.77 62.97 -17.11
C ASN I 55 -37.92 61.90 -17.78
N LYS I 56 -36.91 62.33 -18.52
CA LYS I 56 -36.08 61.43 -19.34
C LYS I 56 -35.28 60.40 -18.51
N ARG I 57 -34.73 60.84 -17.38
CA ARG I 57 -33.98 59.97 -16.48
C ARG I 57 -34.91 58.95 -15.82
N VAL I 58 -36.14 59.37 -15.53
CA VAL I 58 -37.12 58.46 -14.97
C VAL I 58 -37.44 57.37 -16.00
N LYS I 59 -37.76 57.77 -17.22
CA LYS I 59 -38.02 56.84 -18.32
C LYS I 59 -36.86 55.85 -18.57
N ASN I 60 -35.64 56.34 -18.55
CA ASN I 60 -34.47 55.47 -18.71
C ASN I 60 -34.35 54.41 -17.61
N ALA I 61 -34.64 54.81 -16.37
CA ALA I 61 -34.58 53.88 -15.24
C ALA I 61 -35.66 52.81 -15.36
N VAL I 62 -36.85 53.20 -15.77
CA VAL I 62 -37.94 52.25 -15.95
C VAL I 62 -37.57 51.25 -17.05
N LYS I 63 -37.01 51.76 -18.15
CA LYS I 63 -36.60 50.89 -19.27
C LYS I 63 -35.58 49.85 -18.81
N TYR I 64 -34.62 50.27 -17.99
CA TYR I 64 -33.69 49.31 -17.37
C TYR I 64 -34.41 48.26 -16.51
N LEU I 65 -35.25 48.72 -15.58
CA LEU I 65 -36.00 47.80 -14.72
C LEU I 65 -36.90 46.84 -15.50
N GLN I 66 -37.54 47.35 -16.54
CA GLN I 66 -38.39 46.51 -17.40
C GLN I 66 -37.57 45.39 -18.05
N SER I 67 -36.32 45.68 -18.44
CA SER I 67 -35.45 44.65 -19.04
C SER I 67 -35.11 43.53 -18.05
N LEU I 68 -35.05 43.85 -16.76
CA LEU I 68 -34.82 42.85 -15.73
C LEU I 68 -36.07 41.96 -15.56
N GLU I 69 -37.25 42.58 -15.65
CA GLU I 69 -38.53 41.91 -15.35
C GLU I 69 -39.12 41.16 -16.55
N ARG I 70 -38.81 41.59 -17.77
CA ARG I 70 -39.28 40.91 -19.00
C ARG I 70 -38.17 40.09 -19.63
N GLU J 9 -6.00 -62.96 -29.43
CA GLU J 9 -7.35 -62.49 -29.02
C GLU J 9 -7.88 -63.28 -27.81
N CYS J 10 -7.48 -64.55 -27.71
CA CYS J 10 -7.97 -65.46 -26.67
C CYS J 10 -6.83 -65.98 -25.78
N CYS J 11 -7.17 -66.44 -24.59
CA CYS J 11 -6.17 -67.00 -23.69
C CYS J 11 -6.12 -68.51 -23.85
N LEU J 12 -4.93 -69.02 -24.19
CA LEU J 12 -4.69 -70.44 -24.42
C LEU J 12 -4.50 -71.16 -23.10
N GLU J 13 -4.01 -70.43 -22.10
CA GLU J 13 -3.70 -70.95 -20.78
C GLU J 13 -3.62 -69.80 -19.81
N TYR J 14 -3.94 -70.06 -18.54
CA TYR J 14 -3.88 -69.02 -17.52
C TYR J 14 -2.43 -68.77 -17.09
N PHE J 15 -2.16 -67.55 -16.62
CA PHE J 15 -0.85 -67.16 -16.09
C PHE J 15 -0.48 -68.12 -14.97
N LYS J 16 0.75 -68.61 -14.99
CA LYS J 16 1.18 -69.60 -14.00
C LYS J 16 1.61 -69.02 -12.66
N GLY J 17 1.98 -67.74 -12.63
CA GLY J 17 2.38 -67.08 -11.38
C GLY J 17 1.23 -66.48 -10.58
N ALA J 18 1.54 -65.48 -9.76
CA ALA J 18 0.56 -64.76 -8.97
C ALA J 18 0.19 -63.46 -9.67
N ILE J 19 -1.03 -62.97 -9.48
CA ILE J 19 -1.41 -61.64 -10.02
C ILE J 19 -0.50 -60.59 -9.39
N PRO J 20 0.27 -59.86 -10.22
CA PRO J 20 1.19 -58.87 -9.63
C PRO J 20 0.46 -57.57 -9.27
N LEU J 21 -0.14 -57.54 -8.09
CA LEU J 21 -1.11 -56.51 -7.68
C LEU J 21 -0.63 -55.06 -7.84
N ARG J 22 0.62 -54.79 -7.47
CA ARG J 22 1.15 -53.44 -7.53
C ARG J 22 1.50 -53.01 -8.96
N LYS J 23 1.49 -53.95 -9.89
CA LYS J 23 1.86 -53.66 -11.28
C LYS J 23 0.65 -53.56 -12.22
N LEU J 24 -0.55 -53.67 -11.69
CA LEU J 24 -1.73 -53.68 -12.55
C LEU J 24 -2.10 -52.29 -13.06
N LYS J 25 -2.49 -52.20 -14.33
CA LYS J 25 -2.88 -50.94 -14.94
C LYS J 25 -4.36 -50.96 -15.35
N THR J 26 -4.72 -51.99 -16.11
CA THR J 26 -6.11 -52.14 -16.56
C THR J 26 -6.47 -53.61 -16.71
N TRP J 27 -7.73 -53.89 -17.04
CA TRP J 27 -8.14 -55.27 -17.31
C TRP J 27 -9.20 -55.29 -18.35
N TYR J 28 -9.42 -56.46 -18.93
CA TYR J 28 -10.55 -56.68 -19.82
C TYR J 28 -10.91 -58.16 -19.83
N GLN J 29 -12.09 -58.47 -20.38
CA GLN J 29 -12.56 -59.84 -20.53
C GLN J 29 -12.38 -60.22 -21.98
N THR J 30 -12.00 -61.46 -22.25
CA THR J 30 -11.83 -61.91 -23.63
C THR J 30 -13.22 -62.23 -24.21
N SER J 31 -13.30 -62.35 -25.53
CA SER J 31 -14.56 -62.61 -26.26
C SER J 31 -15.27 -63.92 -25.88
N GLU J 32 -16.60 -63.91 -25.88
CA GLU J 32 -17.39 -65.12 -25.61
C GLU J 32 -17.16 -66.18 -26.68
N ASP J 33 -16.59 -65.75 -27.82
CA ASP J 33 -16.21 -66.66 -28.89
C ASP J 33 -14.88 -67.37 -28.66
N CYS J 34 -14.23 -67.11 -27.53
CA CYS J 34 -13.02 -67.84 -27.17
C CYS J 34 -13.39 -69.16 -26.55
N SER J 35 -12.46 -70.11 -26.61
CA SER J 35 -12.69 -71.44 -26.04
C SER J 35 -12.91 -71.40 -24.53
N ARG J 36 -12.19 -70.52 -23.83
CA ARG J 36 -12.33 -70.38 -22.39
C ARG J 36 -12.57 -68.92 -22.00
N ASP J 37 -13.21 -68.71 -20.85
CA ASP J 37 -13.44 -67.38 -20.31
C ASP J 37 -12.14 -66.94 -19.66
N ALA J 38 -11.78 -65.69 -19.86
CA ALA J 38 -10.59 -65.15 -19.21
C ALA J 38 -10.78 -63.69 -18.88
N ILE J 39 -10.20 -63.28 -17.76
CA ILE J 39 -9.91 -61.87 -17.51
C ILE J 39 -8.42 -61.67 -17.75
N VAL J 40 -8.10 -60.63 -18.51
CA VAL J 40 -6.73 -60.31 -18.81
C VAL J 40 -6.38 -59.01 -18.09
N PHE J 41 -5.44 -59.12 -17.17
CA PHE J 41 -4.88 -57.92 -16.54
C PHE J 41 -3.73 -57.43 -17.40
N VAL J 42 -3.66 -56.11 -17.58
CA VAL J 42 -2.58 -55.50 -18.32
C VAL J 42 -1.74 -54.74 -17.30
N THR J 43 -0.45 -55.02 -17.26
CA THR J 43 0.42 -54.41 -16.25
C THR J 43 0.91 -53.06 -16.73
N VAL J 44 1.53 -52.29 -15.83
CA VAL J 44 2.06 -50.98 -16.19
C VAL J 44 3.13 -51.10 -17.27
N GLN J 45 3.83 -52.22 -17.33
CA GLN J 45 4.82 -52.40 -18.39
C GLN J 45 4.34 -53.18 -19.62
N GLY J 46 3.02 -53.32 -19.75
CA GLY J 46 2.39 -53.85 -20.97
C GLY J 46 2.29 -55.36 -21.11
N ARG J 47 2.55 -56.08 -20.03
CA ARG J 47 2.38 -57.54 -20.03
C ARG J 47 0.91 -57.92 -19.80
N ALA J 48 0.42 -58.89 -20.56
CA ALA J 48 -0.90 -59.49 -20.34
C ALA J 48 -0.85 -60.66 -19.37
N ILE J 49 -1.70 -60.61 -18.35
CA ILE J 49 -1.82 -61.67 -17.35
C ILE J 49 -3.19 -62.34 -17.55
N CYS J 50 -3.22 -63.46 -18.26
CA CYS J 50 -4.45 -64.23 -18.48
C CYS J 50 -4.90 -64.93 -17.21
N SER J 51 -6.15 -64.74 -16.79
CA SER J 51 -6.59 -65.40 -15.58
C SER J 51 -8.04 -65.87 -15.53
N ASP J 52 -8.30 -66.75 -14.58
CA ASP J 52 -9.56 -67.45 -14.39
C ASP J 52 -10.59 -66.54 -13.70
N PRO J 53 -11.65 -66.12 -14.42
CA PRO J 53 -12.73 -65.29 -13.86
C PRO J 53 -13.40 -65.91 -12.64
N ASN J 54 -13.29 -67.23 -12.48
CA ASN J 54 -13.85 -67.94 -11.32
C ASN J 54 -12.95 -67.95 -10.08
N ASN J 55 -11.70 -67.54 -10.24
CA ASN J 55 -10.75 -67.52 -9.13
C ASN J 55 -11.01 -66.32 -8.21
N LYS J 56 -11.11 -66.56 -6.89
CA LYS J 56 -11.45 -65.50 -5.94
C LYS J 56 -10.46 -64.34 -5.98
N ARG J 57 -9.18 -64.66 -6.18
CA ARG J 57 -8.12 -63.63 -6.24
C ARG J 57 -8.26 -62.73 -7.45
N VAL J 58 -8.67 -63.32 -8.57
CA VAL J 58 -8.99 -62.57 -9.79
C VAL J 58 -10.16 -61.60 -9.53
N LYS J 59 -11.22 -62.12 -8.94
CA LYS J 59 -12.41 -61.33 -8.59
C LYS J 59 -12.04 -60.16 -7.68
N ASN J 60 -11.20 -60.42 -6.66
CA ASN J 60 -10.77 -59.38 -5.73
C ASN J 60 -9.92 -58.31 -6.41
N ALA J 61 -9.04 -58.73 -7.32
CA ALA J 61 -8.22 -57.79 -8.08
C ALA J 61 -9.06 -56.91 -9.00
N VAL J 62 -10.04 -57.50 -9.67
CA VAL J 62 -10.93 -56.69 -10.50
C VAL J 62 -11.65 -55.64 -9.64
N LYS J 63 -12.16 -56.07 -8.49
CA LYS J 63 -12.89 -55.15 -7.60
C LYS J 63 -11.98 -54.03 -7.13
N TYR J 64 -10.72 -54.35 -6.83
CA TYR J 64 -9.76 -53.31 -6.45
C TYR J 64 -9.56 -52.30 -7.58
N LEU J 65 -9.24 -52.79 -8.77
CA LEU J 65 -9.08 -51.91 -9.93
C LEU J 65 -10.33 -51.07 -10.19
N GLN J 66 -11.51 -51.67 -10.06
CA GLN J 66 -12.78 -50.91 -10.19
C GLN J 66 -12.86 -49.76 -9.17
N SER J 67 -12.47 -50.04 -7.93
CA SER J 67 -12.49 -49.05 -6.86
C SER J 67 -11.59 -47.84 -7.16
N LEU J 68 -10.62 -48.02 -8.04
CA LEU J 68 -9.69 -46.92 -8.40
C LEU J 68 -10.28 -45.96 -9.44
N GLU J 69 -11.24 -46.43 -10.21
CA GLU J 69 -11.76 -45.68 -11.36
C GLU J 69 -12.71 -44.54 -10.96
N ARG J 70 -13.46 -44.74 -9.89
CA ARG J 70 -14.39 -43.71 -9.39
C ARG J 70 -14.77 -44.00 -7.95
N SER J 71 -14.84 -45.30 -7.61
CA SER J 71 -15.28 -45.78 -6.29
C SER J 71 -15.48 -47.30 -6.29
N THR K 7 -19.54 50.95 17.77
CA THR K 7 -19.46 52.30 18.38
C THR K 7 -18.01 52.73 18.51
N ARG K 8 -17.68 53.87 17.91
CA ARG K 8 -16.35 54.44 18.04
C ARG K 8 -16.42 55.85 18.63
N GLU K 9 -15.76 56.00 19.78
CA GLU K 9 -15.80 57.20 20.62
C GLU K 9 -15.35 58.48 19.90
N CYS K 10 -15.98 59.61 20.25
CA CYS K 10 -15.70 60.91 19.65
C CYS K 10 -14.39 61.57 20.12
N CYS K 11 -14.00 62.61 19.40
CA CYS K 11 -12.83 63.44 19.74
C CYS K 11 -13.24 64.84 20.19
N LEU K 12 -12.32 65.53 20.85
CA LEU K 12 -12.52 66.93 21.23
C LEU K 12 -11.65 67.84 20.35
N GLU K 13 -10.33 67.82 20.58
CA GLU K 13 -9.41 68.61 19.78
C GLU K 13 -8.32 67.72 19.20
N TYR K 14 -7.73 68.15 18.09
CA TYR K 14 -6.65 67.39 17.45
C TYR K 14 -5.37 67.47 18.25
N PHE K 15 -4.59 66.39 18.18
CA PHE K 15 -3.18 66.47 18.42
C PHE K 15 -2.64 67.26 17.24
N LYS K 16 -1.89 68.32 17.52
CA LYS K 16 -1.28 69.15 16.48
C LYS K 16 0.21 68.88 16.33
N GLY K 17 0.75 68.07 17.24
CA GLY K 17 2.15 67.61 17.19
C GLY K 17 2.37 66.53 16.15
N ALA K 18 3.60 66.02 16.07
CA ALA K 18 3.95 65.01 15.06
C ALA K 18 3.44 63.63 15.46
N ILE K 19 2.87 62.90 14.50
CA ILE K 19 2.35 61.56 14.73
C ILE K 19 3.53 60.61 14.95
N PRO K 20 3.55 59.89 16.09
CA PRO K 20 4.68 58.97 16.35
C PRO K 20 4.47 57.64 15.60
N LEU K 21 4.97 57.57 14.37
CA LEU K 21 4.66 56.46 13.45
C LEU K 21 4.98 55.08 13.98
N ARG K 22 6.12 54.95 14.67
CA ARG K 22 6.53 53.64 15.21
C ARG K 22 5.68 53.16 16.39
N LYS K 23 4.91 54.07 17.00
CA LYS K 23 4.05 53.71 18.15
C LYS K 23 2.63 53.37 17.71
N LEU K 24 2.33 53.50 16.43
CA LEU K 24 0.93 53.35 15.95
C LEU K 24 0.53 51.88 15.82
N LYS K 25 -0.61 51.51 16.41
CA LYS K 25 -1.09 50.14 16.31
C LYS K 25 -2.23 50.02 15.28
N THR K 26 -3.22 50.93 15.41
CA THR K 26 -4.39 50.88 14.54
C THR K 26 -5.00 52.29 14.43
N TRP K 27 -6.11 52.40 13.70
CA TRP K 27 -6.74 53.71 13.47
C TRP K 27 -8.22 53.49 13.23
N TYR K 28 -8.98 54.56 13.35
CA TYR K 28 -10.37 54.57 12.90
C TYR K 28 -10.80 56.01 12.66
N GLN K 29 -11.88 56.16 11.89
CA GLN K 29 -12.51 57.45 11.62
C GLN K 29 -13.63 57.64 12.63
N THR K 30 -13.74 58.85 13.19
CA THR K 30 -14.82 59.14 14.14
C THR K 30 -16.16 59.09 13.41
N SER K 31 -17.23 58.76 14.13
CA SER K 31 -18.55 58.70 13.47
C SER K 31 -18.97 60.08 12.96
N GLU K 32 -19.81 60.07 11.93
CA GLU K 32 -20.42 61.27 11.37
C GLU K 32 -21.18 62.06 12.43
N ASP K 33 -21.48 61.38 13.54
CA ASP K 33 -22.18 61.95 14.66
C ASP K 33 -21.35 62.90 15.54
N CYS K 34 -20.02 62.69 15.57
CA CYS K 34 -19.11 63.54 16.36
C CYS K 34 -18.98 64.92 15.76
N SER K 35 -18.71 65.90 16.61
CA SER K 35 -18.52 67.28 16.16
C SER K 35 -17.27 67.40 15.28
N ARG K 36 -16.13 66.93 15.80
CA ARG K 36 -14.89 66.92 15.02
C ARG K 36 -14.79 65.68 14.11
N ASP K 37 -14.49 65.94 12.84
CA ASP K 37 -14.10 64.88 11.90
C ASP K 37 -12.62 64.57 12.13
N ALA K 38 -12.32 63.40 12.65
CA ALA K 38 -10.94 63.04 13.01
C ALA K 38 -10.58 61.60 12.64
N ILE K 39 -9.29 61.38 12.43
CA ILE K 39 -8.72 60.05 12.37
C ILE K 39 -8.13 59.84 13.76
N VAL K 40 -8.56 58.80 14.46
CA VAL K 40 -8.03 58.53 15.78
C VAL K 40 -7.01 57.41 15.62
N PHE K 41 -5.76 57.66 15.99
CA PHE K 41 -4.79 56.57 16.03
C PHE K 41 -4.78 55.96 17.41
N VAL K 42 -4.64 54.65 17.48
CA VAL K 42 -4.44 54.00 18.77
C VAL K 42 -3.00 53.52 18.77
N THR K 43 -2.24 53.86 19.81
CA THR K 43 -0.83 53.42 19.89
C THR K 43 -0.74 52.05 20.52
N VAL K 44 0.43 51.44 20.47
CA VAL K 44 0.61 50.11 21.05
C VAL K 44 0.47 50.16 22.57
N GLN K 45 0.59 51.36 23.14
CA GLN K 45 0.36 51.61 24.57
C GLN K 45 -1.10 51.91 24.91
N GLY K 46 -1.96 51.93 23.89
CA GLY K 46 -3.38 52.27 24.07
C GLY K 46 -3.70 53.76 24.12
N ARG K 47 -2.74 54.61 23.76
CA ARG K 47 -2.97 56.06 23.71
C ARG K 47 -3.82 56.41 22.48
N ALA K 48 -4.84 57.23 22.68
CA ALA K 48 -5.66 57.69 21.57
C ALA K 48 -5.11 59.03 21.05
N ILE K 49 -4.91 59.13 19.75
CA ILE K 49 -4.39 60.35 19.15
C ILE K 49 -5.41 60.88 18.14
N CYS K 50 -6.09 61.97 18.50
CA CYS K 50 -7.10 62.57 17.61
C CYS K 50 -6.40 63.43 16.56
N SER K 51 -6.48 63.03 15.30
CA SER K 51 -5.71 63.77 14.30
C SER K 51 -6.53 64.28 13.11
N ASP K 52 -5.95 65.25 12.42
CA ASP K 52 -6.53 65.96 11.27
C ASP K 52 -6.50 65.09 10.00
N PRO K 53 -7.68 64.65 9.49
CA PRO K 53 -7.79 63.81 8.29
C PRO K 53 -7.16 64.39 7.05
N ASN K 54 -6.97 65.71 7.02
CA ASN K 54 -6.39 66.40 5.86
C ASN K 54 -4.89 66.59 5.93
N ASN K 55 -4.29 66.23 7.06
CA ASN K 55 -2.83 66.30 7.21
C ASN K 55 -2.15 65.18 6.44
N LYS K 56 -1.12 65.54 5.69
CA LYS K 56 -0.37 64.62 4.84
C LYS K 56 0.24 63.44 5.59
N ARG K 57 0.89 63.69 6.73
CA ARG K 57 1.47 62.62 7.55
C ARG K 57 0.39 61.66 8.08
N VAL K 58 -0.74 62.21 8.50
CA VAL K 58 -1.88 61.42 8.97
C VAL K 58 -2.37 60.50 7.85
N LYS K 59 -2.58 61.06 6.66
CA LYS K 59 -3.04 60.27 5.53
C LYS K 59 -2.06 59.15 5.17
N ASN K 60 -0.76 59.47 5.14
CA ASN K 60 0.28 58.45 4.91
C ASN K 60 0.35 57.37 5.98
N ALA K 61 0.15 57.75 7.25
CA ALA K 61 0.11 56.76 8.35
C ALA K 61 -1.05 55.78 8.17
N VAL K 62 -2.22 56.30 7.78
CA VAL K 62 -3.39 55.47 7.50
C VAL K 62 -3.06 54.47 6.39
N LYS K 63 -2.44 54.96 5.30
CA LYS K 63 -2.08 54.07 4.19
C LYS K 63 -1.13 52.97 4.64
N TYR K 64 -0.16 53.33 5.49
CA TYR K 64 0.75 52.33 6.04
C TYR K 64 0.01 51.26 6.86
N LEU K 65 -0.87 51.70 7.75
CA LEU K 65 -1.59 50.78 8.62
C LEU K 65 -2.49 49.85 7.80
N GLN K 66 -3.14 50.40 6.78
CA GLN K 66 -3.99 49.59 5.89
C GLN K 66 -3.19 48.46 5.23
N SER K 67 -1.92 48.74 4.91
CA SER K 67 -1.06 47.77 4.22
C SER K 67 -0.61 46.57 5.10
N LEU K 68 -0.66 46.73 6.42
CA LEU K 68 -0.18 45.70 7.35
C LEU K 68 -1.10 44.48 7.48
N GLU K 69 -2.26 44.53 6.80
CA GLU K 69 -3.25 43.46 6.90
C GLU K 69 -2.78 42.13 6.28
N ARG K 70 -1.87 42.20 5.31
CA ARG K 70 -1.37 41.01 4.60
C ARG K 70 -0.33 40.24 5.40
N CYS L 10 -43.37 -66.19 -49.45
CA CYS L 10 -43.72 -67.20 -48.38
C CYS L 10 -42.56 -67.47 -47.44
N CYS L 11 -42.89 -67.95 -46.23
CA CYS L 11 -41.90 -68.27 -45.21
C CYS L 11 -41.38 -69.71 -45.33
N LEU L 12 -40.05 -69.87 -45.33
CA LEU L 12 -39.38 -71.19 -45.47
C LEU L 12 -39.23 -71.99 -44.17
N GLU L 13 -39.43 -71.35 -43.03
CA GLU L 13 -39.30 -72.00 -41.72
C GLU L 13 -39.86 -70.98 -40.72
N TYR L 14 -40.14 -71.40 -39.49
CA TYR L 14 -40.52 -70.42 -38.45
C TYR L 14 -39.32 -70.13 -37.59
N PHE L 15 -39.20 -68.88 -37.18
CA PHE L 15 -38.12 -68.45 -36.31
C PHE L 15 -38.22 -69.18 -34.97
N LYS L 16 -37.06 -69.64 -34.49
CA LYS L 16 -36.95 -70.31 -33.21
C LYS L 16 -35.93 -69.54 -32.39
N GLY L 17 -36.35 -69.01 -31.24
CA GLY L 17 -35.47 -68.21 -30.37
C GLY L 17 -36.20 -67.04 -29.72
N ALA L 18 -35.44 -66.05 -29.24
CA ALA L 18 -36.05 -64.89 -28.60
C ALA L 18 -36.42 -63.90 -29.68
N ILE L 19 -37.71 -63.60 -29.78
CA ILE L 19 -38.15 -62.52 -30.66
C ILE L 19 -37.41 -61.25 -30.20
N PRO L 20 -36.70 -60.56 -31.12
CA PRO L 20 -35.95 -59.37 -30.71
C PRO L 20 -36.88 -58.15 -30.53
N LEU L 21 -37.60 -58.10 -29.41
CA LEU L 21 -38.66 -57.12 -29.15
C LEU L 21 -38.23 -55.65 -29.29
N ARG L 22 -37.05 -55.31 -28.77
CA ARG L 22 -36.51 -53.96 -28.91
C ARG L 22 -36.21 -53.52 -30.34
N LYS L 23 -36.05 -54.47 -31.27
CA LYS L 23 -35.72 -54.17 -32.66
C LYS L 23 -36.93 -54.18 -33.58
N LEU L 24 -38.08 -54.62 -33.09
CA LEU L 24 -39.28 -54.71 -33.94
C LEU L 24 -39.81 -53.34 -34.36
N LYS L 25 -40.17 -53.22 -35.64
CA LYS L 25 -40.68 -51.96 -36.18
C LYS L 25 -42.13 -52.10 -36.60
N THR L 26 -42.42 -53.17 -37.33
CA THR L 26 -43.76 -53.42 -37.86
C THR L 26 -43.97 -54.90 -38.13
N TRP L 27 -45.12 -55.24 -38.70
CA TRP L 27 -45.47 -56.62 -38.95
C TRP L 27 -46.43 -56.69 -40.10
N TYR L 28 -46.48 -57.84 -40.74
CA TYR L 28 -47.56 -58.13 -41.67
C TYR L 28 -47.82 -59.63 -41.67
N GLN L 29 -48.96 -60.03 -42.22
CA GLN L 29 -49.28 -61.45 -42.32
C GLN L 29 -49.20 -61.87 -43.79
N THR L 30 -48.51 -62.98 -44.08
CA THR L 30 -48.32 -63.45 -45.46
C THR L 30 -49.65 -63.92 -46.07
N SER L 31 -49.71 -63.95 -47.41
CA SER L 31 -50.93 -64.33 -48.13
C SER L 31 -51.51 -65.64 -47.60
N GLU L 32 -52.81 -65.64 -47.34
CA GLU L 32 -53.49 -66.84 -46.83
C GLU L 32 -53.47 -67.99 -47.84
N ASP L 33 -52.32 -68.18 -48.48
CA ASP L 33 -52.15 -69.13 -49.58
C ASP L 33 -50.81 -69.89 -49.55
N CYS L 34 -49.88 -69.46 -48.68
CA CYS L 34 -48.61 -70.16 -48.48
C CYS L 34 -48.81 -71.45 -47.70
N SER L 35 -47.87 -72.40 -47.78
CA SER L 35 -47.94 -73.65 -47.01
C SER L 35 -47.71 -73.41 -45.51
N ARG L 36 -47.16 -72.24 -45.19
CA ARG L 36 -47.02 -71.80 -43.79
C ARG L 36 -47.80 -70.52 -43.59
N ASP L 37 -48.79 -70.57 -42.69
CA ASP L 37 -49.43 -69.38 -42.16
C ASP L 37 -48.37 -68.70 -41.27
N ALA L 38 -48.13 -67.41 -41.50
CA ALA L 38 -47.04 -66.69 -40.81
C ALA L 38 -47.32 -65.20 -40.57
N ILE L 39 -46.86 -64.70 -39.43
CA ILE L 39 -46.75 -63.27 -39.18
C ILE L 39 -45.28 -62.95 -39.38
N VAL L 40 -44.99 -61.94 -40.19
CA VAL L 40 -43.62 -61.56 -40.45
C VAL L 40 -43.33 -60.26 -39.75
N PHE L 41 -42.44 -60.29 -38.76
CA PHE L 41 -41.99 -59.05 -38.12
C PHE L 41 -40.90 -58.42 -38.96
N VAL L 42 -40.99 -57.10 -39.11
CA VAL L 42 -39.93 -56.35 -39.76
C VAL L 42 -39.23 -55.49 -38.69
N THR L 43 -37.92 -55.59 -38.64
CA THR L 43 -37.16 -54.86 -37.62
C THR L 43 -36.75 -53.50 -38.13
N VAL L 44 -36.20 -52.71 -37.23
CA VAL L 44 -35.75 -51.37 -37.50
C VAL L 44 -34.63 -51.42 -38.56
N GLN L 45 -33.93 -52.54 -38.66
CA GLN L 45 -32.94 -52.68 -39.73
C GLN L 45 -33.42 -53.43 -41.00
N GLY L 46 -34.72 -53.65 -41.07
CA GLY L 46 -35.34 -54.19 -42.28
C GLY L 46 -35.25 -55.70 -42.40
N ARG L 47 -34.82 -56.38 -41.33
CA ARG L 47 -34.78 -57.85 -41.31
C ARG L 47 -36.18 -58.43 -41.12
N ALA L 48 -36.47 -59.53 -41.84
CA ALA L 48 -37.79 -60.16 -41.74
C ALA L 48 -37.68 -61.41 -40.87
N ILE L 49 -38.60 -61.54 -39.91
CA ILE L 49 -38.61 -62.66 -39.00
C ILE L 49 -39.96 -63.39 -39.14
N CYS L 50 -39.93 -64.59 -39.72
CA CYS L 50 -41.15 -65.38 -39.93
C CYS L 50 -41.57 -66.06 -38.66
N SER L 51 -42.81 -65.82 -38.24
CA SER L 51 -43.28 -66.31 -36.96
C SER L 51 -44.62 -67.01 -37.09
N ASP L 52 -44.85 -67.97 -36.21
CA ASP L 52 -46.11 -68.74 -36.14
C ASP L 52 -47.21 -67.92 -35.43
N PRO L 53 -48.26 -67.51 -36.18
CA PRO L 53 -49.31 -66.62 -35.65
C PRO L 53 -50.08 -67.20 -34.45
N ASN L 54 -49.98 -68.52 -34.27
CA ASN L 54 -50.67 -69.20 -33.16
C ASN L 54 -49.93 -69.09 -31.85
N ASN L 55 -48.65 -68.73 -31.92
CA ASN L 55 -47.80 -68.63 -30.73
C ASN L 55 -48.12 -67.41 -29.85
N LYS L 56 -48.28 -67.61 -28.53
CA LYS L 56 -48.61 -66.54 -27.58
C LYS L 56 -47.62 -65.37 -27.63
N ARG L 57 -46.34 -65.69 -27.73
CA ARG L 57 -45.29 -64.66 -27.73
C ARG L 57 -45.38 -63.75 -28.96
N VAL L 58 -45.68 -64.36 -30.10
CA VAL L 58 -45.92 -63.66 -31.37
C VAL L 58 -47.10 -62.73 -31.21
N LYS L 59 -48.19 -63.25 -30.66
CA LYS L 59 -49.38 -62.45 -30.45
C LYS L 59 -49.12 -61.24 -29.55
N ASN L 60 -48.40 -61.45 -28.44
CA ASN L 60 -48.08 -60.37 -27.49
C ASN L 60 -47.19 -59.28 -28.11
N ALA L 61 -46.27 -59.68 -28.97
CA ALA L 61 -45.41 -58.73 -29.68
C ALA L 61 -46.22 -57.86 -30.63
N VAL L 62 -47.17 -58.46 -31.34
CA VAL L 62 -48.08 -57.67 -32.18
C VAL L 62 -48.84 -56.69 -31.28
N LYS L 63 -49.35 -57.16 -30.15
CA LYS L 63 -50.11 -56.27 -29.25
C LYS L 63 -49.26 -55.10 -28.82
N TYR L 64 -47.97 -55.37 -28.55
CA TYR L 64 -47.09 -54.29 -28.12
C TYR L 64 -46.90 -53.24 -29.21
N LEU L 65 -46.64 -53.69 -30.45
CA LEU L 65 -46.41 -52.77 -31.55
C LEU L 65 -47.66 -51.93 -31.83
N GLN L 66 -48.84 -52.54 -31.72
CA GLN L 66 -50.08 -51.78 -31.91
C GLN L 66 -50.22 -50.68 -30.85
N SER L 67 -49.88 -51.01 -29.60
CA SER L 67 -49.96 -50.02 -28.51
C SER L 67 -49.06 -48.80 -28.70
N LEU L 68 -47.96 -48.94 -29.44
CA LEU L 68 -47.04 -47.80 -29.67
C LEU L 68 -47.65 -46.73 -30.56
N GLU L 69 -48.28 -47.15 -31.65
CA GLU L 69 -48.89 -46.23 -32.58
C GLU L 69 -50.10 -45.50 -31.94
N ARG L 70 -50.86 -46.21 -31.11
CA ARG L 70 -52.09 -45.66 -30.50
C ARG L 70 -51.82 -44.64 -29.40
#